data_4TNQ
#
_entry.id   4TNQ
#
_cell.length_a   81.159
_cell.length_b   140.292
_cell.length_c   97.268
_cell.angle_alpha   90.000
_cell.angle_beta   114.560
_cell.angle_gamma   90.000
#
_symmetry.space_group_name_H-M   'P 1 21 1'
#
loop_
_entity.id
_entity.type
_entity.pdbx_description
1 polymer 'Deoxynucleoside triphosphate triphosphohydrolase SAMHD1'
2 non-polymer "THYMIDINE-5'-TRIPHOSPHATE"
3 non-polymer "GUANOSINE-5'-TRIPHOSPHATE"
4 non-polymer 'MAGNESIUM ION'
5 water water
#
_entity_poly.entity_id   1
_entity_poly.type   'polypeptide(L)'
_entity_poly.pdbx_seq_one_letter_code
;DTMKVINDPIHGHIELHPLLVRIIDTPQFQRLRYIKQLGGGYYVFPGASHNRFEHSLGVGYLAGCLVHALGEKQPELQIS
ERDVLCVQIAGLCRNLGHGPFSHMFDGRFIPLARPEVKWTHEQGSVMMFEHLINSNGIKPVMEQYGLIPEEDICFIKEQI
VGPLESPVEDSLWPYKGRPENKSFLYEIVSNKRNGIDVDKWDYFARDCHHLGIQNNFDYKRFIKFARVCEVDNELRICAR
DKEVGNLYDMFHTRNSLHRRAYQHKVGNIIDTMITDAFLKADDYIEITGAGGKKYRISTAIDDMEAYTKLTDNIFLEILY
STDPKLKDAREILKQIEYRNLFKYVGETQPTGQIKIKREDYESLPKEVASAKPKVLLDVKLKAEDFIVDVINMDYGMQEK
NPIDHVSFYCKTAPNRAIRITKNQVSQLLPEKFAEQLIRVYCKKVDRKSLYAARQYFVQWCADRNFTKPQDGDVIAPLIT
PQKKEWNDSTSVQNPTRLREASKSRVQLFKDDPM
;
_entity_poly.pdbx_strand_id   A,C,D,B
#
# COMPACT_ATOMS: atom_id res chain seq x y z
N THR A 2 0.91 -17.17 -27.07
CA THR A 2 2.38 -16.97 -27.10
C THR A 2 2.86 -16.21 -25.87
N MET A 3 2.84 -14.86 -25.79
CA MET A 3 3.21 -14.15 -24.52
C MET A 3 2.27 -14.64 -23.41
N LYS A 4 2.79 -14.87 -22.22
CA LYS A 4 1.95 -15.07 -21.08
C LYS A 4 1.95 -13.81 -20.19
N VAL A 5 0.80 -13.49 -19.63
CA VAL A 5 0.67 -12.45 -18.64
C VAL A 5 0.42 -13.09 -17.28
N ILE A 6 1.18 -12.63 -16.30
CA ILE A 6 1.05 -13.10 -14.93
C ILE A 6 0.87 -11.93 -13.97
N ASN A 7 -0.06 -12.04 -13.02
CA ASN A 7 -0.23 -11.03 -12.02
C ASN A 7 0.58 -11.30 -10.79
N ASP A 8 1.58 -10.44 -10.55
CA ASP A 8 2.42 -10.47 -9.40
C ASP A 8 2.03 -9.33 -8.49
N PRO A 9 1.84 -9.60 -7.19
CA PRO A 9 1.47 -8.54 -6.29
C PRO A 9 2.54 -7.43 -6.12
N ILE A 10 3.79 -7.68 -6.46
CA ILE A 10 4.80 -6.66 -6.32
C ILE A 10 4.88 -5.83 -7.59
N HIS A 11 4.87 -6.46 -8.75
CA HIS A 11 5.14 -5.78 -9.98
C HIS A 11 3.91 -5.59 -10.85
N GLY A 12 2.79 -6.15 -10.47
CA GLY A 12 1.62 -6.08 -11.28
C GLY A 12 1.67 -7.10 -12.38
N HIS A 13 1.02 -6.78 -13.50
CA HIS A 13 0.93 -7.69 -14.64
C HIS A 13 2.21 -7.64 -15.45
N ILE A 14 2.88 -8.78 -15.56
CA ILE A 14 4.10 -8.86 -16.25
C ILE A 14 3.93 -9.83 -17.39
N GLU A 15 4.54 -9.50 -18.52
CA GLU A 15 4.52 -10.32 -19.72
C GLU A 15 5.73 -11.24 -19.73
N LEU A 16 5.52 -12.48 -20.13
CA LEU A 16 6.60 -13.42 -20.31
C LEU A 16 6.61 -13.96 -21.72
N HIS A 17 7.78 -13.83 -22.32
CA HIS A 17 8.05 -14.38 -23.61
C HIS A 17 7.95 -15.92 -23.57
N PRO A 18 7.46 -16.54 -24.66
CA PRO A 18 7.19 -17.98 -24.67
C PRO A 18 8.40 -18.84 -24.30
N LEU A 19 9.59 -18.44 -24.70
CA LEU A 19 10.78 -19.18 -24.32
C LEU A 19 10.95 -19.22 -22.80
N LEU A 20 10.67 -18.09 -22.16
CA LEU A 20 10.77 -18.05 -20.71
C LEU A 20 9.70 -18.96 -20.08
N VAL A 21 8.50 -18.96 -20.66
CA VAL A 21 7.45 -19.84 -20.19
C VAL A 21 7.89 -21.32 -20.28
N ARG A 22 8.55 -21.68 -21.36
CA ARG A 22 9.06 -23.04 -21.52
C ARG A 22 10.05 -23.41 -20.46
N ILE A 23 10.91 -22.48 -20.09
CA ILE A 23 11.84 -22.71 -19.01
C ILE A 23 11.16 -22.84 -17.64
N ILE A 24 10.18 -22.00 -17.42
CA ILE A 24 9.43 -21.99 -16.18
C ILE A 24 8.62 -23.29 -15.97
N ASP A 25 8.05 -23.83 -17.05
CA ASP A 25 7.16 -24.99 -16.94
C ASP A 25 7.95 -26.29 -17.03
N THR A 26 8.88 -26.43 -16.09
CA THR A 26 9.71 -27.59 -15.94
C THR A 26 9.77 -27.96 -14.48
N PRO A 27 9.95 -29.24 -14.20
CA PRO A 27 10.15 -29.62 -12.79
C PRO A 27 11.32 -28.89 -12.10
N GLN A 28 12.35 -28.52 -12.84
CA GLN A 28 13.54 -27.89 -12.23
C GLN A 28 13.24 -26.51 -11.73
N PHE A 29 12.34 -25.84 -12.44
CA PHE A 29 11.94 -24.51 -12.07
C PHE A 29 10.83 -24.52 -11.04
N GLN A 30 9.83 -25.36 -11.28
CA GLN A 30 8.65 -25.39 -10.44
C GLN A 30 8.95 -25.85 -9.03
N ARG A 31 10.03 -26.60 -8.90
CA ARG A 31 10.63 -26.93 -7.63
C ARG A 31 10.72 -25.75 -6.68
N LEU A 32 10.99 -24.56 -7.22
CA LEU A 32 11.15 -23.38 -6.40
C LEU A 32 9.87 -22.91 -5.68
N ARG A 33 8.73 -23.50 -6.05
CA ARG A 33 7.50 -23.29 -5.32
C ARG A 33 7.51 -23.93 -3.93
N TYR A 34 8.43 -24.87 -3.72
CA TYR A 34 8.48 -25.66 -2.49
C TYR A 34 9.68 -25.29 -1.62
N ILE A 35 10.25 -24.09 -1.84
CA ILE A 35 11.36 -23.59 -1.02
C ILE A 35 11.03 -22.16 -0.54
N LYS A 36 10.86 -21.99 0.77
CA LYS A 36 10.66 -20.66 1.35
C LYS A 36 11.87 -19.77 1.14
N GLN A 37 11.59 -18.57 0.68
CA GLN A 37 12.57 -17.53 0.46
C GLN A 37 13.35 -17.29 1.72
N LEU A 38 12.63 -17.14 2.84
CA LEU A 38 13.27 -16.80 4.12
C LEU A 38 13.50 -17.95 5.11
N GLY A 39 13.22 -19.18 4.67
CA GLY A 39 13.41 -20.37 5.48
C GLY A 39 12.70 -20.25 6.81
N GLY A 40 13.46 -20.40 7.89
CA GLY A 40 12.94 -20.31 9.25
C GLY A 40 12.30 -18.99 9.64
N GLY A 41 12.54 -17.94 8.87
CA GLY A 41 11.88 -16.65 9.08
C GLY A 41 10.38 -16.67 9.06
N TYR A 42 9.79 -17.62 8.33
CA TYR A 42 8.33 -17.82 8.34
C TYR A 42 7.82 -18.15 9.73
N TYR A 43 8.69 -18.77 10.51
CA TYR A 43 8.37 -19.16 11.87
C TYR A 43 8.45 -18.01 12.87
N VAL A 44 8.90 -16.85 12.37
CA VAL A 44 8.91 -15.63 13.18
C VAL A 44 7.97 -14.55 12.60
N PHE A 45 7.97 -14.45 11.28
CA PHE A 45 7.10 -13.50 10.55
C PHE A 45 6.15 -14.33 9.74
N PRO A 46 4.90 -14.41 10.18
CA PRO A 46 3.96 -15.32 9.56
C PRO A 46 3.55 -14.91 8.16
N GLY A 47 3.82 -13.66 7.80
CA GLY A 47 3.51 -13.20 6.44
C GLY A 47 4.48 -13.79 5.40
N ALA A 48 5.62 -14.28 5.88
CA ALA A 48 6.74 -14.68 5.02
C ALA A 48 6.59 -16.11 4.53
N SER A 49 5.48 -16.32 3.84
CA SER A 49 5.07 -17.58 3.32
C SER A 49 5.64 -17.73 1.92
N HIS A 50 6.20 -16.67 1.38
CA HIS A 50 6.66 -16.68 -0.02
C HIS A 50 7.88 -17.58 -0.31
N ASN A 51 7.85 -18.11 -1.51
CA ASN A 51 8.84 -19.04 -2.00
C ASN A 51 9.71 -18.46 -3.08
N ARG A 52 10.80 -19.16 -3.36
CA ARG A 52 11.82 -18.69 -4.32
C ARG A 52 11.27 -18.54 -5.70
N PHE A 53 10.19 -19.30 -6.02
CA PHE A 53 9.58 -19.31 -7.34
C PHE A 53 9.13 -17.92 -7.75
N GLU A 54 8.31 -17.32 -6.91
CA GLU A 54 7.76 -16.02 -7.27
C GLU A 54 8.82 -14.92 -7.25
N HIS A 55 9.82 -15.07 -6.39
CA HIS A 55 10.92 -14.12 -6.38
C HIS A 55 11.65 -14.21 -7.71
N SER A 56 11.82 -15.41 -8.20
CA SER A 56 12.56 -15.61 -9.44
C SER A 56 11.85 -14.93 -10.61
N LEU A 57 10.51 -15.08 -10.70
CA LEU A 57 9.73 -14.37 -11.72
C LEU A 57 10.02 -12.89 -11.62
N GLY A 58 10.03 -12.35 -10.42
CA GLY A 58 10.31 -10.93 -10.24
C GLY A 58 11.69 -10.49 -10.69
N VAL A 59 12.70 -11.30 -10.42
CA VAL A 59 14.04 -10.98 -10.81
C VAL A 59 14.13 -10.97 -12.31
N GLY A 60 13.54 -11.98 -12.95
CA GLY A 60 13.52 -12.10 -14.42
C GLY A 60 12.84 -10.92 -15.05
N TYR A 61 11.75 -10.50 -14.45
CA TYR A 61 11.00 -9.35 -14.98
C TYR A 61 11.80 -8.05 -14.86
N LEU A 62 12.36 -7.79 -13.69
CA LEU A 62 13.14 -6.56 -13.49
C LEU A 62 14.38 -6.57 -14.36
N ALA A 63 14.99 -7.73 -14.56
CA ALA A 63 16.16 -7.83 -15.45
C ALA A 63 15.78 -7.37 -16.83
N GLY A 64 14.62 -7.85 -17.31
CA GLY A 64 14.05 -7.37 -18.54
C GLY A 64 13.80 -5.86 -18.56
N CYS A 65 13.22 -5.30 -17.49
CA CYS A 65 12.92 -3.88 -17.45
C CYS A 65 14.13 -3.02 -17.61
N LEU A 66 15.20 -3.39 -16.93
CA LEU A 66 16.42 -2.61 -16.98
C LEU A 66 17.08 -2.68 -18.35
N VAL A 67 17.21 -3.87 -18.89
CA VAL A 67 17.83 -4.01 -20.20
C VAL A 67 16.97 -3.32 -21.28
N HIS A 68 15.65 -3.48 -21.24
CA HIS A 68 14.80 -2.74 -22.16
C HIS A 68 15.02 -1.23 -22.02
N ALA A 69 15.06 -0.72 -20.79
CA ALA A 69 15.21 0.72 -20.58
C ALA A 69 16.51 1.27 -21.19
N LEU A 70 17.60 0.56 -20.97
CA LEU A 70 18.85 0.93 -21.54
C LEU A 70 18.83 0.93 -23.08
N GLY A 71 18.18 -0.09 -23.67
CA GLY A 71 18.01 -0.18 -25.13
C GLY A 71 17.18 0.94 -25.74
N GLU A 72 16.10 1.32 -25.08
CA GLU A 72 15.26 2.47 -25.54
C GLU A 72 16.05 3.75 -25.56
N LYS A 73 16.74 3.99 -24.47
CA LYS A 73 17.45 5.23 -24.26
C LYS A 73 18.70 5.35 -25.13
N GLN A 74 19.37 4.23 -25.36
CA GLN A 74 20.62 4.26 -26.06
C GLN A 74 20.65 3.15 -27.11
N PRO A 75 19.97 3.39 -28.25
CA PRO A 75 19.98 2.46 -29.40
C PRO A 75 21.41 2.12 -29.88
N GLU A 76 22.34 3.05 -29.70
CA GLU A 76 23.72 2.84 -30.11
C GLU A 76 24.41 1.69 -29.38
N LEU A 77 23.85 1.26 -28.25
CA LEU A 77 24.35 0.08 -27.56
C LEU A 77 24.12 -1.24 -28.35
N GLN A 78 23.18 -1.23 -29.29
CA GLN A 78 22.90 -2.40 -30.14
C GLN A 78 22.38 -3.58 -29.34
N ILE A 79 21.59 -3.30 -28.34
CA ILE A 79 21.01 -4.35 -27.56
C ILE A 79 20.01 -5.09 -28.44
N SER A 80 20.11 -6.41 -28.50
CA SER A 80 19.25 -7.22 -29.32
C SER A 80 18.21 -7.96 -28.48
N GLU A 81 17.15 -8.45 -29.13
CA GLU A 81 16.18 -9.24 -28.43
C GLU A 81 16.85 -10.49 -27.84
N ARG A 82 17.81 -11.02 -28.56
CA ARG A 82 18.61 -12.11 -28.04
C ARG A 82 19.27 -11.75 -26.69
N ASP A 83 19.90 -10.57 -26.62
CA ASP A 83 20.45 -10.08 -25.37
C ASP A 83 19.39 -9.99 -24.25
N VAL A 84 18.22 -9.45 -24.59
CA VAL A 84 17.17 -9.25 -23.62
C VAL A 84 16.72 -10.60 -23.06
N LEU A 85 16.53 -11.57 -23.92
CA LEU A 85 16.08 -12.88 -23.44
C LEU A 85 17.13 -13.56 -22.60
N CYS A 86 18.41 -13.43 -22.96
CA CYS A 86 19.48 -14.05 -22.17
C CYS A 86 19.55 -13.46 -20.77
N VAL A 87 19.33 -12.16 -20.68
CA VAL A 87 19.38 -11.46 -19.38
C VAL A 87 18.17 -11.86 -18.54
N GLN A 88 17.01 -11.94 -19.17
CA GLN A 88 15.85 -12.41 -18.48
C GLN A 88 16.00 -13.84 -17.96
N ILE A 89 16.56 -14.73 -18.79
CA ILE A 89 16.74 -16.12 -18.39
C ILE A 89 17.67 -16.25 -17.20
N ALA A 90 18.79 -15.54 -17.23
CA ALA A 90 19.67 -15.48 -16.10
C ALA A 90 18.94 -14.95 -14.85
N GLY A 91 18.14 -13.88 -15.01
CA GLY A 91 17.35 -13.37 -13.88
C GLY A 91 16.41 -14.44 -13.31
N LEU A 92 15.66 -15.10 -14.20
CA LEU A 92 14.79 -16.19 -13.77
C LEU A 92 15.48 -17.32 -13.05
N CYS A 93 16.70 -17.64 -13.49
CA CYS A 93 17.35 -18.88 -13.09
C CYS A 93 18.41 -18.74 -12.04
N ARG A 94 18.65 -17.53 -11.58
CA ARG A 94 19.74 -17.32 -10.61
C ARG A 94 19.47 -17.96 -9.25
N ASN A 95 18.21 -18.24 -8.96
CA ASN A 95 17.86 -18.87 -7.68
C ASN A 95 17.65 -20.37 -7.77
N LEU A 96 17.90 -20.97 -8.95
CA LEU A 96 17.60 -22.39 -9.17
C LEU A 96 18.35 -23.30 -8.22
N GLY A 97 19.51 -22.85 -7.73
CA GLY A 97 20.39 -23.69 -6.93
C GLY A 97 20.09 -23.78 -5.45
N HIS A 98 19.14 -22.99 -4.98
CA HIS A 98 18.80 -23.01 -3.57
C HIS A 98 18.23 -24.38 -3.16
N GLY A 99 18.50 -24.71 -1.91
CA GLY A 99 18.09 -25.96 -1.33
C GLY A 99 17.07 -25.66 -0.25
N PRO A 100 16.63 -26.71 0.47
CA PRO A 100 15.62 -26.55 1.48
C PRO A 100 15.91 -25.38 2.42
N PHE A 101 14.90 -24.54 2.64
CA PHE A 101 15.01 -23.38 3.55
C PHE A 101 16.10 -22.39 3.11
N SER A 102 16.42 -22.38 1.80
CA SER A 102 17.28 -21.41 1.17
C SER A 102 18.65 -21.38 1.86
N HIS A 103 19.00 -20.26 2.51
CA HIS A 103 20.37 -20.06 2.97
C HIS A 103 20.77 -20.98 4.10
N MET A 104 19.76 -21.55 4.76
CA MET A 104 20.05 -22.59 5.76
C MET A 104 20.89 -23.71 5.16
N PHE A 105 20.53 -24.10 3.95
CA PHE A 105 21.04 -25.31 3.37
C PHE A 105 22.52 -25.20 3.04
N ASP A 106 22.84 -24.16 2.29
CA ASP A 106 24.21 -23.91 1.95
C ASP A 106 25.00 -23.18 3.05
N GLY A 107 24.32 -22.39 3.85
CA GLY A 107 24.98 -21.66 4.91
C GLY A 107 25.24 -22.45 6.17
N ARG A 108 24.39 -23.42 6.48
CA ARG A 108 24.50 -24.18 7.73
C ARG A 108 24.71 -25.64 7.49
N PHE A 109 23.79 -26.28 6.74
CA PHE A 109 23.75 -27.75 6.70
C PHE A 109 24.90 -28.38 5.92
N ILE A 110 25.12 -27.94 4.69
CA ILE A 110 26.17 -28.56 3.91
C ILE A 110 27.56 -28.39 4.53
N PRO A 111 27.89 -27.17 5.00
CA PRO A 111 29.18 -27.00 5.68
C PRO A 111 29.41 -28.01 6.80
N LEU A 112 28.35 -28.35 7.54
CA LEU A 112 28.42 -29.32 8.64
C LEU A 112 28.38 -30.77 8.19
N ALA A 113 27.51 -31.07 7.23
CA ALA A 113 27.39 -32.43 6.71
C ALA A 113 28.54 -32.84 5.83
N ARG A 114 29.03 -31.91 4.99
CA ARG A 114 30.11 -32.17 4.05
C ARG A 114 31.15 -31.05 4.07
N PRO A 115 31.99 -31.04 5.12
CA PRO A 115 33.03 -30.01 5.30
C PRO A 115 34.10 -30.06 4.21
N GLU A 116 34.40 -31.24 3.67
CA GLU A 116 35.40 -31.36 2.60
C GLU A 116 34.99 -30.60 1.34
N VAL A 117 33.71 -30.61 1.05
CA VAL A 117 33.17 -30.04 -0.16
C VAL A 117 33.02 -28.52 -0.03
N LYS A 118 33.20 -27.79 -1.13
CA LYS A 118 32.83 -26.37 -1.17
C LYS A 118 31.64 -26.18 -2.14
N TRP A 119 30.51 -25.69 -1.60
CA TRP A 119 29.25 -25.64 -2.36
C TRP A 119 28.51 -24.36 -2.08
N THR A 120 27.89 -23.80 -3.11
CA THR A 120 27.10 -22.58 -2.99
C THR A 120 25.86 -22.76 -3.83
N HIS A 121 24.79 -22.07 -3.47
CA HIS A 121 23.58 -22.05 -4.30
C HIS A 121 23.85 -21.52 -5.70
N GLU A 122 24.80 -20.57 -5.85
CA GLU A 122 25.16 -20.05 -7.18
C GLU A 122 25.67 -21.16 -8.12
N GLN A 123 26.59 -22.01 -7.62
CA GLN A 123 27.03 -23.17 -8.35
C GLN A 123 25.86 -24.11 -8.63
N GLY A 124 25.03 -24.32 -7.65
CA GLY A 124 23.81 -25.11 -7.85
C GLY A 124 22.95 -24.56 -8.96
N SER A 125 22.83 -23.26 -9.05
CA SER A 125 21.96 -22.64 -10.04
C SER A 125 22.43 -22.96 -11.46
N VAL A 126 23.74 -22.91 -11.63
CA VAL A 126 24.38 -23.25 -12.91
C VAL A 126 24.18 -24.71 -13.27
N MET A 127 24.38 -25.58 -12.31
CA MET A 127 24.23 -27.00 -12.52
C MET A 127 22.78 -27.33 -12.80
N MET A 128 21.87 -26.76 -12.01
CA MET A 128 20.43 -26.94 -12.25
C MET A 128 19.97 -26.41 -13.58
N PHE A 129 20.56 -25.30 -13.97
CA PHE A 129 20.23 -24.70 -15.23
C PHE A 129 20.58 -25.63 -16.37
N GLU A 130 21.78 -26.23 -16.30
CA GLU A 130 22.18 -27.15 -17.36
C GLU A 130 21.25 -28.31 -17.38
N HIS A 131 20.95 -28.83 -16.21
CA HIS A 131 20.09 -30.00 -16.09
C HIS A 131 18.71 -29.70 -16.67
N LEU A 132 18.21 -28.49 -16.38
CA LEU A 132 16.92 -28.04 -16.89
C LEU A 132 16.94 -28.00 -18.40
N ILE A 133 17.93 -27.34 -18.96
CA ILE A 133 18.06 -27.24 -20.43
C ILE A 133 18.12 -28.61 -21.11
N ASN A 134 18.99 -29.49 -20.61
CA ASN A 134 19.24 -30.77 -21.26
C ASN A 134 18.08 -31.75 -21.09
N SER A 135 17.50 -31.79 -19.88
CA SER A 135 16.33 -32.62 -19.61
C SER A 135 15.09 -32.25 -20.38
N ASN A 136 14.95 -31.01 -20.80
CA ASN A 136 13.69 -30.58 -21.36
C ASN A 136 13.76 -30.13 -22.82
N GLY A 137 14.87 -30.44 -23.48
CA GLY A 137 15.09 -30.08 -24.87
C GLY A 137 14.95 -28.59 -25.14
N ILE A 138 15.45 -27.77 -24.25
CA ILE A 138 15.34 -26.32 -24.41
C ILE A 138 16.25 -25.74 -25.52
N LYS A 139 17.42 -26.32 -25.77
CA LYS A 139 18.34 -25.77 -26.82
C LYS A 139 17.71 -25.54 -28.20
N PRO A 140 16.99 -26.52 -28.73
CA PRO A 140 16.22 -26.29 -29.95
C PRO A 140 15.26 -25.10 -29.88
N VAL A 141 14.59 -24.96 -28.76
CA VAL A 141 13.62 -23.86 -28.59
C VAL A 141 14.36 -22.53 -28.58
N MET A 142 15.54 -22.51 -27.96
CA MET A 142 16.36 -21.31 -27.95
C MET A 142 16.73 -20.89 -29.38
N GLU A 143 17.12 -21.87 -30.20
CA GLU A 143 17.50 -21.62 -31.59
C GLU A 143 16.31 -21.09 -32.39
N GLN A 144 15.13 -21.66 -32.13
CA GLN A 144 13.90 -21.19 -32.74
C GLN A 144 13.66 -19.72 -32.51
N TYR A 145 14.04 -19.19 -31.34
CA TYR A 145 13.84 -17.76 -31.04
C TYR A 145 15.11 -16.95 -31.27
N GLY A 146 16.06 -17.49 -32.01
CA GLY A 146 17.23 -16.71 -32.42
C GLY A 146 18.44 -16.74 -31.48
N LEU A 147 18.40 -17.56 -30.46
CA LEU A 147 19.54 -17.63 -29.54
C LEU A 147 20.52 -18.62 -30.11
N ILE A 148 21.77 -18.44 -29.71
CA ILE A 148 22.87 -19.31 -30.11
C ILE A 148 23.38 -20.02 -28.84
N PRO A 149 22.87 -21.22 -28.57
CA PRO A 149 23.08 -21.91 -27.31
C PRO A 149 24.51 -21.95 -26.78
N GLU A 150 25.50 -22.11 -27.64
CA GLU A 150 26.87 -22.31 -27.16
C GLU A 150 27.35 -21.07 -26.45
N GLU A 151 27.23 -19.94 -27.13
CA GLU A 151 27.55 -18.63 -26.55
C GLU A 151 26.61 -18.25 -25.42
N ASP A 152 25.31 -18.43 -25.65
CA ASP A 152 24.28 -17.82 -24.79
C ASP A 152 24.13 -18.55 -23.50
N ILE A 153 24.29 -19.88 -23.54
CA ILE A 153 24.28 -20.65 -22.30
C ILE A 153 25.50 -20.28 -21.45
N CYS A 154 26.62 -20.08 -22.11
CA CYS A 154 27.81 -19.61 -21.40
C CYS A 154 27.51 -18.23 -20.77
N PHE A 155 26.95 -17.33 -21.57
CA PHE A 155 26.60 -15.97 -21.13
C PHE A 155 25.67 -16.01 -19.90
N ILE A 156 24.65 -16.85 -19.96
CA ILE A 156 23.70 -17.00 -18.88
C ILE A 156 24.37 -17.52 -17.59
N LYS A 157 25.22 -18.52 -17.74
CA LYS A 157 25.94 -19.07 -16.59
C LYS A 157 26.90 -18.05 -15.99
N GLU A 158 27.55 -17.27 -16.85
CA GLU A 158 28.45 -16.25 -16.40
C GLU A 158 27.73 -15.17 -15.61
N GLN A 159 26.51 -14.83 -16.05
CA GLN A 159 25.72 -13.82 -15.38
C GLN A 159 25.39 -14.24 -13.93
N ILE A 160 25.24 -15.54 -13.71
CA ILE A 160 24.86 -16.04 -12.42
C ILE A 160 26.06 -16.19 -11.49
N VAL A 161 27.14 -16.74 -12.03
CA VAL A 161 28.21 -17.21 -11.17
C VAL A 161 29.52 -16.46 -11.42
N GLY A 162 29.57 -15.59 -12.42
CA GLY A 162 30.81 -14.91 -12.79
C GLY A 162 31.60 -15.67 -13.81
N PRO A 163 32.82 -15.21 -14.12
CA PRO A 163 33.68 -15.92 -15.09
C PRO A 163 33.93 -17.36 -14.69
N LEU A 164 33.88 -18.26 -15.67
CA LEU A 164 34.05 -19.69 -15.37
C LEU A 164 35.53 -20.10 -15.09
N GLU A 165 36.54 -19.41 -15.63
CA GLU A 165 37.82 -19.39 -14.89
C GLU A 165 37.87 -18.15 -14.00
N SER A 171 42.99 -10.86 -16.51
CA SER A 171 41.83 -10.08 -17.07
C SER A 171 42.07 -10.33 -18.52
N LEU A 172 41.99 -9.33 -19.41
CA LEU A 172 41.53 -7.98 -19.11
C LEU A 172 40.02 -8.06 -19.06
N TRP A 173 39.45 -8.67 -20.09
CA TRP A 173 38.07 -9.06 -20.13
C TRP A 173 38.01 -10.58 -19.90
N PRO A 174 37.47 -11.00 -18.75
CA PRO A 174 37.43 -12.41 -18.39
C PRO A 174 36.21 -13.22 -18.88
N TYR A 175 35.24 -12.57 -19.52
CA TYR A 175 34.01 -13.23 -19.92
C TYR A 175 34.07 -13.65 -21.38
N LYS A 176 33.40 -14.77 -21.67
CA LYS A 176 33.35 -15.30 -23.02
C LYS A 176 31.98 -15.16 -23.67
N GLY A 177 30.92 -15.07 -22.90
CA GLY A 177 29.56 -15.09 -23.47
C GLY A 177 29.22 -13.83 -24.23
N ARG A 178 29.82 -12.72 -23.85
CA ARG A 178 29.63 -11.46 -24.54
C ARG A 178 30.91 -10.63 -24.41
N PRO A 179 31.13 -9.70 -25.35
CA PRO A 179 32.37 -8.91 -25.38
C PRO A 179 32.27 -7.65 -24.53
N GLU A 180 33.37 -6.91 -24.42
CA GLU A 180 33.51 -5.72 -23.59
C GLU A 180 32.50 -4.65 -23.91
N ASN A 181 32.15 -4.51 -25.17
CA ASN A 181 31.11 -3.55 -25.58
C ASN A 181 29.74 -3.86 -24.96
N LYS A 182 29.51 -5.09 -24.55
CA LYS A 182 28.23 -5.46 -23.91
C LYS A 182 28.40 -5.69 -22.42
N SER A 183 29.47 -5.17 -21.85
CA SER A 183 29.85 -5.45 -20.44
C SER A 183 28.77 -5.11 -19.45
N PHE A 184 28.05 -4.05 -19.78
CA PHE A 184 26.96 -3.58 -18.95
C PHE A 184 25.85 -4.61 -18.72
N LEU A 185 25.69 -5.56 -19.64
CA LEU A 185 24.73 -6.64 -19.42
C LEU A 185 25.03 -7.55 -18.21
N TYR A 186 26.31 -7.70 -17.84
CA TYR A 186 26.70 -8.52 -16.69
C TYR A 186 26.46 -7.87 -15.36
N GLU A 187 26.00 -6.63 -15.39
CA GLU A 187 25.77 -5.84 -14.17
C GLU A 187 24.32 -5.88 -13.75
N ILE A 188 23.47 -6.56 -14.53
CA ILE A 188 22.03 -6.50 -14.32
C ILE A 188 21.55 -7.57 -13.30
N VAL A 189 21.97 -8.83 -13.48
CA VAL A 189 21.41 -9.92 -12.71
C VAL A 189 22.16 -10.14 -11.42
N SER A 190 23.47 -10.24 -11.51
CA SER A 190 24.25 -10.50 -10.32
C SER A 190 25.55 -9.73 -10.43
N ASN A 191 25.55 -8.55 -9.83
CA ASN A 191 26.58 -7.58 -10.06
C ASN A 191 27.75 -7.83 -9.12
N LYS A 192 28.81 -8.45 -9.64
CA LYS A 192 29.95 -8.84 -8.80
C LYS A 192 30.81 -7.64 -8.42
N ARG A 193 30.73 -6.59 -9.21
CA ARG A 193 31.52 -5.40 -8.96
C ARG A 193 31.08 -4.68 -7.71
N ASN A 194 29.78 -4.52 -7.51
CA ASN A 194 29.27 -3.76 -6.38
C ASN A 194 27.94 -4.22 -5.77
N GLY A 195 27.37 -5.29 -6.30
CA GLY A 195 26.15 -5.86 -5.76
C GLY A 195 24.87 -5.08 -6.04
N ILE A 196 24.92 -4.07 -6.88
CA ILE A 196 23.68 -3.37 -7.24
C ILE A 196 23.00 -4.00 -8.44
N ASP A 197 22.01 -4.81 -8.17
CA ASP A 197 21.37 -5.60 -9.20
C ASP A 197 19.90 -5.83 -8.90
N VAL A 198 19.20 -6.41 -9.86
CA VAL A 198 17.76 -6.57 -9.78
C VAL A 198 17.31 -7.63 -8.80
N ASP A 199 18.21 -8.47 -8.35
CA ASP A 199 17.87 -9.47 -7.36
C ASP A 199 17.46 -8.81 -6.06
N LYS A 200 18.27 -7.90 -5.58
CA LYS A 200 17.97 -7.11 -4.38
C LYS A 200 16.73 -6.31 -4.55
N TRP A 201 16.57 -5.72 -5.71
CA TRP A 201 15.43 -4.88 -5.93
C TRP A 201 14.15 -5.68 -5.77
N ASP A 202 14.10 -6.90 -6.30
CA ASP A 202 12.92 -7.71 -6.05
C ASP A 202 12.78 -8.14 -4.60
N TYR A 203 13.83 -8.68 -4.00
CA TYR A 203 13.64 -9.18 -2.64
C TYR A 203 13.34 -8.06 -1.62
N PHE A 204 13.86 -6.86 -1.81
CA PHE A 204 13.49 -5.77 -0.89
C PHE A 204 12.00 -5.55 -0.90
N ALA A 205 11.45 -5.40 -2.08
CA ALA A 205 10.03 -5.12 -2.21
C ALA A 205 9.21 -6.32 -1.83
N ARG A 206 9.61 -7.51 -2.22
CA ARG A 206 8.79 -8.68 -1.96
C ARG A 206 8.84 -9.02 -0.48
N ASP A 207 10.03 -9.08 0.09
CA ASP A 207 10.18 -9.44 1.49
C ASP A 207 9.50 -8.43 2.40
N CYS A 208 9.62 -7.16 2.09
CA CYS A 208 8.88 -6.11 2.84
C CYS A 208 7.38 -6.24 2.80
N HIS A 209 6.87 -6.48 1.64
CA HIS A 209 5.42 -6.74 1.42
C HIS A 209 4.91 -7.91 2.27
N HIS A 210 5.72 -8.96 2.36
CA HIS A 210 5.35 -10.16 3.10
C HIS A 210 5.68 -10.08 4.60
N LEU A 211 6.81 -9.47 4.94
CA LEU A 211 7.21 -9.37 6.32
C LEU A 211 6.34 -8.39 7.09
N GLY A 212 5.81 -7.38 6.39
CA GLY A 212 5.11 -6.30 7.07
C GLY A 212 6.09 -5.20 7.49
N ILE A 213 7.11 -4.93 6.70
CA ILE A 213 7.95 -3.77 6.93
C ILE A 213 7.80 -2.85 5.71
N GLN A 214 7.55 -1.56 5.89
CA GLN A 214 7.22 -0.67 4.70
C GLN A 214 8.41 -0.30 3.83
N ASN A 215 9.61 -0.50 4.37
CA ASN A 215 10.84 -0.18 3.64
C ASN A 215 11.05 -0.84 2.28
N ASN A 216 11.42 -0.13 1.23
CA ASN A 216 12.06 -0.79 0.06
C ASN A 216 12.93 0.21 -0.69
N PHE A 217 13.53 -0.25 -1.77
CA PHE A 217 14.37 0.63 -2.61
C PHE A 217 13.59 1.02 -3.86
N ASP A 218 13.61 2.30 -4.22
CA ASP A 218 12.94 2.71 -5.44
C ASP A 218 13.74 2.36 -6.69
N TYR A 219 13.50 1.17 -7.21
CA TYR A 219 14.24 0.66 -8.32
C TYR A 219 13.73 1.24 -9.58
N LYS A 220 12.46 1.56 -9.63
CA LYS A 220 11.89 2.15 -10.83
C LYS A 220 12.52 3.51 -11.11
N ARG A 221 12.73 4.29 -10.05
CA ARG A 221 13.48 5.57 -10.15
C ARG A 221 14.89 5.33 -10.65
N PHE A 222 15.56 4.35 -10.05
CA PHE A 222 16.91 4.04 -10.44
C PHE A 222 17.07 3.68 -11.91
N ILE A 223 16.18 2.83 -12.40
CA ILE A 223 16.20 2.42 -13.81
C ILE A 223 16.03 3.64 -14.73
N LYS A 224 15.15 4.57 -14.37
CA LYS A 224 15.02 5.78 -15.17
C LYS A 224 16.25 6.63 -15.24
N PHE A 225 17.09 6.63 -14.21
CA PHE A 225 18.33 7.39 -14.25
C PHE A 225 19.57 6.60 -14.61
N ALA A 226 19.41 5.35 -15.03
CA ALA A 226 20.59 4.55 -15.35
C ALA A 226 21.01 4.81 -16.80
N ARG A 227 22.29 4.82 -17.07
CA ARG A 227 22.83 5.02 -18.41
C ARG A 227 24.06 4.18 -18.55
N VAL A 228 24.43 3.89 -19.80
CA VAL A 228 25.69 3.24 -20.06
C VAL A 228 26.72 4.27 -20.51
N CYS A 229 27.92 4.21 -19.92
CA CYS A 229 29.05 5.07 -20.27
C CYS A 229 30.28 4.22 -20.35
N GLU A 230 31.30 4.74 -21.05
CA GLU A 230 32.59 4.11 -21.08
C GLU A 230 33.34 4.33 -19.77
N VAL A 231 33.82 3.25 -19.19
CA VAL A 231 34.63 3.30 -17.99
C VAL A 231 35.81 2.38 -18.24
N ASP A 232 37.03 2.93 -18.21
CA ASP A 232 38.27 2.17 -18.49
C ASP A 232 38.09 1.24 -19.71
N ASN A 233 37.61 1.77 -20.83
CA ASN A 233 37.40 0.94 -22.03
C ASN A 233 36.40 -0.20 -21.90
N GLU A 234 35.48 -0.06 -20.96
CA GLU A 234 34.38 -0.96 -20.83
C GLU A 234 33.17 -0.08 -20.89
N LEU A 235 32.11 -0.59 -21.46
CA LEU A 235 30.77 0.00 -21.30
C LEU A 235 30.04 -0.49 -20.02
N ARG A 236 29.83 0.41 -19.07
CA ARG A 236 29.19 0.08 -17.83
C ARG A 236 27.93 0.88 -17.59
N ILE A 237 27.09 0.32 -16.74
CA ILE A 237 25.97 1.04 -16.23
C ILE A 237 26.48 2.08 -15.26
N CYS A 238 26.01 3.30 -15.44
CA CYS A 238 26.30 4.40 -14.53
C CYS A 238 24.99 4.95 -14.01
N ALA A 239 25.03 5.35 -12.74
CA ALA A 239 23.94 6.03 -12.12
C ALA A 239 24.15 7.55 -12.15
N ARG A 240 23.04 8.31 -12.18
CA ARG A 240 23.10 9.74 -12.06
C ARG A 240 23.76 10.06 -10.77
N ASP A 241 24.64 11.08 -10.78
CA ASP A 241 25.24 11.58 -9.54
C ASP A 241 24.26 11.77 -8.36
N LYS A 242 23.11 12.38 -8.63
CA LYS A 242 22.11 12.63 -7.61
C LYS A 242 21.55 11.34 -6.95
N GLU A 243 21.72 10.17 -7.56
CA GLU A 243 21.27 8.93 -6.94
C GLU A 243 22.20 8.34 -5.85
N VAL A 244 23.38 8.94 -5.61
CA VAL A 244 24.38 8.36 -4.74
C VAL A 244 23.88 8.15 -3.33
N GLY A 245 23.16 9.11 -2.80
CA GLY A 245 22.51 8.96 -1.49
C GLY A 245 21.47 7.86 -1.45
N ASN A 246 20.71 7.69 -2.52
CA ASN A 246 19.78 6.55 -2.61
C ASN A 246 20.44 5.22 -2.63
N LEU A 247 21.64 5.17 -3.20
CA LEU A 247 22.43 3.94 -3.20
C LEU A 247 22.93 3.63 -1.81
N TYR A 248 23.45 4.63 -1.11
CA TYR A 248 23.81 4.40 0.28
C TYR A 248 22.58 3.89 1.07
N ASP A 249 21.43 4.52 0.85
CA ASP A 249 20.19 4.09 1.48
C ASP A 249 19.79 2.65 1.13
N MET A 250 20.02 2.27 -0.12
CA MET A 250 19.74 0.91 -0.52
C MET A 250 20.48 -0.08 0.39
N PHE A 251 21.77 0.17 0.64
CA PHE A 251 22.57 -0.74 1.47
C PHE A 251 22.23 -0.61 2.95
N HIS A 252 21.83 0.57 3.38
CA HIS A 252 21.30 0.70 4.74
C HIS A 252 20.00 -0.17 4.92
N THR A 253 19.12 -0.14 3.93
CA THR A 253 17.91 -0.91 3.96
C THR A 253 18.23 -2.37 4.04
N ARG A 254 19.20 -2.79 3.22
CA ARG A 254 19.64 -4.17 3.20
C ARG A 254 20.08 -4.60 4.60
N ASN A 255 20.87 -3.76 5.23
CA ASN A 255 21.37 -4.08 6.51
C ASN A 255 20.26 -4.10 7.58
N SER A 256 19.32 -3.17 7.47
CA SER A 256 18.14 -3.14 8.33
C SER A 256 17.31 -4.41 8.25
N LEU A 257 17.13 -4.87 7.03
CA LEU A 257 16.40 -6.09 6.80
C LEU A 257 17.13 -7.33 7.35
N HIS A 258 18.44 -7.35 7.24
CA HIS A 258 19.20 -8.45 7.83
C HIS A 258 19.08 -8.42 9.34
N ARG A 259 19.22 -7.25 9.91
CA ARG A 259 19.15 -7.12 11.36
C ARG A 259 17.74 -7.49 11.94
N ARG A 260 16.69 -7.01 11.33
CA ARG A 260 15.35 -7.22 11.85
C ARG A 260 14.80 -8.56 11.46
N ALA A 261 15.14 -9.03 10.27
CA ALA A 261 14.49 -10.21 9.74
C ALA A 261 15.43 -11.38 9.41
N TYR A 262 16.33 -11.22 8.47
CA TYR A 262 16.98 -12.40 7.92
C TYR A 262 17.87 -13.04 8.96
N GLN A 263 18.33 -12.24 9.92
CA GLN A 263 19.13 -12.72 11.01
C GLN A 263 18.42 -12.59 12.34
N HIS A 264 17.11 -12.51 12.32
CA HIS A 264 16.37 -12.54 13.58
C HIS A 264 16.83 -13.72 14.43
N LYS A 265 17.07 -13.47 15.71
CA LYS A 265 17.74 -14.43 16.60
C LYS A 265 16.98 -15.76 16.66
N VAL A 266 15.67 -15.67 16.64
CA VAL A 266 14.84 -16.85 16.68
C VAL A 266 14.70 -17.54 15.31
N GLY A 267 14.61 -16.78 14.23
CA GLY A 267 14.59 -17.39 12.93
C GLY A 267 15.85 -18.18 12.70
N ASN A 268 16.98 -17.65 13.16
CA ASN A 268 18.26 -18.33 13.02
C ASN A 268 18.34 -19.59 13.86
N ILE A 269 17.78 -19.54 15.07
CA ILE A 269 17.87 -20.74 15.92
C ILE A 269 16.98 -21.85 15.37
N ILE A 270 15.88 -21.47 14.74
CA ILE A 270 15.03 -22.43 14.12
C ILE A 270 15.73 -23.05 12.92
N ASP A 271 16.45 -22.23 12.16
CA ASP A 271 17.24 -22.78 11.05
C ASP A 271 18.29 -23.74 11.59
N THR A 272 18.84 -23.41 12.75
CA THR A 272 19.85 -24.25 13.36
C THR A 272 19.25 -25.56 13.81
N MET A 273 18.05 -25.50 14.35
CA MET A 273 17.37 -26.72 14.82
C MET A 273 17.01 -27.61 13.65
N ILE A 274 16.55 -27.01 12.56
CA ILE A 274 16.19 -27.78 11.39
C ILE A 274 17.45 -28.43 10.83
N THR A 275 18.52 -27.69 10.80
CA THR A 275 19.78 -28.23 10.32
C THR A 275 20.21 -29.44 11.14
N ASP A 276 20.04 -29.35 12.46
CA ASP A 276 20.38 -30.45 13.35
C ASP A 276 19.54 -31.66 13.04
N ALA A 277 18.25 -31.42 12.79
CA ALA A 277 17.34 -32.49 12.46
C ALA A 277 17.73 -33.14 11.14
N PHE A 278 18.16 -32.34 10.17
CA PHE A 278 18.59 -32.89 8.89
C PHE A 278 19.84 -33.74 9.07
N LEU A 279 20.79 -33.30 9.90
CA LEU A 279 21.98 -34.09 10.18
C LEU A 279 21.60 -35.46 10.75
N LYS A 280 20.64 -35.45 11.65
CA LYS A 280 20.21 -36.68 12.31
C LYS A 280 19.39 -37.55 11.39
N ALA A 281 18.82 -36.99 10.34
CA ALA A 281 18.07 -37.77 9.36
C ALA A 281 18.90 -38.15 8.14
N ASP A 282 20.08 -37.57 7.99
CA ASP A 282 20.85 -37.67 6.73
C ASP A 282 21.19 -39.10 6.35
N ASP A 283 21.51 -39.95 7.33
CA ASP A 283 21.70 -41.38 7.06
C ASP A 283 20.51 -42.15 6.55
N TYR A 284 19.31 -41.75 6.95
CA TYR A 284 18.12 -42.57 6.75
C TYR A 284 17.27 -42.13 5.58
N ILE A 285 17.34 -40.87 5.19
CA ILE A 285 16.49 -40.41 4.10
C ILE A 285 17.17 -40.68 2.77
N GLU A 286 16.41 -41.22 1.84
CA GLU A 286 16.94 -41.55 0.53
C GLU A 286 16.21 -40.82 -0.58
N ILE A 287 16.98 -40.27 -1.51
CA ILE A 287 16.46 -39.48 -2.62
C ILE A 287 16.99 -40.14 -3.90
N THR A 288 16.08 -40.53 -4.78
CA THR A 288 16.44 -41.24 -5.99
C THR A 288 16.85 -40.25 -7.05
N GLY A 289 18.04 -40.47 -7.58
CA GLY A 289 18.58 -39.64 -8.64
C GLY A 289 18.66 -40.39 -9.96
N ALA A 290 19.60 -39.96 -10.81
CA ALA A 290 19.78 -40.54 -12.14
C ALA A 290 20.13 -42.03 -12.06
N GLY A 291 19.46 -42.81 -12.91
CA GLY A 291 19.65 -44.24 -12.98
C GLY A 291 19.09 -45.01 -11.81
N GLY A 292 18.20 -44.42 -11.03
CA GLY A 292 17.63 -45.09 -9.85
C GLY A 292 18.58 -45.10 -8.66
N LYS A 293 19.72 -44.44 -8.79
CA LYS A 293 20.74 -44.43 -7.76
C LYS A 293 20.24 -43.61 -6.57
N LYS A 294 20.63 -43.98 -5.36
CA LYS A 294 20.11 -43.31 -4.15
C LYS A 294 21.11 -42.35 -3.52
N TYR A 295 20.61 -41.22 -3.08
CA TYR A 295 21.44 -40.16 -2.52
C TYR A 295 20.89 -39.78 -1.16
N ARG A 296 21.69 -39.08 -0.41
CA ARG A 296 21.25 -38.54 0.85
C ARG A 296 21.02 -37.07 0.69
N ILE A 297 20.38 -36.48 1.68
CA ILE A 297 20.17 -35.05 1.70
C ILE A 297 21.49 -34.33 1.37
N SER A 298 22.57 -34.79 2.00
CA SER A 298 23.89 -34.17 1.84
C SER A 298 24.59 -34.50 0.56
N THR A 299 24.17 -35.54 -0.14
CA THR A 299 24.82 -35.90 -1.43
C THR A 299 23.96 -35.63 -2.66
N ALA A 300 22.71 -35.25 -2.46
CA ALA A 300 21.82 -34.91 -3.58
C ALA A 300 22.34 -33.77 -4.42
N ILE A 301 23.14 -32.89 -3.81
CA ILE A 301 23.82 -31.84 -4.56
C ILE A 301 24.76 -32.35 -5.68
N ASP A 302 25.14 -33.62 -5.63
CA ASP A 302 25.99 -34.21 -6.67
C ASP A 302 25.21 -34.69 -7.89
N ASP A 303 23.92 -34.86 -7.77
CA ASP A 303 23.10 -35.30 -8.90
C ASP A 303 21.86 -34.41 -9.00
N MET A 304 21.76 -33.67 -10.10
CA MET A 304 20.69 -32.69 -10.25
C MET A 304 19.30 -33.30 -10.33
N GLU A 305 19.20 -34.50 -10.88
CA GLU A 305 17.94 -35.23 -10.87
C GLU A 305 17.44 -35.51 -9.45
N ALA A 306 18.36 -35.84 -8.54
CA ALA A 306 18.04 -35.97 -7.13
C ALA A 306 17.78 -34.64 -6.47
N TYR A 307 18.64 -33.67 -6.77
CA TYR A 307 18.50 -32.33 -6.17
C TYR A 307 17.16 -31.65 -6.58
N THR A 308 16.67 -31.97 -7.76
CA THR A 308 15.38 -31.52 -8.20
C THR A 308 14.27 -31.87 -7.21
N LYS A 309 14.41 -33.01 -6.53
CA LYS A 309 13.39 -33.48 -5.59
C LYS A 309 13.74 -33.17 -4.14
N LEU A 310 14.71 -32.29 -3.93
CA LEU A 310 15.11 -31.91 -2.57
C LEU A 310 14.64 -30.49 -2.24
N THR A 311 13.59 -30.42 -1.43
CA THR A 311 12.88 -29.16 -1.09
C THR A 311 12.49 -29.16 0.37
N ASP A 312 11.76 -28.15 0.78
CA ASP A 312 11.30 -28.04 2.14
C ASP A 312 10.49 -29.29 2.58
N ASN A 313 9.94 -30.02 1.60
CA ASN A 313 9.25 -31.26 1.84
C ASN A 313 9.98 -32.18 2.80
N ILE A 314 11.30 -32.19 2.74
CA ILE A 314 12.07 -33.04 3.62
C ILE A 314 11.76 -32.80 5.11
N PHE A 315 11.59 -31.55 5.47
CA PHE A 315 11.12 -31.16 6.81
C PHE A 315 9.88 -31.96 7.22
N LEU A 316 8.90 -32.01 6.37
CA LEU A 316 7.65 -32.71 6.70
C LEU A 316 7.79 -34.21 6.63
N GLU A 317 8.60 -34.68 5.68
CA GLU A 317 8.87 -36.12 5.61
C GLU A 317 9.46 -36.60 6.92
N ILE A 318 10.40 -35.83 7.47
CA ILE A 318 10.96 -36.14 8.78
C ILE A 318 9.91 -36.01 9.88
N LEU A 319 9.22 -34.89 9.91
CA LEU A 319 8.21 -34.66 10.95
C LEU A 319 7.13 -35.74 10.97
N TYR A 320 6.67 -36.18 9.81
CA TYR A 320 5.60 -37.15 9.73
C TYR A 320 6.07 -38.60 9.74
N SER A 321 7.38 -38.83 9.81
CA SER A 321 7.92 -40.17 9.77
C SER A 321 7.49 -40.98 11.01
N THR A 322 7.44 -42.31 10.85
CA THR A 322 7.20 -43.24 11.99
C THR A 322 8.42 -44.15 12.21
N ASP A 323 9.32 -44.18 11.25
CA ASP A 323 10.53 -44.98 11.40
C ASP A 323 11.30 -44.60 12.66
N PRO A 324 11.59 -45.60 13.50
CA PRO A 324 12.36 -45.34 14.72
C PRO A 324 13.79 -44.81 14.51
N LYS A 325 14.38 -45.06 13.34
CA LYS A 325 15.70 -44.51 13.04
C LYS A 325 15.66 -43.02 13.06
N LEU A 326 14.50 -42.46 12.67
CA LEU A 326 14.29 -41.01 12.56
C LEU A 326 13.70 -40.39 13.81
N LYS A 327 13.61 -41.15 14.88
CA LYS A 327 13.06 -40.62 16.11
C LYS A 327 13.77 -39.33 16.57
N ASP A 328 15.09 -39.31 16.54
CA ASP A 328 15.84 -38.17 17.09
C ASP A 328 15.66 -36.92 16.28
N ALA A 329 15.66 -37.10 14.97
CA ALA A 329 15.43 -36.01 14.02
C ALA A 329 14.02 -35.48 14.19
N ARG A 330 13.06 -36.39 14.19
CA ARG A 330 11.69 -36.05 14.37
C ARG A 330 11.44 -35.33 15.69
N GLU A 331 12.10 -35.74 16.76
CA GLU A 331 11.91 -35.09 18.07
C GLU A 331 12.30 -33.61 18.07
N ILE A 332 13.37 -33.30 17.34
CA ILE A 332 13.79 -31.92 17.23
C ILE A 332 12.71 -31.07 16.53
N LEU A 333 12.20 -31.55 15.42
CA LEU A 333 11.15 -30.84 14.72
C LEU A 333 9.89 -30.71 15.58
N LYS A 334 9.58 -31.74 16.38
CA LYS A 334 8.44 -31.65 17.26
C LYS A 334 8.60 -30.55 18.27
N GLN A 335 9.82 -30.37 18.72
CA GLN A 335 10.10 -29.31 19.69
C GLN A 335 9.89 -27.96 19.08
N ILE A 336 10.24 -27.83 17.82
CA ILE A 336 9.92 -26.60 17.09
C ILE A 336 8.39 -26.31 17.11
N GLU A 337 7.55 -27.30 16.83
CA GLU A 337 6.10 -27.11 16.82
C GLU A 337 5.54 -26.69 18.16
N TYR A 338 6.11 -27.24 19.23
CA TYR A 338 5.71 -26.86 20.59
C TYR A 338 6.39 -25.59 21.03
N ARG A 339 7.24 -25.05 20.17
CA ARG A 339 7.99 -23.82 20.48
C ARG A 339 8.91 -24.05 21.65
N ASN A 340 9.40 -25.25 21.79
CA ASN A 340 10.38 -25.51 22.82
C ASN A 340 11.78 -25.41 22.14
N LEU A 341 12.21 -24.17 21.94
CA LEU A 341 13.41 -23.92 21.19
C LEU A 341 14.67 -23.87 22.10
N PHE A 342 15.85 -24.03 21.52
CA PHE A 342 17.10 -23.63 22.21
C PHE A 342 16.94 -22.16 22.62
N LYS A 343 17.43 -21.82 23.81
CA LYS A 343 17.18 -20.50 24.35
C LYS A 343 18.30 -19.54 24.02
N TYR A 344 17.91 -18.36 23.56
CA TYR A 344 18.78 -17.25 23.30
C TYR A 344 19.32 -16.75 24.63
N VAL A 345 20.65 -16.66 24.72
CA VAL A 345 21.29 -16.18 25.91
C VAL A 345 21.64 -14.70 25.74
N GLY A 346 22.20 -14.35 24.61
CA GLY A 346 22.59 -12.99 24.38
C GLY A 346 23.39 -12.77 23.10
N GLU A 347 23.75 -11.51 22.89
CA GLU A 347 24.47 -11.06 21.71
C GLU A 347 25.64 -10.17 22.14
N THR A 348 26.75 -10.27 21.44
CA THR A 348 27.90 -9.40 21.69
C THR A 348 28.62 -9.20 20.37
N GLN A 349 29.58 -8.30 20.37
CA GLN A 349 30.40 -8.05 19.19
C GLN A 349 31.85 -8.02 19.60
N PRO A 350 32.73 -8.47 18.69
CA PRO A 350 34.14 -8.17 18.81
C PRO A 350 34.48 -6.67 18.84
N THR A 351 35.49 -6.29 19.62
CA THR A 351 35.82 -4.87 19.79
C THR A 351 36.98 -4.51 18.89
N GLY A 352 36.94 -3.35 18.24
CA GLY A 352 38.08 -2.86 17.41
C GLY A 352 38.51 -3.79 16.26
N GLN A 353 39.80 -4.19 16.23
CA GLN A 353 40.35 -5.05 15.10
C GLN A 353 39.53 -6.33 14.84
N ILE A 354 39.01 -6.92 15.90
CA ILE A 354 38.94 -8.36 15.95
C ILE A 354 37.87 -8.86 15.01
N LYS A 355 38.24 -9.90 14.27
CA LYS A 355 37.34 -10.61 13.42
C LYS A 355 37.51 -12.12 13.70
N ILE A 356 36.43 -12.86 13.64
CA ILE A 356 36.45 -14.29 13.86
C ILE A 356 36.26 -15.11 12.57
N LYS A 357 37.13 -16.07 12.35
CA LYS A 357 37.13 -16.89 11.11
C LYS A 357 36.16 -18.03 11.20
N ARG A 358 35.66 -18.48 10.04
CA ARG A 358 34.74 -19.63 9.97
C ARG A 358 35.33 -20.87 10.60
N GLU A 359 36.62 -21.10 10.39
CA GLU A 359 37.28 -22.30 10.93
C GLU A 359 37.27 -22.30 12.47
N ASP A 360 37.33 -21.11 13.07
CA ASP A 360 37.24 -21.01 14.54
C ASP A 360 35.86 -21.31 15.12
N TYR A 361 34.81 -21.38 14.29
CA TYR A 361 33.40 -21.49 14.76
C TYR A 361 33.20 -22.69 15.69
N GLU A 362 33.83 -23.82 15.37
CA GLU A 362 33.77 -25.01 16.22
C GLU A 362 34.28 -24.83 17.67
N SER A 363 35.33 -24.04 17.83
CA SER A 363 35.96 -23.90 19.15
C SER A 363 35.20 -23.00 20.12
N LEU A 364 34.31 -22.17 19.60
CA LEU A 364 33.71 -21.12 20.43
C LEU A 364 32.83 -21.65 21.58
N PRO A 365 32.09 -22.75 21.34
CA PRO A 365 31.27 -23.27 22.43
C PRO A 365 32.15 -23.75 23.57
N LYS A 366 33.27 -24.38 23.23
CA LYS A 366 34.31 -24.72 24.20
C LYS A 366 34.80 -23.50 25.01
N GLU A 367 35.11 -22.40 24.33
CA GLU A 367 35.51 -21.20 25.06
C GLU A 367 34.49 -20.69 26.07
N VAL A 368 33.22 -20.68 25.69
CA VAL A 368 32.18 -20.14 26.57
C VAL A 368 32.07 -21.03 27.81
N ALA A 369 32.09 -22.34 27.59
CA ALA A 369 32.03 -23.30 28.67
C ALA A 369 33.26 -23.21 29.60
N SER A 370 34.39 -22.75 29.08
CA SER A 370 35.63 -22.57 29.84
C SER A 370 35.71 -21.29 30.69
N ALA A 371 34.78 -20.37 30.48
CA ALA A 371 34.73 -19.14 31.27
C ALA A 371 34.38 -19.55 32.71
N LYS A 372 34.96 -18.87 33.67
CA LYS A 372 34.74 -19.18 35.08
C LYS A 372 34.17 -17.97 35.80
N PRO A 373 32.85 -17.80 35.74
CA PRO A 373 32.24 -16.64 36.40
C PRO A 373 32.33 -16.78 37.91
N LYS A 374 32.61 -15.68 38.61
CA LYS A 374 32.71 -15.70 40.09
C LYS A 374 31.30 -15.52 40.64
N VAL A 375 30.50 -16.57 40.52
CA VAL A 375 29.10 -16.57 40.94
C VAL A 375 28.73 -17.97 41.36
N LEU A 376 27.82 -18.08 42.32
CA LEU A 376 27.34 -19.39 42.73
C LEU A 376 26.41 -19.97 41.69
N LEU A 377 26.71 -21.18 41.22
CA LEU A 377 25.88 -21.85 40.21
C LEU A 377 25.41 -23.21 40.68
N ASP A 378 24.11 -23.48 40.56
CA ASP A 378 23.58 -24.83 40.81
C ASP A 378 24.10 -25.85 39.80
N VAL A 379 24.13 -25.47 38.52
CA VAL A 379 24.47 -26.40 37.43
C VAL A 379 25.73 -25.95 36.68
N LYS A 380 26.44 -26.92 36.13
CA LYS A 380 27.67 -26.68 35.39
C LYS A 380 27.42 -27.10 33.94
N LEU A 381 27.72 -26.24 32.98
CA LEU A 381 27.38 -26.50 31.57
C LEU A 381 28.62 -26.92 30.77
N LYS A 382 28.37 -27.61 29.65
CA LYS A 382 29.42 -28.14 28.80
C LYS A 382 29.37 -27.51 27.43
N ALA A 383 30.46 -27.65 26.68
CA ALA A 383 30.54 -27.14 25.34
C ALA A 383 29.33 -27.50 24.47
N GLU A 384 28.94 -28.77 24.52
CA GLU A 384 27.83 -29.28 23.71
C GLU A 384 26.46 -28.65 24.07
N ASP A 385 26.38 -28.01 25.24
CA ASP A 385 25.18 -27.29 25.64
C ASP A 385 25.02 -25.92 25.01
N PHE A 386 26.08 -25.41 24.40
CA PHE A 386 26.08 -24.06 23.84
C PHE A 386 26.11 -24.05 22.34
N ILE A 387 25.36 -23.12 21.77
CA ILE A 387 25.47 -22.81 20.37
C ILE A 387 25.98 -21.37 20.26
N VAL A 388 26.99 -21.17 19.41
CA VAL A 388 27.50 -19.85 19.14
C VAL A 388 27.34 -19.58 17.65
N ASP A 389 26.52 -18.60 17.30
CA ASP A 389 26.26 -18.26 15.91
C ASP A 389 27.00 -16.93 15.62
N VAL A 390 27.92 -16.94 14.67
CA VAL A 390 28.65 -15.74 14.29
C VAL A 390 28.08 -15.26 12.97
N ILE A 391 27.67 -14.02 12.94
CA ILE A 391 27.05 -13.47 11.77
C ILE A 391 27.82 -12.27 11.28
N ASN A 392 28.17 -12.34 10.00
CA ASN A 392 28.82 -11.27 9.32
C ASN A 392 27.78 -10.33 8.73
N MET A 393 27.83 -9.07 9.16
CA MET A 393 26.97 -8.01 8.65
C MET A 393 27.84 -7.02 7.91
N ASP A 394 27.55 -6.83 6.63
CA ASP A 394 28.31 -5.88 5.82
C ASP A 394 27.47 -5.22 4.74
N TYR A 395 28.13 -4.41 3.91
CA TYR A 395 27.50 -3.82 2.73
C TYR A 395 27.74 -4.63 1.45
N GLY A 396 27.86 -5.94 1.59
CA GLY A 396 27.97 -6.86 0.46
C GLY A 396 29.39 -7.15 -0.02
N MET A 397 30.39 -6.42 0.51
CA MET A 397 31.74 -6.50 -0.03
C MET A 397 32.79 -6.54 1.08
N GLN A 398 32.50 -7.33 2.10
CA GLN A 398 33.30 -7.36 3.33
C GLN A 398 33.59 -5.94 3.84
N GLU A 399 34.86 -5.56 4.00
CA GLU A 399 35.23 -4.25 4.59
C GLU A 399 35.03 -3.10 3.62
N LYS A 400 34.88 -3.41 2.33
CA LYS A 400 34.85 -2.37 1.31
C LYS A 400 33.49 -1.67 1.20
N ASN A 401 33.56 -0.41 0.80
CA ASN A 401 32.39 0.41 0.48
C ASN A 401 31.97 0.24 -0.99
N PRO A 402 30.78 -0.31 -1.22
CA PRO A 402 30.40 -0.65 -2.61
C PRO A 402 30.23 0.56 -3.46
N ILE A 403 29.94 1.69 -2.85
CA ILE A 403 29.74 2.91 -3.60
C ILE A 403 31.05 3.39 -4.21
N ASP A 404 32.18 2.99 -3.63
CA ASP A 404 33.49 3.29 -4.27
C ASP A 404 33.66 2.54 -5.57
N HIS A 405 32.81 1.54 -5.80
CA HIS A 405 32.86 0.75 -7.03
C HIS A 405 31.72 1.00 -7.91
N VAL A 406 31.11 2.17 -7.76
CA VAL A 406 30.01 2.63 -8.61
C VAL A 406 30.46 3.79 -9.47
N SER A 407 30.02 3.78 -10.73
CA SER A 407 30.28 4.85 -11.66
C SER A 407 29.04 5.73 -11.81
N PHE A 408 29.26 7.03 -11.84
CA PHE A 408 28.18 7.96 -11.99
C PHE A 408 28.33 8.84 -13.24
N TYR A 409 27.26 9.54 -13.60
CA TYR A 409 27.34 10.57 -14.62
C TYR A 409 26.55 11.78 -14.17
N CYS A 410 26.87 12.95 -14.75
CA CYS A 410 26.20 14.21 -14.43
C CYS A 410 25.37 14.69 -15.61
N LYS A 411 24.36 15.51 -15.30
CA LYS A 411 23.43 15.99 -16.32
C LYS A 411 24.12 16.83 -17.39
N THR A 412 25.16 17.56 -17.00
CA THR A 412 25.93 18.39 -17.93
C THR A 412 26.91 17.61 -18.86
N ALA A 413 27.25 16.36 -18.54
CA ALA A 413 28.08 15.54 -19.45
C ALA A 413 27.73 14.07 -19.32
N PRO A 414 26.61 13.67 -19.95
CA PRO A 414 26.02 12.36 -19.67
C PRO A 414 26.85 11.18 -20.08
N ASN A 415 27.83 11.40 -20.94
CA ASN A 415 28.68 10.33 -21.43
C ASN A 415 29.94 10.20 -20.67
N ARG A 416 30.14 11.09 -19.73
CA ARG A 416 31.33 11.08 -18.95
C ARG A 416 31.12 10.48 -17.55
N ALA A 417 31.73 9.32 -17.34
CA ALA A 417 31.64 8.61 -16.07
C ALA A 417 32.53 9.24 -15.03
N ILE A 418 32.06 9.27 -13.78
CA ILE A 418 32.83 9.82 -12.67
C ILE A 418 32.71 8.97 -11.44
N ARG A 419 33.57 9.25 -10.48
CA ARG A 419 33.56 8.61 -9.18
C ARG A 419 33.10 9.61 -8.15
N ILE A 420 32.42 9.12 -7.12
CA ILE A 420 32.02 9.93 -5.99
C ILE A 420 32.47 9.25 -4.71
N THR A 421 33.27 9.93 -3.91
CA THR A 421 33.78 9.39 -2.67
C THR A 421 32.78 9.65 -1.57
N LYS A 422 32.94 8.94 -0.47
CA LYS A 422 32.07 9.09 0.70
C LYS A 422 32.08 10.51 1.26
N ASN A 423 33.26 11.10 1.32
CA ASN A 423 33.39 12.44 1.82
C ASN A 423 32.69 13.50 0.97
N GLN A 424 32.52 13.23 -0.32
CA GLN A 424 31.71 14.10 -1.16
C GLN A 424 30.21 13.98 -0.91
N VAL A 425 29.78 12.96 -0.17
CA VAL A 425 28.34 12.74 0.04
C VAL A 425 27.87 13.19 1.41
N SER A 426 28.46 12.64 2.48
CA SER A 426 28.01 12.98 3.84
C SER A 426 29.00 12.51 4.91
N GLN A 427 29.07 13.26 6.00
CA GLN A 427 29.74 12.84 7.21
C GLN A 427 28.89 11.93 8.11
N LEU A 428 27.61 11.77 7.80
CA LEU A 428 26.72 10.94 8.62
C LEU A 428 26.65 9.49 8.15
N LEU A 429 27.52 9.13 7.23
CA LEU A 429 27.55 7.77 6.74
C LEU A 429 28.38 6.91 7.69
N PRO A 430 28.31 5.59 7.53
CA PRO A 430 29.15 4.65 8.27
C PRO A 430 30.63 4.86 8.01
N GLU A 431 31.47 4.71 9.03
CA GLU A 431 32.93 4.75 8.82
C GLU A 431 33.47 3.36 8.54
N LYS A 432 32.72 2.34 8.95
CA LYS A 432 33.05 0.95 8.68
C LYS A 432 31.91 0.31 7.90
N PHE A 433 32.23 -0.69 7.10
CA PHE A 433 31.25 -1.36 6.25
C PHE A 433 31.07 -2.84 6.53
N ALA A 434 31.75 -3.34 7.57
CA ALA A 434 31.57 -4.73 8.02
C ALA A 434 31.66 -4.83 9.52
N GLU A 435 30.95 -5.79 10.08
CA GLU A 435 31.01 -6.05 11.52
C GLU A 435 30.56 -7.48 11.77
N GLN A 436 30.81 -7.99 12.96
CA GLN A 436 30.30 -9.28 13.34
C GLN A 436 29.39 -9.21 14.57
N LEU A 437 28.30 -10.00 14.50
CA LEU A 437 27.46 -10.25 15.64
C LEU A 437 27.69 -11.69 16.11
N ILE A 438 27.74 -11.87 17.42
CA ILE A 438 27.86 -13.19 18.03
C ILE A 438 26.64 -13.43 18.90
N ARG A 439 25.86 -14.46 18.56
CA ARG A 439 24.72 -14.87 19.37
C ARG A 439 25.08 -16.18 20.05
N VAL A 440 24.73 -16.27 21.33
CA VAL A 440 24.87 -17.48 22.09
C VAL A 440 23.51 -17.98 22.52
N TYR A 441 23.32 -19.28 22.36
CA TYR A 441 22.12 -19.96 22.79
C TYR A 441 22.52 -21.17 23.66
N CYS A 442 21.55 -21.67 24.44
CA CYS A 442 21.76 -22.83 25.27
C CYS A 442 20.70 -23.87 24.93
N LYS A 443 21.13 -25.12 24.78
CA LYS A 443 20.23 -26.24 24.51
C LYS A 443 19.46 -26.72 25.76
N LYS A 444 19.95 -26.38 26.96
CA LYS A 444 19.27 -26.70 28.20
C LYS A 444 18.37 -25.52 28.51
N VAL A 445 17.07 -25.77 28.53
CA VAL A 445 16.09 -24.70 28.60
C VAL A 445 15.53 -24.43 30.01
N ASP A 446 15.86 -25.24 31.01
CA ASP A 446 15.34 -25.00 32.35
C ASP A 446 15.89 -23.68 32.95
N ARG A 447 15.18 -23.15 33.94
CA ARG A 447 15.51 -21.88 34.60
C ARG A 447 16.94 -21.78 35.09
N LYS A 448 17.37 -22.80 35.82
CA LYS A 448 18.70 -22.83 36.41
C LYS A 448 19.78 -22.93 35.34
N SER A 449 19.55 -23.76 34.33
CA SER A 449 20.52 -23.88 33.22
C SER A 449 20.69 -22.57 32.45
N LEU A 450 19.57 -21.92 32.19
CA LEU A 450 19.56 -20.65 31.54
C LEU A 450 20.30 -19.54 32.32
N TYR A 451 20.06 -19.48 33.62
CA TYR A 451 20.75 -18.52 34.49
C TYR A 451 22.27 -18.74 34.42
N ALA A 452 22.67 -20.00 34.44
CA ALA A 452 24.08 -20.34 34.39
C ALA A 452 24.68 -19.90 33.08
N ALA A 453 23.98 -20.23 32.01
CA ALA A 453 24.42 -19.85 30.67
C ALA A 453 24.69 -18.35 30.55
N ARG A 454 23.86 -17.55 31.18
CA ARG A 454 24.01 -16.11 31.14
C ARG A 454 25.29 -15.66 31.82
N GLN A 455 25.64 -16.34 32.88
CA GLN A 455 26.84 -16.02 33.62
C GLN A 455 28.10 -16.38 32.81
N TYR A 456 28.10 -17.59 32.23
CA TYR A 456 29.19 -18.00 31.35
C TYR A 456 29.38 -17.02 30.20
N PHE A 457 28.26 -16.68 29.58
CA PHE A 457 28.28 -15.82 28.43
C PHE A 457 28.86 -14.45 28.73
N VAL A 458 28.37 -13.80 29.78
CA VAL A 458 28.82 -12.45 30.07
C VAL A 458 30.27 -12.46 30.54
N GLN A 459 30.64 -13.50 31.29
CA GLN A 459 32.02 -13.68 31.70
C GLN A 459 32.92 -13.84 30.49
N TRP A 460 32.46 -14.65 29.55
CA TRP A 460 33.18 -14.86 28.32
C TRP A 460 33.36 -13.55 27.56
N CYS A 461 32.31 -12.74 27.46
CA CYS A 461 32.40 -11.43 26.79
C CYS A 461 33.48 -10.58 27.44
N ALA A 462 33.46 -10.52 28.77
CA ALA A 462 34.45 -9.75 29.55
C ALA A 462 35.85 -10.28 29.32
N ASP A 463 36.02 -11.58 29.47
CA ASP A 463 37.33 -12.22 29.25
C ASP A 463 37.88 -11.85 27.88
N ARG A 464 37.01 -11.76 26.89
CA ARG A 464 37.49 -11.54 25.54
C ARG A 464 37.43 -10.12 25.09
N ASN A 465 36.98 -9.24 25.98
CA ASN A 465 36.89 -7.83 25.69
C ASN A 465 35.96 -7.58 24.54
N PHE A 466 34.88 -8.37 24.50
CA PHE A 466 33.80 -8.11 23.59
C PHE A 466 32.92 -7.01 24.17
N THR A 467 31.93 -6.56 23.39
CA THR A 467 31.04 -5.50 23.84
C THR A 467 30.10 -6.02 24.94
N LYS A 468 29.70 -5.12 25.83
CA LYS A 468 28.82 -5.47 26.91
C LYS A 468 27.46 -5.75 26.31
N PRO A 469 26.94 -6.98 26.52
CA PRO A 469 25.57 -7.23 26.11
C PRO A 469 24.60 -6.17 26.63
N GLN A 470 23.61 -5.84 25.83
CA GLN A 470 22.69 -4.77 26.16
C GLN A 470 21.99 -4.97 27.50
N ASP A 471 21.64 -6.21 27.83
CA ASP A 471 20.97 -6.53 29.08
C ASP A 471 21.94 -7.07 30.14
N GLY A 472 23.24 -6.86 29.92
CA GLY A 472 24.28 -7.45 30.77
C GLY A 472 24.12 -7.21 32.26
N ASP A 473 23.76 -5.98 32.62
CA ASP A 473 23.56 -5.62 34.03
C ASP A 473 22.36 -6.30 34.64
N VAL A 474 21.40 -6.69 33.82
CA VAL A 474 20.20 -7.37 34.31
C VAL A 474 20.43 -8.87 34.41
N ILE A 475 21.02 -9.47 33.38
CA ILE A 475 21.18 -10.92 33.38
C ILE A 475 22.39 -11.40 34.18
N ALA A 476 23.36 -10.52 34.40
CA ALA A 476 24.60 -10.90 35.13
C ALA A 476 25.11 -9.71 35.92
N PRO A 477 24.32 -9.25 36.90
CA PRO A 477 24.70 -8.10 37.75
C PRO A 477 25.98 -8.32 38.55
N LEU A 478 26.33 -9.58 38.83
CA LEU A 478 27.59 -9.87 39.55
C LEU A 478 28.82 -9.78 38.65
N ILE A 479 28.65 -9.97 37.35
CA ILE A 479 29.78 -10.07 36.43
C ILE A 479 30.19 -8.71 35.87
N THR A 480 29.20 -7.91 35.48
CA THR A 480 29.44 -6.64 34.79
C THR A 480 30.32 -5.61 35.57
N PRO A 481 30.20 -5.59 36.93
CA PRO A 481 31.05 -4.69 37.72
C PRO A 481 32.55 -4.91 37.58
N GLN A 482 32.98 -6.15 37.36
CA GLN A 482 34.41 -6.45 37.24
C GLN A 482 35.09 -5.68 36.10
N LYS A 483 34.36 -5.49 34.99
CA LYS A 483 34.89 -4.82 33.81
C LYS A 483 34.68 -3.32 33.94
N LYS A 484 35.78 -2.59 34.06
CA LYS A 484 35.76 -1.17 34.39
C LYS A 484 35.16 -0.36 33.22
N GLU A 485 35.52 -0.75 32.00
CA GLU A 485 35.06 -0.12 30.76
C GLU A 485 33.53 -0.08 30.71
N TRP A 486 32.92 -1.20 31.08
CA TRP A 486 31.49 -1.33 31.06
C TRP A 486 30.91 -0.52 32.20
N THR B 2 -21.63 12.93 21.39
CA THR B 2 -20.83 11.70 21.05
C THR B 2 -19.57 11.94 20.19
N MET B 3 -18.81 10.87 20.11
CA MET B 3 -17.58 10.82 19.36
C MET B 3 -17.83 11.11 17.88
N LYS B 4 -16.92 11.85 17.23
CA LYS B 4 -16.93 11.95 15.76
C LYS B 4 -15.94 10.93 15.23
N VAL B 5 -16.28 10.29 14.13
CA VAL B 5 -15.37 9.40 13.42
C VAL B 5 -14.94 10.04 12.11
N ILE B 6 -13.66 9.97 11.85
CA ILE B 6 -13.14 10.57 10.66
C ILE B 6 -12.19 9.65 9.97
N ASN B 7 -12.32 9.57 8.65
CA ASN B 7 -11.44 8.73 7.90
C ASN B 7 -10.18 9.44 7.44
N ASP B 8 -9.05 9.05 8.01
CA ASP B 8 -7.77 9.51 7.59
C ASP B 8 -7.09 8.41 6.77
N PRO B 9 -6.57 8.77 5.59
CA PRO B 9 -5.90 7.75 4.79
C PRO B 9 -4.65 7.11 5.45
N ILE B 10 -4.03 7.75 6.41
CA ILE B 10 -2.86 7.19 7.04
C ILE B 10 -3.27 6.30 8.19
N HIS B 11 -4.17 6.77 9.05
CA HIS B 11 -4.50 6.05 10.27
C HIS B 11 -5.82 5.30 10.19
N GLY B 12 -6.58 5.46 9.11
CA GLY B 12 -7.90 4.88 9.03
C GLY B 12 -8.90 5.72 9.77
N HIS B 13 -9.93 5.05 10.27
CA HIS B 13 -11.01 5.69 11.02
C HIS B 13 -10.60 5.97 12.44
N ILE B 14 -10.62 7.24 12.83
CA ILE B 14 -10.17 7.66 14.12
C ILE B 14 -11.32 8.35 14.79
N GLU B 15 -11.44 8.16 16.09
CA GLU B 15 -12.51 8.73 16.89
C GLU B 15 -12.00 10.00 17.50
N LEU B 16 -12.85 11.03 17.47
CA LEU B 16 -12.57 12.29 18.12
C LEU B 16 -13.60 12.63 19.20
N HIS B 17 -13.09 12.80 20.40
CA HIS B 17 -13.89 13.21 21.51
C HIS B 17 -14.51 14.59 21.21
N PRO B 18 -15.76 14.82 21.65
CA PRO B 18 -16.49 16.07 21.33
C PRO B 18 -15.74 17.36 21.67
N LEU B 19 -15.01 17.38 22.77
CA LEU B 19 -14.16 18.52 23.09
C LEU B 19 -13.14 18.80 21.99
N LEU B 20 -12.52 17.75 21.47
CA LEU B 20 -11.53 17.94 20.41
C LEU B 20 -12.20 18.48 19.15
N VAL B 21 -13.41 17.99 18.87
CA VAL B 21 -14.18 18.51 17.75
C VAL B 21 -14.46 20.01 17.89
N ARG B 22 -14.81 20.44 19.10
CA ARG B 22 -15.07 21.86 19.34
C ARG B 22 -13.83 22.71 19.06
N ILE B 23 -12.67 22.21 19.44
CA ILE B 23 -11.42 22.92 19.15
C ILE B 23 -11.11 22.96 17.66
N ILE B 24 -11.39 21.86 16.98
CA ILE B 24 -11.13 21.75 15.56
C ILE B 24 -12.01 22.70 14.72
N ASP B 25 -13.27 22.84 15.12
CA ASP B 25 -14.23 23.61 14.34
C ASP B 25 -14.18 25.09 14.73
N THR B 26 -13.00 25.66 14.56
CA THR B 26 -12.74 27.06 14.80
C THR B 26 -11.90 27.63 13.68
N PRO B 27 -12.03 28.92 13.43
CA PRO B 27 -11.22 29.53 12.39
C PRO B 27 -9.73 29.34 12.65
N GLN B 28 -9.34 29.25 13.91
CA GLN B 28 -7.91 29.19 14.25
C GLN B 28 -7.30 27.85 13.86
N PHE B 29 -8.12 26.82 13.94
CA PHE B 29 -7.71 25.50 13.59
C PHE B 29 -7.88 25.22 12.11
N GLN B 30 -9.01 25.62 11.57
CA GLN B 30 -9.34 25.35 10.18
C GLN B 30 -8.38 26.05 9.22
N ARG B 31 -7.80 27.14 9.69
CA ARG B 31 -6.71 27.85 9.03
C ARG B 31 -5.62 26.94 8.49
N LEU B 32 -5.35 25.84 9.22
CA LEU B 32 -4.32 24.90 8.82
C LEU B 32 -4.64 24.15 7.55
N ARG B 33 -5.87 24.23 7.07
CA ARG B 33 -6.22 23.66 5.81
C ARG B 33 -5.59 24.43 4.67
N TYR B 34 -5.13 25.65 4.92
CA TYR B 34 -4.64 26.52 3.85
C TYR B 34 -3.11 26.74 3.97
N ILE B 35 -2.43 25.81 4.64
CA ILE B 35 -0.99 25.84 4.76
C ILE B 35 -0.38 24.48 4.39
N LYS B 36 0.37 24.43 3.28
CA LYS B 36 0.99 23.21 2.85
C LYS B 36 2.01 22.77 3.89
N GLN B 37 1.96 21.48 4.20
CA GLN B 37 2.88 20.84 5.10
C GLN B 37 4.30 21.05 4.64
N LEU B 38 4.53 20.82 3.35
CA LEU B 38 5.91 20.88 2.79
C LEU B 38 6.25 22.14 1.99
N GLY B 39 5.34 23.13 1.99
CA GLY B 39 5.56 24.44 1.35
C GLY B 39 5.91 24.29 -0.11
N GLY B 40 7.06 24.83 -0.50
CA GLY B 40 7.58 24.68 -1.88
C GLY B 40 7.85 23.29 -2.40
N GLY B 41 7.92 22.31 -1.51
CA GLY B 41 8.04 20.87 -1.92
C GLY B 41 6.94 20.36 -2.85
N TYR B 42 5.74 20.93 -2.76
CA TYR B 42 4.66 20.59 -3.64
C TYR B 42 5.01 20.91 -5.08
N TYR B 43 5.86 21.91 -5.25
CA TYR B 43 6.31 22.31 -6.56
C TYR B 43 7.38 21.37 -7.15
N VAL B 44 7.80 20.39 -6.36
CA VAL B 44 8.76 19.37 -6.81
C VAL B 44 8.13 17.97 -6.76
N PHE B 45 7.37 17.73 -5.68
CA PHE B 45 6.68 16.47 -5.55
C PHE B 45 5.20 16.77 -5.63
N PRO B 46 4.60 16.50 -6.76
CA PRO B 46 3.18 16.86 -6.97
C PRO B 46 2.18 16.11 -6.12
N GLY B 47 2.59 15.02 -5.49
CA GLY B 47 1.75 14.34 -4.51
C GLY B 47 1.62 15.07 -3.18
N ALA B 48 2.54 16.01 -2.90
CA ALA B 48 2.63 16.69 -1.59
C ALA B 48 1.72 17.90 -1.51
N SER B 49 0.44 17.62 -1.72
CA SER B 49 -0.65 18.60 -1.68
C SER B 49 -1.13 18.78 -0.23
N HIS B 50 -0.69 17.91 0.67
CA HIS B 50 -1.25 17.88 2.02
C HIS B 50 -0.90 19.12 2.87
N ASN B 51 -1.85 19.45 3.73
CA ASN B 51 -1.77 20.61 4.58
C ASN B 51 -1.62 20.24 6.04
N ARG B 52 -1.30 21.26 6.84
CA ARG B 52 -0.99 21.08 8.23
C ARG B 52 -2.15 20.56 9.01
N PHE B 53 -3.36 20.81 8.51
CA PHE B 53 -4.60 20.44 9.17
C PHE B 53 -4.69 18.94 9.40
N GLU B 54 -4.53 18.20 8.32
CA GLU B 54 -4.68 16.77 8.43
C GLU B 54 -3.51 16.17 9.23
N HIS B 55 -2.34 16.77 9.14
CA HIS B 55 -1.20 16.29 9.92
C HIS B 55 -1.51 16.47 11.40
N SER B 56 -2.16 17.57 11.75
CA SER B 56 -2.49 17.87 13.14
C SER B 56 -3.49 16.86 13.70
N LEU B 57 -4.50 16.50 12.92
CA LEU B 57 -5.38 15.41 13.31
C LEU B 57 -4.59 14.12 13.63
N GLY B 58 -3.65 13.77 12.77
CA GLY B 58 -2.86 12.61 12.95
C GLY B 58 -2.04 12.67 14.23
N VAL B 59 -1.45 13.82 14.52
CA VAL B 59 -0.62 13.95 15.68
C VAL B 59 -1.45 13.79 16.94
N GLY B 60 -2.61 14.42 16.95
CA GLY B 60 -3.56 14.32 18.06
C GLY B 60 -4.01 12.90 18.27
N TYR B 61 -4.23 12.18 17.17
CA TYR B 61 -4.67 10.80 17.29
C TYR B 61 -3.57 9.91 17.89
N LEU B 62 -2.37 10.05 17.35
CA LEU B 62 -1.26 9.25 17.83
C LEU B 62 -0.92 9.58 19.26
N ALA B 63 -1.05 10.85 19.62
CA ALA B 63 -0.81 11.23 21.02
C ALA B 63 -1.76 10.48 21.95
N GLY B 64 -3.04 10.45 21.55
CA GLY B 64 -4.04 9.63 22.22
C GLY B 64 -3.70 8.16 22.27
N CYS B 65 -3.25 7.58 21.16
CA CYS B 65 -2.85 6.16 21.13
C CYS B 65 -1.79 5.84 22.14
N LEU B 66 -0.75 6.66 22.22
CA LEU B 66 0.37 6.34 23.08
C LEU B 66 -0.02 6.47 24.53
N VAL B 67 -0.68 7.55 24.88
CA VAL B 67 -1.11 7.70 26.27
C VAL B 67 -2.11 6.59 26.66
N HIS B 68 -3.07 6.26 25.79
CA HIS B 68 -4.02 5.15 26.07
C HIS B 68 -3.26 3.86 26.30
N ALA B 69 -2.27 3.57 25.43
CA ALA B 69 -1.51 2.34 25.55
C ALA B 69 -0.79 2.24 26.92
N LEU B 70 -0.16 3.34 27.35
CA LEU B 70 0.53 3.36 28.59
C LEU B 70 -0.42 3.12 29.76
N GLY B 71 -1.58 3.77 29.70
CA GLY B 71 -2.61 3.60 30.72
C GLY B 71 -3.12 2.19 30.84
N GLU B 72 -3.39 1.52 29.71
CA GLU B 72 -3.88 0.14 29.67
C GLU B 72 -2.86 -0.79 30.30
N LYS B 73 -1.61 -0.65 29.90
CA LYS B 73 -0.52 -1.50 30.35
C LYS B 73 -0.13 -1.26 31.81
N GLN B 74 -0.18 0.00 32.26
CA GLN B 74 0.25 0.33 33.58
C GLN B 74 -0.78 1.23 34.28
N PRO B 75 -1.89 0.62 34.74
CA PRO B 75 -2.89 1.33 35.55
C PRO B 75 -2.31 2.08 36.76
N GLU B 76 -1.22 1.57 37.31
CA GLU B 76 -0.57 2.21 38.47
C GLU B 76 -0.06 3.63 38.18
N LEU B 77 0.06 3.99 36.91
CA LEU B 77 0.43 5.34 36.54
C LEU B 77 -0.66 6.35 36.83
N GLN B 78 -1.90 5.88 36.99
CA GLN B 78 -3.04 6.74 37.34
C GLN B 78 -3.37 7.73 36.23
N ILE B 79 -3.21 7.29 34.99
CA ILE B 79 -3.51 8.18 33.89
C ILE B 79 -5.03 8.35 33.83
N SER B 80 -5.48 9.60 33.81
CA SER B 80 -6.91 9.93 33.82
C SER B 80 -7.41 10.33 32.44
N GLU B 81 -8.72 10.27 32.22
CA GLU B 81 -9.27 10.75 30.96
C GLU B 81 -8.90 12.23 30.77
N ARG B 82 -8.88 12.98 31.84
CA ARG B 82 -8.38 14.33 31.80
C ARG B 82 -6.95 14.43 31.20
N ASP B 83 -6.03 13.58 31.67
CA ASP B 83 -4.69 13.50 31.10
C ASP B 83 -4.72 13.19 29.60
N VAL B 84 -5.53 12.21 29.23
CA VAL B 84 -5.63 11.79 27.84
C VAL B 84 -6.09 12.94 26.94
N LEU B 85 -7.10 13.65 27.37
CA LEU B 85 -7.60 14.76 26.56
C LEU B 85 -6.59 15.90 26.44
N CYS B 86 -5.89 16.21 27.52
CA CYS B 86 -4.87 17.25 27.49
C CYS B 86 -3.72 16.93 26.55
N VAL B 87 -3.33 15.65 26.52
CA VAL B 87 -2.29 15.18 25.62
C VAL B 87 -2.76 15.23 24.17
N GLN B 88 -4.00 14.80 23.92
CA GLN B 88 -4.57 14.89 22.60
C GLN B 88 -4.70 16.32 22.08
N ILE B 89 -5.17 17.22 22.93
CA ILE B 89 -5.26 18.61 22.55
C ILE B 89 -3.88 19.20 22.17
N ALA B 90 -2.88 18.96 23.00
CA ALA B 90 -1.53 19.42 22.68
C ALA B 90 -1.06 18.84 21.33
N GLY B 91 -1.32 17.56 21.10
CA GLY B 91 -1.01 16.96 19.80
C GLY B 91 -1.71 17.65 18.65
N LEU B 92 -3.02 17.88 18.79
CA LEU B 92 -3.76 18.61 17.77
C LEU B 92 -3.22 19.99 17.48
N CYS B 93 -2.76 20.68 18.53
CA CYS B 93 -2.52 22.10 18.46
C CYS B 93 -1.08 22.51 18.34
N ARG B 94 -0.19 21.55 18.30
CA ARG B 94 1.23 21.89 18.22
C ARG B 94 1.63 22.54 16.91
N ASN B 95 0.83 22.39 15.87
CA ASN B 95 1.15 22.99 14.58
C ASN B 95 0.41 24.28 14.32
N LEU B 96 -0.34 24.77 15.30
CA LEU B 96 -1.20 25.94 15.10
C LEU B 96 -0.43 27.16 14.68
N GLY B 97 0.84 27.22 15.09
CA GLY B 97 1.68 28.43 14.90
C GLY B 97 2.37 28.57 13.56
N HIS B 98 2.27 27.55 12.70
CA HIS B 98 2.89 27.63 11.37
C HIS B 98 2.25 28.72 10.50
N GLY B 99 3.08 29.29 9.66
CA GLY B 99 2.71 30.38 8.77
C GLY B 99 2.75 29.88 7.35
N PRO B 100 2.52 30.77 6.38
CA PRO B 100 2.52 30.41 4.97
C PRO B 100 3.73 29.54 4.57
N PHE B 101 3.43 28.42 3.91
CA PHE B 101 4.46 27.49 3.44
C PHE B 101 5.30 26.90 4.56
N SER B 102 4.72 26.88 5.75
CA SER B 102 5.30 26.21 6.90
C SER B 102 6.71 26.72 7.20
N HIS B 103 7.72 25.88 7.06
CA HIS B 103 9.05 26.22 7.57
C HIS B 103 9.73 27.38 6.81
N MET B 104 9.24 27.64 5.61
CA MET B 104 9.69 28.80 4.87
C MET B 104 9.51 30.05 5.70
N PHE B 105 8.37 30.13 6.38
CA PHE B 105 7.96 31.37 7.01
C PHE B 105 8.83 31.70 8.20
N ASP B 106 8.95 30.75 9.12
CA ASP B 106 9.82 30.95 10.28
C ASP B 106 11.29 30.69 9.97
N GLY B 107 11.57 29.85 8.99
CA GLY B 107 12.98 29.50 8.64
C GLY B 107 13.67 30.47 7.70
N ARG B 108 12.92 31.11 6.82
CA ARG B 108 13.50 32.02 5.87
C ARG B 108 12.97 33.44 6.01
N PHE B 109 11.66 33.62 5.97
CA PHE B 109 11.08 34.96 5.81
C PHE B 109 11.21 35.85 7.05
N ILE B 110 10.77 35.36 8.20
CA ILE B 110 10.81 36.19 9.38
C ILE B 110 12.23 36.61 9.77
N PRO B 111 13.19 35.67 9.75
CA PRO B 111 14.57 36.02 10.03
C PRO B 111 15.09 37.20 9.18
N LEU B 112 14.69 37.23 7.91
CA LEU B 112 15.10 38.28 7.00
C LEU B 112 14.26 39.54 7.15
N ALA B 113 12.95 39.38 7.32
CA ALA B 113 12.08 40.54 7.45
C ALA B 113 12.21 41.23 8.81
N ARG B 114 12.34 40.43 9.87
CA ARG B 114 12.42 40.93 11.25
C ARG B 114 13.55 40.27 12.03
N PRO B 115 14.78 40.64 11.70
CA PRO B 115 15.97 40.09 12.34
C PRO B 115 16.04 40.37 13.84
N GLU B 116 15.53 41.53 14.29
CA GLU B 116 15.53 41.85 15.72
C GLU B 116 14.72 40.85 16.53
N VAL B 117 13.62 40.38 15.95
CA VAL B 117 12.69 39.50 16.65
C VAL B 117 13.23 38.08 16.68
N LYS B 118 12.92 37.35 17.73
CA LYS B 118 13.12 35.93 17.79
C LYS B 118 11.75 35.22 17.78
N TRP B 119 11.47 34.41 16.74
CA TRP B 119 10.12 33.84 16.53
C TRP B 119 10.22 32.41 16.04
N THR B 120 9.33 31.59 16.54
CA THR B 120 9.24 30.19 16.12
C THR B 120 7.77 29.83 15.99
N HIS B 121 7.49 28.87 15.13
CA HIS B 121 6.13 28.34 15.04
C HIS B 121 5.63 27.78 16.38
N GLU B 122 6.53 27.24 17.20
CA GLU B 122 6.15 26.73 18.54
C GLU B 122 5.54 27.83 19.42
N GLN B 123 6.20 28.99 19.47
CA GLN B 123 5.63 30.15 20.15
C GLN B 123 4.32 30.56 19.53
N GLY B 124 4.25 30.54 18.21
CA GLY B 124 2.99 30.85 17.53
C GLY B 124 1.88 29.90 17.90
N SER B 125 2.21 28.64 18.07
CA SER B 125 1.19 27.66 18.42
C SER B 125 0.55 27.98 19.78
N VAL B 126 1.38 28.37 20.75
CA VAL B 126 0.90 28.71 22.10
C VAL B 126 0.03 29.95 22.07
N MET B 127 0.46 30.95 21.31
CA MET B 127 -0.29 32.19 21.16
C MET B 127 -1.61 31.94 20.42
N MET B 128 -1.55 31.18 19.35
CA MET B 128 -2.78 30.79 18.61
C MET B 128 -3.71 29.96 19.47
N PHE B 129 -3.13 29.09 20.26
CA PHE B 129 -3.93 28.26 21.13
C PHE B 129 -4.73 29.11 22.10
N GLU B 130 -4.07 30.08 22.71
CA GLU B 130 -4.70 31.00 23.67
C GLU B 130 -5.82 31.79 23.00
N HIS B 131 -5.51 32.31 21.83
CA HIS B 131 -6.47 33.02 21.03
C HIS B 131 -7.67 32.13 20.70
N LEU B 132 -7.40 30.89 20.33
CA LEU B 132 -8.46 29.93 19.96
C LEU B 132 -9.38 29.69 21.15
N ILE B 133 -8.80 29.41 22.30
CA ILE B 133 -9.58 29.14 23.50
C ILE B 133 -10.46 30.33 23.89
N ASN B 134 -9.88 31.52 23.90
CA ASN B 134 -10.58 32.67 24.39
C ASN B 134 -11.65 33.14 23.41
N SER B 135 -11.32 33.11 22.13
CA SER B 135 -12.25 33.53 21.09
C SER B 135 -13.46 32.65 20.98
N ASN B 136 -13.37 31.40 21.40
CA ASN B 136 -14.44 30.44 21.07
C ASN B 136 -15.09 29.83 22.31
N GLY B 137 -14.81 30.41 23.48
CA GLY B 137 -15.43 29.99 24.73
C GLY B 137 -15.18 28.54 25.05
N ILE B 138 -13.96 28.09 24.81
CA ILE B 138 -13.63 26.71 25.04
C ILE B 138 -13.48 26.32 26.52
N LYS B 139 -13.04 27.25 27.35
CA LYS B 139 -12.83 26.93 28.80
C LYS B 139 -14.04 26.28 29.47
N PRO B 140 -15.24 26.83 29.25
CA PRO B 140 -16.44 26.21 29.83
C PRO B 140 -16.64 24.79 29.35
N VAL B 141 -16.34 24.56 28.08
CA VAL B 141 -16.47 23.23 27.49
C VAL B 141 -15.45 22.25 28.10
N MET B 142 -14.24 22.75 28.37
CA MET B 142 -13.23 21.96 29.06
C MET B 142 -13.71 21.53 30.46
N GLU B 143 -14.31 22.46 31.20
CA GLU B 143 -14.79 22.08 32.55
C GLU B 143 -15.91 21.07 32.46
N GLN B 144 -16.77 21.23 31.46
CA GLN B 144 -17.87 20.28 31.23
C GLN B 144 -17.36 18.84 31.11
N TYR B 145 -16.19 18.66 30.53
CA TYR B 145 -15.64 17.32 30.39
C TYR B 145 -14.60 16.99 31.46
N GLY B 146 -14.57 17.74 32.53
CA GLY B 146 -13.73 17.40 33.68
C GLY B 146 -12.34 18.01 33.69
N LEU B 147 -12.04 18.90 32.76
CA LEU B 147 -10.72 19.52 32.77
C LEU B 147 -10.74 20.71 33.69
N ILE B 148 -9.57 21.07 34.19
CA ILE B 148 -9.35 22.24 35.04
C ILE B 148 -8.50 23.24 34.26
N PRO B 149 -9.15 24.19 33.58
CA PRO B 149 -8.47 25.10 32.65
C PRO B 149 -7.16 25.72 33.11
N GLU B 150 -7.07 26.14 34.36
CA GLU B 150 -5.91 26.90 34.78
C GLU B 150 -4.69 25.99 34.67
N GLU B 151 -4.77 24.82 35.30
CA GLU B 151 -3.69 23.82 35.24
C GLU B 151 -3.51 23.21 33.87
N ASP B 152 -4.63 22.87 33.23
CA ASP B 152 -4.59 22.10 32.01
C ASP B 152 -4.16 22.90 30.78
N ILE B 153 -4.56 24.17 30.72
CA ILE B 153 -4.07 25.06 29.65
C ILE B 153 -2.58 25.27 29.80
N CYS B 154 -2.13 25.44 31.02
CA CYS B 154 -0.70 25.52 31.26
C CYS B 154 0.00 24.22 30.79
N PHE B 155 -0.54 23.08 31.19
CA PHE B 155 0.00 21.77 30.81
C PHE B 155 0.07 21.59 29.28
N ILE B 156 -0.98 21.96 28.58
CA ILE B 156 -0.99 21.91 27.14
C ILE B 156 0.07 22.79 26.50
N LYS B 157 0.20 24.01 26.99
CA LYS B 157 1.19 24.93 26.44
C LYS B 157 2.57 24.42 26.70
N GLU B 158 2.76 23.83 27.88
CA GLU B 158 4.07 23.31 28.25
C GLU B 158 4.47 22.16 27.34
N GLN B 159 3.48 21.33 26.97
CA GLN B 159 3.73 20.22 26.08
C GLN B 159 4.23 20.67 24.71
N ILE B 160 3.76 21.81 24.25
CA ILE B 160 4.13 22.33 22.95
C ILE B 160 5.48 23.04 22.97
N VAL B 161 5.71 23.84 23.98
CA VAL B 161 6.82 24.78 23.93
C VAL B 161 7.83 24.56 25.05
N GLY B 162 7.54 23.67 26.01
CA GLY B 162 8.42 23.45 27.13
C GLY B 162 8.06 24.36 28.27
N PRO B 163 8.90 24.41 29.31
CA PRO B 163 8.61 25.23 30.49
C PRO B 163 8.46 26.69 30.14
N LEU B 164 7.51 27.36 30.78
CA LEU B 164 7.32 28.81 30.68
C LEU B 164 7.95 29.50 31.90
N LEU B 172 15.25 22.02 39.84
CA LEU B 172 13.87 21.74 40.22
C LEU B 172 13.11 21.11 39.03
N TRP B 173 11.97 20.50 39.33
CA TRP B 173 11.00 20.10 38.31
C TRP B 173 10.46 21.41 37.76
N PRO B 174 10.72 21.72 36.48
CA PRO B 174 10.39 23.04 35.93
C PRO B 174 8.96 23.24 35.43
N TYR B 175 8.16 22.19 35.43
CA TYR B 175 6.82 22.26 34.87
C TYR B 175 5.80 22.48 35.97
N LYS B 176 4.74 23.20 35.63
CA LYS B 176 3.66 23.48 36.55
C LYS B 176 2.36 22.75 36.21
N GLY B 177 2.17 22.34 34.96
CA GLY B 177 0.89 21.76 34.54
C GLY B 177 0.66 20.36 35.09
N ARG B 178 1.73 19.62 35.33
CA ARG B 178 1.65 18.29 35.95
C ARG B 178 2.89 18.08 36.78
N PRO B 179 2.80 17.22 37.81
CA PRO B 179 3.94 16.89 38.66
C PRO B 179 4.88 15.80 38.12
N GLU B 180 5.98 15.57 38.83
CA GLU B 180 7.04 14.66 38.41
C GLU B 180 6.57 13.22 38.15
N ASN B 181 5.60 12.77 38.92
CA ASN B 181 5.01 11.45 38.74
C ASN B 181 4.30 11.30 37.39
N LYS B 182 3.91 12.42 36.76
CA LYS B 182 3.33 12.39 35.42
C LYS B 182 4.30 12.91 34.36
N SER B 183 5.58 12.91 34.65
CA SER B 183 6.59 13.47 33.72
C SER B 183 6.62 12.85 32.33
N PHE B 184 6.33 11.55 32.27
CA PHE B 184 6.26 10.83 31.00
C PHE B 184 5.25 11.41 29.98
N LEU B 185 4.20 12.09 30.47
CA LEU B 185 3.24 12.75 29.58
C LEU B 185 3.86 13.83 28.70
N TYR B 186 4.92 14.47 29.19
CA TYR B 186 5.61 15.55 28.43
C TYR B 186 6.51 15.04 27.30
N GLU B 187 6.63 13.72 27.19
CA GLU B 187 7.47 13.07 26.20
C GLU B 187 6.67 12.61 24.97
N ILE B 188 5.37 12.87 24.96
CA ILE B 188 4.50 12.32 23.92
C ILE B 188 4.39 13.23 22.71
N VAL B 189 4.10 14.50 22.95
CA VAL B 189 3.79 15.39 21.86
C VAL B 189 5.02 16.06 21.27
N SER B 190 5.85 16.59 22.13
CA SER B 190 7.04 17.29 21.67
C SER B 190 8.14 16.99 22.68
N ASN B 191 8.94 15.99 22.34
CA ASN B 191 9.90 15.46 23.23
C ASN B 191 11.20 16.27 23.17
N LYS B 192 11.41 17.14 24.17
CA LYS B 192 12.57 18.02 24.21
C LYS B 192 13.85 17.27 24.57
N ARG B 193 13.72 16.14 25.25
CA ARG B 193 14.89 15.38 25.67
C ARG B 193 15.63 14.73 24.48
N ASN B 194 14.89 14.14 23.54
CA ASN B 194 15.50 13.39 22.45
C ASN B 194 14.76 13.43 21.10
N GLY B 195 13.63 14.14 21.03
CA GLY B 195 12.87 14.30 19.81
C GLY B 195 12.06 13.11 19.36
N ILE B 196 11.96 12.07 20.17
CA ILE B 196 11.15 10.91 19.76
C ILE B 196 9.71 11.11 20.20
N ASP B 197 8.86 11.54 19.28
CA ASP B 197 7.49 11.90 19.62
C ASP B 197 6.56 11.62 18.47
N VAL B 198 5.27 11.76 18.72
CA VAL B 198 4.24 11.41 17.77
C VAL B 198 4.14 12.33 16.58
N ASP B 199 4.77 13.50 16.67
CA ASP B 199 4.76 14.43 15.53
C ASP B 199 5.51 13.84 14.35
N LYS B 200 6.72 13.36 14.60
CA LYS B 200 7.51 12.65 13.57
C LYS B 200 6.82 11.43 13.04
N TRP B 201 6.21 10.67 13.93
CA TRP B 201 5.59 9.45 13.50
C TRP B 201 4.51 9.72 12.49
N ASP B 202 3.69 10.76 12.71
CA ASP B 202 2.69 11.10 11.70
C ASP B 202 3.33 11.62 10.45
N TYR B 203 4.26 12.58 10.55
CA TYR B 203 4.79 13.16 9.31
C TYR B 203 5.59 12.17 8.47
N PHE B 204 6.26 11.21 9.08
CA PHE B 204 6.96 10.20 8.28
C PHE B 204 5.97 9.45 7.43
N ALA B 205 4.93 8.93 8.05
CA ALA B 205 3.94 8.15 7.32
C ALA B 205 3.15 9.03 6.33
N ARG B 206 2.74 10.22 6.75
CA ARG B 206 1.89 11.01 5.87
C ARG B 206 2.71 11.56 4.71
N ASP B 207 3.87 12.14 5.01
CA ASP B 207 4.72 12.65 3.93
C ASP B 207 5.13 11.53 2.94
N CYS B 208 5.53 10.38 3.44
CA CYS B 208 5.89 9.28 2.54
C CYS B 208 4.73 8.86 1.63
N HIS B 209 3.53 8.76 2.17
CA HIS B 209 2.29 8.44 1.42
C HIS B 209 2.04 9.43 0.28
N HIS B 210 2.29 10.71 0.56
CA HIS B 210 2.04 11.75 -0.41
C HIS B 210 3.21 11.95 -1.36
N LEU B 211 4.43 11.85 -0.84
CA LEU B 211 5.60 12.11 -1.68
C LEU B 211 5.79 10.98 -2.68
N GLY B 212 5.36 9.76 -2.30
CA GLY B 212 5.64 8.59 -3.09
C GLY B 212 6.98 8.00 -2.75
N ILE B 213 7.35 8.00 -1.47
CA ILE B 213 8.57 7.32 -1.04
C ILE B 213 8.15 6.28 0.00
N GLN B 214 8.42 4.99 -0.24
CA GLN B 214 7.86 3.87 0.58
C GLN B 214 8.86 3.59 1.69
N ASN B 215 8.92 4.54 2.62
CA ASN B 215 9.86 4.60 3.72
C ASN B 215 9.03 4.94 4.91
N ASN B 216 9.52 4.61 6.09
CA ASN B 216 8.70 4.89 7.25
C ASN B 216 9.26 4.44 8.57
N PHE B 217 8.65 4.94 9.66
CA PHE B 217 8.84 4.35 10.98
C PHE B 217 7.61 3.56 11.48
N ASP B 218 7.84 2.33 11.95
CA ASP B 218 6.76 1.57 12.59
C ASP B 218 6.47 2.02 14.04
N TYR B 219 5.57 2.98 14.15
CA TYR B 219 5.24 3.58 15.41
C TYR B 219 4.28 2.70 16.17
N LYS B 220 3.45 1.95 15.46
CA LYS B 220 2.56 1.01 16.16
C LYS B 220 3.34 -0.03 16.95
N ARG B 221 4.38 -0.55 16.34
CA ARG B 221 5.30 -1.46 17.04
C ARG B 221 5.89 -0.79 18.24
N PHE B 222 6.38 0.42 18.04
CA PHE B 222 7.02 1.13 19.12
C PHE B 222 6.10 1.32 20.31
N ILE B 223 4.87 1.73 20.03
CA ILE B 223 3.90 1.96 21.09
C ILE B 223 3.68 0.71 21.88
N LYS B 224 3.57 -0.42 21.20
CA LYS B 224 3.37 -1.66 21.92
C LYS B 224 4.51 -2.00 22.84
N PHE B 225 5.74 -1.60 22.53
CA PHE B 225 6.86 -1.88 23.41
C PHE B 225 7.25 -0.75 24.34
N ALA B 226 6.45 0.30 24.42
CA ALA B 226 6.79 1.42 25.27
C ALA B 226 6.28 1.18 26.68
N ARG B 227 7.05 1.59 27.68
CA ARG B 227 6.71 1.41 29.10
C ARG B 227 7.22 2.62 29.86
N VAL B 228 6.64 2.86 31.02
CA VAL B 228 7.12 3.90 31.90
C VAL B 228 7.94 3.27 33.02
N CYS B 229 9.14 3.81 33.28
CA CYS B 229 10.03 3.35 34.33
C CYS B 229 10.59 4.55 35.02
N GLU B 230 11.09 4.35 36.22
CA GLU B 230 11.74 5.39 36.94
C GLU B 230 13.14 5.60 36.40
N VAL B 231 13.47 6.83 36.07
CA VAL B 231 14.81 7.18 35.65
C VAL B 231 15.23 8.42 36.42
N ASP B 232 16.31 8.31 37.20
CA ASP B 232 16.66 9.32 38.20
C ASP B 232 15.46 9.20 39.11
N ASN B 233 14.80 10.28 39.46
CA ASN B 233 13.57 10.17 40.25
C ASN B 233 12.51 10.75 39.38
N GLU B 234 12.47 10.35 38.12
CA GLU B 234 11.42 10.77 37.21
C GLU B 234 10.81 9.53 36.57
N LEU B 235 9.50 9.57 36.34
CA LEU B 235 8.86 8.54 35.53
C LEU B 235 8.95 8.90 34.05
N ARG B 236 9.64 8.06 33.28
CA ARG B 236 9.86 8.29 31.87
C ARG B 236 9.40 7.14 30.99
N ILE B 237 9.12 7.49 29.75
CA ILE B 237 8.87 6.49 28.74
C ILE B 237 10.18 5.83 28.38
N CYS B 238 10.19 4.51 28.43
CA CYS B 238 11.32 3.69 28.04
C CYS B 238 10.92 2.74 26.96
N ALA B 239 11.85 2.50 26.06
CA ALA B 239 11.66 1.57 24.98
C ALA B 239 12.30 0.26 25.32
N ARG B 240 11.76 -0.82 24.77
CA ARG B 240 12.39 -2.12 24.88
C ARG B 240 13.77 -2.04 24.29
N ASP B 241 14.73 -2.70 24.93
CA ASP B 241 16.07 -2.80 24.39
C ASP B 241 16.13 -3.13 22.89
N LYS B 242 15.33 -4.10 22.47
CA LYS B 242 15.36 -4.56 21.10
C LYS B 242 14.95 -3.47 20.10
N GLU B 243 14.31 -2.41 20.55
CA GLU B 243 13.90 -1.35 19.63
C GLU B 243 15.01 -0.33 19.30
N VAL B 244 16.20 -0.46 19.89
CA VAL B 244 17.25 0.52 19.72
C VAL B 244 17.67 0.69 18.24
N GLY B 245 17.81 -0.40 17.52
CA GLY B 245 18.10 -0.33 16.10
C GLY B 245 17.01 0.35 15.30
N ASN B 246 15.76 0.12 15.66
CA ASN B 246 14.67 0.84 15.04
C ASN B 246 14.70 2.33 15.29
N LEU B 247 15.16 2.72 16.46
CA LEU B 247 15.28 4.12 16.78
C LEU B 247 16.39 4.79 15.96
N TYR B 248 17.52 4.11 15.81
CA TYR B 248 18.53 4.61 14.92
C TYR B 248 17.99 4.76 13.48
N ASP B 249 17.26 3.76 13.04
CA ASP B 249 16.62 3.79 11.73
C ASP B 249 15.64 4.94 11.57
N MET B 250 14.88 5.22 12.63
CA MET B 250 13.97 6.32 12.62
C MET B 250 14.69 7.62 12.26
N PHE B 251 15.85 7.88 12.88
CA PHE B 251 16.60 9.11 12.58
C PHE B 251 17.29 9.05 11.24
N HIS B 252 17.71 7.87 10.82
CA HIS B 252 18.23 7.72 9.47
C HIS B 252 17.17 8.11 8.43
N THR B 253 15.95 7.61 8.63
CA THR B 253 14.83 7.92 7.79
C THR B 253 14.58 9.39 7.76
N ARG B 254 14.58 10.02 8.93
CA ARG B 254 14.37 11.48 9.03
C ARG B 254 15.40 12.20 8.17
N ASN B 255 16.65 11.79 8.27
CA ASN B 255 17.68 12.46 7.52
C ASN B 255 17.57 12.19 6.00
N SER B 256 17.17 10.98 5.63
CA SER B 256 16.84 10.64 4.26
C SER B 256 15.75 11.52 3.69
N LEU B 257 14.70 11.70 4.46
CA LEU B 257 13.60 12.50 4.00
C LEU B 257 14.03 13.97 3.86
N HIS B 258 14.88 14.46 4.76
CA HIS B 258 15.38 15.84 4.62
C HIS B 258 16.25 15.98 3.37
N ARG B 259 17.12 15.00 3.14
CA ARG B 259 17.98 15.00 1.97
C ARG B 259 17.20 14.95 0.67
N ARG B 260 16.26 14.00 0.54
CA ARG B 260 15.54 13.81 -0.71
C ARG B 260 14.40 14.79 -0.89
N ALA B 261 13.75 15.21 0.19
CA ALA B 261 12.50 15.99 0.06
C ALA B 261 12.48 17.34 0.74
N TYR B 262 12.63 17.38 2.05
CA TYR B 262 12.41 18.66 2.74
C TYR B 262 13.49 19.73 2.35
N GLN B 263 14.69 19.26 1.98
CA GLN B 263 15.80 20.09 1.53
C GLN B 263 16.13 19.85 0.08
N HIS B 264 15.18 19.33 -0.67
CA HIS B 264 15.38 19.22 -2.10
C HIS B 264 15.86 20.57 -2.64
N LYS B 265 16.90 20.52 -3.46
CA LYS B 265 17.58 21.73 -3.93
C LYS B 265 16.60 22.68 -4.66
N VAL B 266 15.67 22.12 -5.41
CA VAL B 266 14.71 22.95 -6.13
C VAL B 266 13.58 23.42 -5.22
N GLY B 267 13.14 22.55 -4.31
CA GLY B 267 12.11 22.98 -3.39
C GLY B 267 12.59 24.17 -2.58
N ASN B 268 13.84 24.11 -2.17
CA ASN B 268 14.46 25.16 -1.39
C ASN B 268 14.62 26.45 -2.17
N ILE B 269 14.95 26.34 -3.45
CA ILE B 269 15.07 27.54 -4.27
C ILE B 269 13.70 28.19 -4.49
N ILE B 270 12.67 27.40 -4.62
CA ILE B 270 11.32 27.93 -4.76
C ILE B 270 10.90 28.61 -3.48
N ASP B 271 11.22 28.01 -2.33
CA ASP B 271 10.94 28.66 -1.05
C ASP B 271 11.67 30.01 -0.99
N THR B 272 12.88 30.03 -1.52
CA THR B 272 13.72 31.20 -1.48
C THR B 272 13.13 32.27 -2.35
N MET B 273 12.62 31.86 -3.50
CA MET B 273 12.00 32.81 -4.42
C MET B 273 10.72 33.37 -3.78
N ILE B 274 9.93 32.51 -3.13
CA ILE B 274 8.67 32.97 -2.53
C ILE B 274 8.97 33.92 -1.41
N THR B 275 9.99 33.60 -0.63
CA THR B 275 10.41 34.47 0.46
C THR B 275 10.80 35.84 -0.04
N ASP B 276 11.52 35.85 -1.15
CA ASP B 276 11.91 37.08 -1.79
C ASP B 276 10.72 37.91 -2.24
N ALA B 277 9.74 37.24 -2.83
CA ALA B 277 8.51 37.90 -3.25
C ALA B 277 7.75 38.47 -2.02
N PHE B 278 7.73 37.72 -0.92
CA PHE B 278 7.07 38.22 0.29
C PHE B 278 7.77 39.48 0.80
N LEU B 279 9.09 39.50 0.78
CA LEU B 279 9.85 40.68 1.24
C LEU B 279 9.50 41.90 0.40
N LYS B 280 9.38 41.69 -0.90
CA LYS B 280 9.01 42.76 -1.80
C LYS B 280 7.58 43.18 -1.66
N ALA B 281 6.72 42.32 -1.15
CA ALA B 281 5.32 42.66 -0.94
C ALA B 281 5.03 43.14 0.47
N ASP B 282 5.98 42.97 1.38
CA ASP B 282 5.70 43.18 2.80
C ASP B 282 5.21 44.59 3.13
N ASP B 283 5.77 45.60 2.47
CA ASP B 283 5.29 46.98 2.67
C ASP B 283 3.89 47.24 2.23
N TYR B 284 3.42 46.51 1.23
CA TYR B 284 2.18 46.87 0.57
C TYR B 284 0.99 46.03 0.99
N ILE B 285 1.21 44.83 1.49
CA ILE B 285 0.07 43.97 1.83
C ILE B 285 -0.40 44.29 3.25
N GLU B 286 -1.71 44.43 3.41
CA GLU B 286 -2.27 44.76 4.71
C GLU B 286 -3.24 43.69 5.21
N ILE B 287 -3.09 43.31 6.47
CA ILE B 287 -3.86 42.25 7.08
C ILE B 287 -4.51 42.84 8.30
N THR B 288 -5.85 42.76 8.37
CA THR B 288 -6.58 43.43 9.44
C THR B 288 -6.61 42.52 10.65
N GLY B 289 -6.15 43.05 11.77
CA GLY B 289 -6.16 42.33 13.03
C GLY B 289 -7.18 42.89 14.00
N ALA B 290 -6.90 42.71 15.29
CA ALA B 290 -7.81 43.14 16.35
C ALA B 290 -8.03 44.65 16.31
N GLY B 291 -9.29 45.05 16.45
CA GLY B 291 -9.66 46.45 16.48
C GLY B 291 -9.58 47.15 15.13
N GLY B 292 -9.54 46.39 14.04
CA GLY B 292 -9.45 46.98 12.71
C GLY B 292 -8.03 47.48 12.39
N LYS B 293 -7.09 47.21 13.29
CA LYS B 293 -5.72 47.65 13.12
C LYS B 293 -5.06 46.85 11.99
N LYS B 294 -4.15 47.48 11.26
CA LYS B 294 -3.55 46.83 10.10
C LYS B 294 -2.14 46.37 10.34
N TYR B 295 -1.84 45.18 9.80
CA TYR B 295 -0.54 44.57 9.99
C TYR B 295 0.04 44.21 8.65
N ARG B 296 1.33 43.93 8.66
CA ARG B 296 2.00 43.42 7.49
C ARG B 296 2.28 41.94 7.66
N ILE B 297 2.62 41.29 6.56
CA ILE B 297 2.95 39.89 6.59
C ILE B 297 3.91 39.65 7.74
N SER B 298 4.90 40.52 7.86
CA SER B 298 5.95 40.35 8.87
C SER B 298 5.52 40.72 10.28
N THR B 299 4.45 41.49 10.44
CA THR B 299 4.01 41.86 11.79
C THR B 299 2.72 41.19 12.25
N ALA B 300 2.07 40.44 11.34
CA ALA B 300 0.86 39.67 11.68
C ALA B 300 1.11 38.68 12.82
N ILE B 301 2.36 38.22 12.95
CA ILE B 301 2.74 37.42 14.11
C ILE B 301 2.53 38.07 15.47
N ASP B 302 2.38 39.39 15.52
CA ASP B 302 2.13 40.10 16.78
C ASP B 302 0.67 40.10 17.19
N ASP B 303 -0.23 39.81 16.25
CA ASP B 303 -1.65 39.81 16.57
C ASP B 303 -2.31 38.55 16.00
N MET B 304 -2.83 37.71 16.88
CA MET B 304 -3.33 36.41 16.46
C MET B 304 -4.56 36.49 15.57
N GLU B 305 -5.38 37.50 15.77
CA GLU B 305 -6.51 37.74 14.90
C GLU B 305 -6.07 37.99 13.45
N ALA B 306 -4.98 38.73 13.29
CA ALA B 306 -4.38 38.93 11.97
C ALA B 306 -3.70 37.67 11.45
N TYR B 307 -2.96 37.02 12.34
CA TYR B 307 -2.23 35.82 11.95
C TYR B 307 -3.17 34.69 11.53
N THR B 308 -4.37 34.67 12.12
CA THR B 308 -5.41 33.72 11.73
C THR B 308 -5.67 33.77 10.23
N LYS B 309 -5.54 34.95 9.63
CA LYS B 309 -5.85 35.15 8.22
C LYS B 309 -4.62 35.15 7.35
N LEU B 310 -3.48 34.75 7.90
CA LEU B 310 -2.23 34.69 7.14
C LEU B 310 -1.87 33.24 6.78
N THR B 311 -2.09 32.88 5.52
CA THR B 311 -1.93 31.54 5.03
C THR B 311 -1.29 31.55 3.67
N ASP B 312 -1.19 30.38 3.01
CA ASP B 312 -0.66 30.30 1.65
C ASP B 312 -1.40 31.22 0.64
N ASN B 313 -2.62 31.61 0.98
CA ASN B 313 -3.39 32.59 0.21
C ASN B 313 -2.61 33.85 -0.18
N ILE B 314 -1.71 34.28 0.68
CA ILE B 314 -0.93 35.47 0.43
C ILE B 314 -0.12 35.33 -0.90
N PHE B 315 0.39 34.13 -1.17
CA PHE B 315 1.01 33.80 -2.45
C PHE B 315 0.13 34.18 -3.63
N LEU B 316 -1.14 33.78 -3.58
CA LEU B 316 -2.05 34.05 -4.69
C LEU B 316 -2.51 35.49 -4.70
N GLU B 317 -2.67 36.09 -3.52
CA GLU B 317 -3.00 37.50 -3.47
C GLU B 317 -1.93 38.33 -4.20
N ILE B 318 -0.66 38.01 -3.96
CA ILE B 318 0.43 38.64 -4.67
C ILE B 318 0.39 38.32 -6.15
N LEU B 319 0.27 37.05 -6.48
CA LEU B 319 0.29 36.64 -7.89
C LEU B 319 -0.82 37.29 -8.69
N TYR B 320 -2.01 37.41 -8.11
CA TYR B 320 -3.16 37.96 -8.82
C TYR B 320 -3.30 39.46 -8.69
N SER B 321 -2.39 40.11 -7.98
CA SER B 321 -2.48 41.55 -7.75
C SER B 321 -2.33 42.33 -9.05
N THR B 322 -2.92 43.52 -9.10
CA THR B 322 -2.73 44.45 -10.22
C THR B 322 -2.00 45.72 -9.78
N ASP B 323 -1.90 45.93 -8.47
CA ASP B 323 -1.22 47.09 -7.96
C ASP B 323 0.23 47.17 -8.44
N PRO B 324 0.61 48.30 -9.03
CA PRO B 324 1.97 48.46 -9.53
C PRO B 324 3.06 48.38 -8.44
N LYS B 325 2.71 48.70 -7.19
CA LYS B 325 3.67 48.60 -6.09
C LYS B 325 4.15 47.17 -5.91
N LEU B 326 3.26 46.21 -6.23
CA LEU B 326 3.52 44.80 -6.13
C LEU B 326 4.06 44.17 -7.40
N LYS B 327 4.39 44.98 -8.39
CA LYS B 327 4.91 44.44 -9.64
C LYS B 327 6.12 43.52 -9.43
N ASP B 328 7.07 43.95 -8.61
CA ASP B 328 8.33 43.21 -8.44
C ASP B 328 8.13 41.89 -7.76
N ALA B 329 7.28 41.89 -6.74
CA ALA B 329 6.92 40.69 -6.02
C ALA B 329 6.17 39.73 -6.95
N ARG B 330 5.16 40.26 -7.64
CA ARG B 330 4.39 39.52 -8.59
C ARG B 330 5.26 38.94 -9.70
N GLU B 331 6.25 39.67 -10.16
CA GLU B 331 7.14 39.16 -11.22
C GLU B 331 7.91 37.91 -10.81
N ILE B 332 8.35 37.87 -9.56
CA ILE B 332 9.07 36.74 -9.05
C ILE B 332 8.18 35.50 -9.06
N LEU B 333 6.95 35.66 -8.59
CA LEU B 333 6.00 34.54 -8.58
C LEU B 333 5.70 34.10 -10.01
N LYS B 334 5.61 35.03 -10.94
CA LYS B 334 5.33 34.68 -12.33
C LYS B 334 6.46 33.85 -12.90
N GLN B 335 7.67 34.15 -12.49
CA GLN B 335 8.82 33.37 -12.94
C GLN B 335 8.73 31.94 -12.42
N ILE B 336 8.26 31.79 -11.19
CA ILE B 336 8.01 30.44 -10.68
C ILE B 336 7.02 29.64 -11.56
N GLU B 337 5.90 30.24 -11.94
CA GLU B 337 4.92 29.55 -12.81
C GLU B 337 5.47 29.15 -14.15
N TYR B 338 6.37 29.98 -14.72
CA TYR B 338 7.03 29.64 -15.98
C TYR B 338 8.22 28.72 -15.76
N ARG B 339 8.49 28.40 -14.51
CA ARG B 339 9.62 27.57 -14.16
C ARG B 339 10.95 28.23 -14.56
N ASN B 340 11.02 29.57 -14.52
CA ASN B 340 12.28 30.29 -14.76
C ASN B 340 12.89 30.51 -13.43
N LEU B 341 13.47 29.47 -12.89
CA LEU B 341 13.94 29.50 -11.51
C LEU B 341 15.40 29.81 -11.53
N PHE B 342 15.87 30.31 -10.39
CA PHE B 342 17.31 30.44 -10.21
C PHE B 342 17.93 29.03 -10.42
N LYS B 343 19.11 28.94 -11.04
CA LYS B 343 19.71 27.65 -11.41
C LYS B 343 20.65 27.14 -10.37
N TYR B 344 20.48 25.88 -10.02
CA TYR B 344 21.39 25.19 -9.13
C TYR B 344 22.74 25.01 -9.80
N VAL B 345 23.79 25.45 -9.12
CA VAL B 345 25.15 25.33 -9.63
C VAL B 345 25.83 24.09 -9.05
N GLY B 346 25.63 23.87 -7.76
CA GLY B 346 26.25 22.76 -7.08
C GLY B 346 26.14 22.77 -5.55
N GLU B 347 26.73 21.73 -4.96
CA GLU B 347 26.69 21.51 -3.52
C GLU B 347 28.10 21.18 -3.04
N THR B 348 28.42 21.62 -1.84
CA THR B 348 29.71 21.29 -1.23
C THR B 348 29.49 21.25 0.29
N GLN B 349 30.51 20.82 1.01
CA GLN B 349 30.49 20.77 2.47
C GLN B 349 31.79 21.32 3.03
N PRO B 350 31.72 21.94 4.20
CA PRO B 350 32.93 22.29 4.93
C PRO B 350 33.75 21.05 5.33
N THR B 351 35.08 21.18 5.37
CA THR B 351 35.99 20.06 5.65
C THR B 351 36.46 20.05 7.08
N GLY B 352 36.46 18.88 7.68
CA GLY B 352 36.91 18.67 9.05
C GLY B 352 36.26 19.60 10.05
N GLN B 353 37.16 20.39 10.61
CA GLN B 353 36.85 21.30 11.66
C GLN B 353 35.70 22.33 11.26
N ILE B 354 35.65 22.78 10.03
CA ILE B 354 34.95 24.05 9.79
C ILE B 354 33.38 24.02 9.92
N LYS B 355 32.79 25.05 10.54
CA LYS B 355 31.33 25.28 10.58
C LYS B 355 31.05 26.73 10.22
N ILE B 356 29.94 26.99 9.54
CA ILE B 356 29.57 28.34 9.14
C ILE B 356 28.42 28.94 9.96
N LYS B 357 28.67 30.14 10.46
CA LYS B 357 27.78 30.81 11.40
C LYS B 357 26.66 31.50 10.62
N ARG B 358 25.50 31.62 11.24
CA ARG B 358 24.35 32.28 10.61
C ARG B 358 24.68 33.71 10.16
N GLU B 359 25.43 34.43 10.97
CA GLU B 359 25.79 35.83 10.67
C GLU B 359 26.67 35.93 9.42
N ASP B 360 27.47 34.90 9.18
CA ASP B 360 28.30 34.85 7.97
C ASP B 360 27.55 34.56 6.66
N TYR B 361 26.30 34.12 6.74
CA TYR B 361 25.55 33.72 5.54
C TYR B 361 25.48 34.81 4.49
N GLU B 362 25.29 36.05 4.91
CA GLU B 362 25.21 37.20 4.00
C GLU B 362 26.45 37.42 3.15
N SER B 363 27.61 37.15 3.74
CA SER B 363 28.88 37.43 3.07
C SER B 363 29.20 36.40 1.98
N LEU B 364 28.56 35.24 2.03
CA LEU B 364 28.97 34.13 1.19
C LEU B 364 28.82 34.35 -0.32
N PRO B 365 27.71 34.96 -0.76
CA PRO B 365 27.63 35.32 -2.18
C PRO B 365 28.77 36.24 -2.66
N LYS B 366 29.13 37.21 -1.84
CA LYS B 366 30.34 38.02 -2.05
C LYS B 366 31.60 37.16 -2.21
N GLU B 367 31.83 36.19 -1.32
CA GLU B 367 33.00 35.31 -1.42
C GLU B 367 33.06 34.54 -2.73
N VAL B 368 31.92 34.02 -3.17
CA VAL B 368 31.87 33.25 -4.40
C VAL B 368 32.19 34.12 -5.60
N ALA B 369 31.59 35.32 -5.64
CA ALA B 369 31.85 36.30 -6.68
C ALA B 369 33.31 36.77 -6.68
N SER B 370 33.97 36.72 -5.53
CA SER B 370 35.37 37.13 -5.40
C SER B 370 36.40 36.07 -5.82
N ALA B 371 35.94 34.84 -6.05
CA ALA B 371 36.83 33.78 -6.46
C ALA B 371 37.33 34.11 -7.86
N LYS B 372 38.60 33.81 -8.12
CA LYS B 372 39.22 34.17 -9.39
C LYS B 372 39.72 32.90 -10.07
N PRO B 373 38.81 32.20 -10.75
CA PRO B 373 39.20 31.00 -11.46
C PRO B 373 40.14 31.33 -12.63
N LYS B 374 41.18 30.51 -12.82
CA LYS B 374 42.15 30.71 -13.92
C LYS B 374 41.58 30.06 -15.17
N VAL B 375 40.57 30.69 -15.75
CA VAL B 375 39.83 30.17 -16.90
C VAL B 375 39.31 31.35 -17.69
N LEU B 376 39.22 31.21 -19.00
CA LEU B 376 38.68 32.27 -19.82
C LEU B 376 37.16 32.34 -19.68
N LEU B 377 36.64 33.52 -19.34
CA LEU B 377 35.20 33.71 -19.15
C LEU B 377 34.67 34.84 -20.03
N ASP B 378 33.58 34.58 -20.74
CA ASP B 378 32.87 35.64 -21.47
C ASP B 378 32.25 36.68 -20.51
N VAL B 379 31.64 36.21 -19.43
CA VAL B 379 30.88 37.08 -18.53
C VAL B 379 31.46 37.09 -17.11
N LYS B 380 31.26 38.20 -16.41
CA LYS B 380 31.71 38.38 -15.05
C LYS B 380 30.47 38.50 -14.17
N LEU B 381 30.41 37.72 -13.09
CA LEU B 381 29.22 37.69 -12.22
C LEU B 381 29.42 38.48 -10.92
N LYS B 382 28.32 38.93 -10.34
CA LYS B 382 28.31 39.77 -9.14
C LYS B 382 27.70 39.03 -7.96
N ALA B 383 27.99 39.51 -6.76
CA ALA B 383 27.44 38.92 -5.54
C ALA B 383 25.94 38.70 -5.62
N GLU B 384 25.23 39.70 -6.12
CA GLU B 384 23.78 39.64 -6.22
C GLU B 384 23.28 38.55 -7.20
N ASP B 385 24.16 38.05 -8.07
CA ASP B 385 23.83 36.96 -8.98
C ASP B 385 23.84 35.57 -8.34
N PHE B 386 24.39 35.48 -7.13
CA PHE B 386 24.53 34.21 -6.45
C PHE B 386 23.63 34.10 -5.24
N ILE B 387 23.09 32.91 -5.05
CA ILE B 387 22.44 32.51 -3.80
C ILE B 387 23.20 31.35 -3.18
N VAL B 388 23.50 31.49 -1.91
CA VAL B 388 24.19 30.48 -1.17
C VAL B 388 23.30 30.04 -0.03
N ASP B 389 22.86 28.81 -0.04
CA ASP B 389 21.93 28.29 0.97
C ASP B 389 22.71 27.29 1.86
N VAL B 390 22.78 27.58 3.14
CA VAL B 390 23.52 26.74 4.08
C VAL B 390 22.50 25.95 4.90
N ILE B 391 22.61 24.64 4.90
CA ILE B 391 21.62 23.77 5.54
C ILE B 391 22.34 22.92 6.60
N ASN B 392 21.86 23.04 7.83
CA ASN B 392 22.34 22.23 8.93
C ASN B 392 21.57 20.94 8.99
N MET B 393 22.27 19.83 8.79
CA MET B 393 21.66 18.52 8.83
C MET B 393 22.14 17.83 10.08
N ASP B 394 21.20 17.33 10.90
CA ASP B 394 21.57 16.55 12.08
C ASP B 394 20.50 15.51 12.46
N TYR B 395 20.73 14.84 13.60
CA TYR B 395 19.78 13.93 14.22
C TYR B 395 18.87 14.61 15.27
N GLY B 396 18.62 15.90 15.08
CA GLY B 396 17.72 16.64 15.93
C GLY B 396 18.35 17.32 17.13
N MET B 397 19.63 17.05 17.41
CA MET B 397 20.24 17.50 18.66
C MET B 397 21.66 18.00 18.41
N GLN B 398 21.81 18.77 17.34
CA GLN B 398 23.11 19.26 16.89
C GLN B 398 24.11 18.12 16.84
N GLU B 399 25.25 18.23 17.53
CA GLU B 399 26.32 17.21 17.45
C GLU B 399 25.98 15.94 18.24
N LYS B 400 24.97 16.00 19.10
CA LYS B 400 24.68 14.90 20.02
C LYS B 400 23.84 13.79 19.40
N ASN B 401 24.07 12.59 19.90
CA ASN B 401 23.35 11.38 19.50
C ASN B 401 22.11 11.24 20.35
N PRO B 402 20.93 11.40 19.73
CA PRO B 402 19.69 11.34 20.53
C PRO B 402 19.46 10.01 21.24
N ILE B 403 20.00 8.92 20.70
CA ILE B 403 19.83 7.61 21.35
C ILE B 403 20.58 7.53 22.69
N ASP B 404 21.60 8.38 22.90
CA ASP B 404 22.23 8.46 24.20
C ASP B 404 21.30 9.08 25.23
N HIS B 405 20.22 9.69 24.77
CA HIS B 405 19.24 10.32 25.69
C HIS B 405 17.94 9.57 25.70
N VAL B 406 17.99 8.29 25.35
CA VAL B 406 16.88 7.34 25.44
C VAL B 406 17.13 6.29 26.53
N SER B 407 16.05 5.95 27.24
CA SER B 407 16.06 4.94 28.26
C SER B 407 15.38 3.68 27.77
N PHE B 408 15.97 2.54 28.11
CA PHE B 408 15.45 1.28 27.67
C PHE B 408 15.16 0.34 28.85
N TYR B 409 14.40 -0.73 28.57
CA TYR B 409 14.21 -1.77 29.54
C TYR B 409 14.32 -3.11 28.84
N CYS B 410 14.62 -4.14 29.62
N CYS B 410 14.60 -4.15 29.62
CA CYS B 410 14.76 -5.47 29.08
CA CYS B 410 14.75 -5.48 29.10
C CYS B 410 13.64 -6.37 29.59
C CYS B 410 13.62 -6.36 29.59
N LYS B 411 13.37 -7.42 28.83
CA LYS B 411 12.24 -8.33 29.13
C LYS B 411 12.40 -9.01 30.50
N THR B 412 13.64 -9.29 30.90
CA THR B 412 13.92 -9.89 32.20
C THR B 412 13.78 -8.95 33.43
N ALA B 413 13.76 -7.63 33.25
CA ALA B 413 13.53 -6.70 34.37
C ALA B 413 12.85 -5.44 33.88
N PRO B 414 11.53 -5.53 33.65
CA PRO B 414 10.81 -4.47 32.92
C PRO B 414 10.74 -3.13 33.63
N ASN B 415 11.03 -3.11 34.92
CA ASN B 415 10.97 -1.87 35.68
C ASN B 415 12.29 -1.21 35.85
N ARG B 416 13.33 -1.86 35.34
CA ARG B 416 14.68 -1.34 35.45
C ARG B 416 15.14 -0.69 34.14
N ALA B 417 15.26 0.61 34.18
CA ALA B 417 15.68 1.39 33.02
C ALA B 417 17.20 1.24 32.82
N ILE B 418 17.63 1.18 31.58
CA ILE B 418 19.04 1.08 31.24
C ILE B 418 19.39 1.97 30.08
N ARG B 419 20.69 2.14 29.90
CA ARG B 419 21.23 2.90 28.77
C ARG B 419 21.85 1.93 27.81
N ILE B 420 21.82 2.27 26.52
CA ILE B 420 22.50 1.50 25.48
C ILE B 420 23.35 2.43 24.64
N THR B 421 24.66 2.16 24.58
CA THR B 421 25.61 3.02 23.87
C THR B 421 25.66 2.57 22.43
N LYS B 422 26.19 3.43 21.58
CA LYS B 422 26.30 3.17 20.15
C LYS B 422 27.13 1.91 19.88
N ASN B 423 28.18 1.74 20.65
CA ASN B 423 29.05 0.59 20.47
C ASN B 423 28.45 -0.72 20.83
N GLN B 424 27.48 -0.69 21.72
CA GLN B 424 26.67 -1.88 21.98
C GLN B 424 25.70 -2.26 20.84
N VAL B 425 25.50 -1.36 19.88
CA VAL B 425 24.50 -1.60 18.82
C VAL B 425 25.15 -2.00 17.52
N SER B 426 26.03 -1.17 16.99
CA SER B 426 26.61 -1.46 15.65
C SER B 426 27.79 -0.51 15.36
N GLN B 427 28.79 -1.03 14.63
CA GLN B 427 29.87 -0.22 14.07
C GLN B 427 29.49 0.41 12.72
N LEU B 428 28.33 0.05 12.18
CA LEU B 428 27.88 0.61 10.89
C LEU B 428 27.05 1.87 11.07
N LEU B 429 26.99 2.40 12.28
CA LEU B 429 26.25 3.62 12.54
C LEU B 429 27.13 4.83 12.22
N PRO B 430 26.51 6.00 12.15
CA PRO B 430 27.25 7.25 11.93
C PRO B 430 28.24 7.52 13.04
N GLU B 431 29.39 8.11 12.72
CA GLU B 431 30.33 8.56 13.78
C GLU B 431 30.08 10.02 14.14
N LYS B 432 29.41 10.75 13.25
CA LYS B 432 29.00 12.13 13.49
C LYS B 432 27.49 12.24 13.29
N PHE B 433 26.90 13.17 14.01
CA PHE B 433 25.46 13.37 14.00
C PHE B 433 24.99 14.75 13.51
N ALA B 434 25.93 15.61 13.10
CA ALA B 434 25.62 16.91 12.47
C ALA B 434 26.62 17.24 11.36
N GLU B 435 26.15 17.98 10.36
CA GLU B 435 26.96 18.39 9.21
C GLU B 435 26.27 19.56 8.51
N GLN B 436 27.00 20.22 7.62
CA GLN B 436 26.42 21.31 6.83
C GLN B 436 26.55 21.05 5.35
N LEU B 437 25.48 21.40 4.65
CA LEU B 437 25.43 21.36 3.19
C LEU B 437 25.36 22.79 2.72
N ILE B 438 26.11 23.11 1.65
CA ILE B 438 26.11 24.42 1.04
C ILE B 438 25.70 24.27 -0.40
N ARG B 439 24.60 24.90 -0.75
CA ARG B 439 24.13 24.89 -2.13
C ARG B 439 24.33 26.27 -2.70
N VAL B 440 24.80 26.31 -3.95
CA VAL B 440 24.94 27.54 -4.65
C VAL B 440 24.05 27.53 -5.88
N TYR B 441 23.37 28.64 -6.08
CA TYR B 441 22.52 28.87 -7.24
C TYR B 441 22.91 30.19 -7.92
N CYS B 442 22.52 30.34 -9.19
CA CYS B 442 22.75 31.56 -9.95
C CYS B 442 21.46 32.10 -10.48
N LYS B 443 21.23 33.39 -10.30
CA LYS B 443 20.06 34.05 -10.78
C LYS B 443 20.11 34.27 -12.31
N LYS B 444 21.30 34.25 -12.93
CA LYS B 444 21.45 34.40 -14.39
C LYS B 444 21.44 33.02 -14.98
N VAL B 445 20.43 32.74 -15.81
CA VAL B 445 20.15 31.38 -16.22
C VAL B 445 20.71 31.02 -17.61
N ASP B 446 21.27 31.98 -18.36
CA ASP B 446 21.82 31.70 -19.71
C ASP B 446 23.09 30.84 -19.68
N ARG B 447 23.41 30.25 -20.83
CA ARG B 447 24.48 29.27 -20.98
C ARG B 447 25.82 29.75 -20.46
N LYS B 448 26.19 30.93 -20.93
CA LYS B 448 27.48 31.51 -20.60
C LYS B 448 27.54 31.91 -19.14
N SER B 449 26.46 32.47 -18.62
CA SER B 449 26.41 32.80 -17.21
C SER B 449 26.58 31.56 -16.31
N LEU B 450 25.87 30.50 -16.69
CA LEU B 450 25.94 29.22 -16.00
C LEU B 450 27.35 28.67 -15.90
N TYR B 451 28.00 28.65 -17.06
CA TYR B 451 29.33 28.12 -17.18
C TYR B 451 30.29 28.91 -16.28
N ALA B 452 30.13 30.22 -16.26
CA ALA B 452 30.92 31.06 -15.40
C ALA B 452 30.68 30.74 -13.92
N ALA B 453 29.40 30.64 -13.55
CA ALA B 453 28.99 30.34 -12.18
C ALA B 453 29.63 29.05 -11.65
N ARG B 454 29.73 28.06 -12.51
CA ARG B 454 30.36 26.82 -12.15
C ARG B 454 31.84 26.97 -11.85
N GLN B 455 32.52 27.81 -12.64
CA GLN B 455 33.93 28.07 -12.43
C GLN B 455 34.17 28.80 -11.10
N TYR B 456 33.35 29.82 -10.83
CA TYR B 456 33.44 30.55 -9.56
C TYR B 456 33.24 29.62 -8.40
N PHE B 457 32.19 28.81 -8.50
CA PHE B 457 31.80 27.94 -7.44
C PHE B 457 32.90 26.96 -7.08
N VAL B 458 33.43 26.27 -8.09
CA VAL B 458 34.44 25.24 -7.82
C VAL B 458 35.74 25.86 -7.33
N GLN B 459 36.09 27.02 -7.89
CA GLN B 459 37.23 27.76 -7.39
C GLN B 459 37.04 28.14 -5.92
N TRP B 460 35.84 28.59 -5.61
CA TRP B 460 35.53 28.97 -4.25
C TRP B 460 35.67 27.79 -3.30
N CYS B 461 35.15 26.63 -3.71
CA CYS B 461 35.28 25.42 -2.92
C CYS B 461 36.76 25.11 -2.65
N ALA B 462 37.57 25.18 -3.70
CA ALA B 462 39.01 24.97 -3.59
C ALA B 462 39.67 25.99 -2.65
N ASP B 463 39.39 27.26 -2.87
CA ASP B 463 39.97 28.34 -2.04
C ASP B 463 39.64 28.11 -0.58
N ARG B 464 38.45 27.60 -0.30
CA ARG B 464 38.00 27.45 1.08
C ARG B 464 38.25 26.07 1.64
N ASN B 465 38.83 25.19 0.83
CA ASN B 465 39.14 23.84 1.24
C ASN B 465 37.85 23.10 1.62
N PHE B 466 36.79 23.34 0.85
CA PHE B 466 35.56 22.59 0.97
C PHE B 466 35.67 21.30 0.19
N THR B 467 34.65 20.43 0.27
CA THR B 467 34.68 19.19 -0.44
C THR B 467 34.51 19.41 -1.92
N LYS B 468 35.11 18.54 -2.68
CA LYS B 468 35.00 18.61 -4.13
C LYS B 468 33.57 18.29 -4.53
N PRO B 469 32.89 19.22 -5.20
CA PRO B 469 31.58 18.89 -5.75
C PRO B 469 31.61 17.61 -6.58
N GLN B 470 30.53 16.85 -6.50
CA GLN B 470 30.49 15.54 -7.10
C GLN B 470 30.75 15.57 -8.57
N ASP B 471 30.29 16.60 -9.25
CA ASP B 471 30.48 16.74 -10.71
C ASP B 471 31.60 17.71 -11.06
N GLY B 472 32.43 18.03 -10.07
CA GLY B 472 33.48 19.03 -10.23
C GLY B 472 34.38 18.86 -11.45
N ASP B 473 34.80 17.64 -11.72
CA ASP B 473 35.66 17.38 -12.86
C ASP B 473 34.96 17.57 -14.19
N VAL B 474 33.65 17.46 -14.20
CA VAL B 474 32.89 17.67 -15.41
C VAL B 474 32.59 19.16 -15.59
N ILE B 475 32.15 19.83 -14.56
CA ILE B 475 31.72 21.22 -14.72
C ILE B 475 32.88 22.20 -14.75
N ALA B 476 34.02 21.80 -14.17
CA ALA B 476 35.18 22.70 -14.03
C ALA B 476 36.47 21.90 -14.13
N PRO B 477 36.69 21.28 -15.30
CA PRO B 477 37.87 20.42 -15.53
C PRO B 477 39.20 21.16 -15.42
N LEU B 478 39.17 22.47 -15.65
CA LEU B 478 40.38 23.29 -15.52
C LEU B 478 40.72 23.58 -14.06
N ILE B 479 39.72 23.57 -13.17
CA ILE B 479 39.92 24.04 -11.80
C ILE B 479 40.35 22.90 -10.89
N THR B 480 39.69 21.76 -11.02
CA THR B 480 39.87 20.63 -10.10
C THR B 480 41.32 20.11 -10.01
N PRO B 481 42.08 20.15 -11.13
CA PRO B 481 43.48 19.74 -11.07
C PRO B 481 44.38 20.53 -10.08
N GLN B 482 44.11 21.81 -9.88
CA GLN B 482 44.93 22.64 -8.98
C GLN B 482 44.96 22.11 -7.55
N LYS B 483 43.84 21.56 -7.09
CA LYS B 483 43.73 21.09 -5.73
C LYS B 483 44.25 19.65 -5.66
N LYS B 484 45.34 19.48 -4.92
CA LYS B 484 46.02 18.18 -4.85
C LYS B 484 45.17 17.13 -4.16
N GLU B 485 44.52 17.54 -3.08
CA GLU B 485 43.64 16.69 -2.27
C GLU B 485 42.56 16.01 -3.13
N TRP B 486 41.98 16.78 -4.03
CA TRP B 486 40.94 16.28 -4.91
C TRP B 486 41.47 15.29 -5.96
N ASN B 487 42.73 15.46 -6.40
CA ASN B 487 43.43 14.64 -7.43
C ASN B 487 43.85 15.49 -8.61
N ASP C 1 4.54 -18.56 30.47
CA ASP C 1 3.64 -17.86 29.53
C ASP C 1 3.52 -16.37 29.79
N THR C 2 3.81 -15.55 28.77
CA THR C 2 3.29 -14.19 28.75
C THR C 2 2.72 -13.92 27.36
N MET C 3 2.07 -12.78 27.30
CA MET C 3 1.50 -12.24 26.12
C MET C 3 2.57 -12.05 25.01
N LYS C 4 2.23 -12.37 23.76
CA LYS C 4 3.13 -12.32 22.61
C LYS C 4 2.65 -11.30 21.58
N VAL C 5 3.59 -10.66 20.93
CA VAL C 5 3.32 -9.72 19.87
C VAL C 5 3.84 -10.34 18.56
N ILE C 6 3.01 -10.25 17.54
CA ILE C 6 3.38 -10.79 16.26
C ILE C 6 3.06 -9.85 15.13
N ASN C 7 4.01 -9.71 14.20
CA ASN C 7 3.84 -8.81 13.10
C ASN C 7 3.19 -9.48 11.93
N ASP C 8 1.97 -9.07 11.66
CA ASP C 8 1.25 -9.51 10.50
C ASP C 8 1.23 -8.42 9.47
N PRO C 9 1.51 -8.76 8.20
CA PRO C 9 1.50 -7.73 7.18
C PRO C 9 0.13 -7.10 6.91
N ILE C 10 -0.96 -7.76 7.28
CA ILE C 10 -2.26 -7.22 7.05
C ILE C 10 -2.65 -6.35 8.22
N HIS C 11 -2.47 -6.81 9.44
CA HIS C 11 -3.02 -6.14 10.60
C HIS C 11 -2.00 -5.41 11.42
N GLY C 12 -0.72 -5.55 11.09
CA GLY C 12 0.34 -4.95 11.88
C GLY C 12 0.64 -5.81 13.08
N HIS C 13 1.08 -5.17 14.15
CA HIS C 13 1.48 -5.85 15.35
C HIS C 13 0.29 -6.20 16.20
N ILE C 14 0.06 -7.48 16.41
CA ILE C 14 -1.10 -7.93 17.14
C ILE C 14 -0.63 -8.67 18.42
N GLU C 15 -1.37 -8.48 19.50
CA GLU C 15 -1.09 -9.06 20.77
C GLU C 15 -1.86 -10.34 20.91
N LEU C 16 -1.19 -11.38 21.41
CA LEU C 16 -1.79 -12.64 21.69
C LEU C 16 -1.67 -13.04 23.15
N HIS C 17 -2.82 -13.25 23.75
CA HIS C 17 -2.91 -13.63 25.13
C HIS C 17 -2.23 -14.99 25.28
N PRO C 18 -1.59 -15.24 26.41
CA PRO C 18 -0.79 -16.48 26.61
C PRO C 18 -1.57 -17.76 26.38
N LEU C 19 -2.83 -17.78 26.75
CA LEU C 19 -3.68 -18.94 26.42
C LEU C 19 -3.76 -19.20 24.92
N LEU C 20 -3.89 -18.14 24.16
CA LEU C 20 -3.95 -18.31 22.72
C LEU C 20 -2.61 -18.82 22.18
N VAL C 21 -1.52 -18.32 22.75
CA VAL C 21 -0.19 -18.81 22.37
C VAL C 21 -0.03 -20.33 22.65
N ARG C 22 -0.53 -20.78 23.79
CA ARG C 22 -0.51 -22.18 24.11
C ARG C 22 -1.28 -23.01 23.09
N ILE C 23 -2.42 -22.51 22.64
CA ILE C 23 -3.17 -23.20 21.63
C ILE C 23 -2.43 -23.23 20.28
N ILE C 24 -1.79 -22.13 19.93
CA ILE C 24 -1.09 -21.98 18.66
C ILE C 24 0.12 -22.89 18.60
N ASP C 25 0.83 -23.01 19.71
CA ASP C 25 2.06 -23.79 19.73
C ASP C 25 1.79 -25.28 20.01
N THR C 26 1.00 -25.84 19.10
CA THR C 26 0.67 -27.24 19.10
C THR C 26 0.78 -27.77 17.69
N PRO C 27 1.05 -29.08 17.56
CA PRO C 27 1.10 -29.66 16.22
C PRO C 27 -0.21 -29.49 15.47
N GLN C 28 -1.31 -29.45 16.20
CA GLN C 28 -2.65 -29.38 15.54
C GLN C 28 -2.88 -28.04 14.88
N PHE C 29 -2.29 -27.01 15.47
CA PHE C 29 -2.40 -25.68 14.94
C PHE C 29 -1.33 -25.38 13.90
N GLN C 30 -0.12 -25.76 14.21
CA GLN C 30 1.02 -25.45 13.36
C GLN C 30 0.93 -26.14 12.02
N ARG C 31 0.18 -27.20 12.00
CA ARG C 31 -0.23 -27.90 10.79
C ARG C 31 -0.71 -26.96 9.68
N LEU C 32 -1.43 -25.90 10.07
CA LEU C 32 -1.99 -24.97 9.13
C LEU C 32 -0.97 -24.20 8.36
N ARG C 33 0.28 -24.23 8.80
CA ARG C 33 1.34 -23.64 8.04
C ARG C 33 1.58 -24.37 6.68
N TYR C 34 1.08 -25.59 6.57
CA TYR C 34 1.38 -26.46 5.44
C TYR C 34 0.13 -26.70 4.60
N ILE C 35 -0.85 -25.82 4.71
CA ILE C 35 -2.02 -25.83 3.86
C ILE C 35 -2.31 -24.48 3.20
N LYS C 36 -2.16 -24.41 1.89
CA LYS C 36 -2.37 -23.14 1.18
C LYS C 36 -3.83 -22.72 1.28
N GLN C 37 -3.99 -21.46 1.55
CA GLN C 37 -5.31 -20.85 1.70
C GLN C 37 -6.12 -21.06 0.45
N LEU C 38 -5.49 -20.80 -0.69
CA LEU C 38 -6.20 -20.85 -1.98
C LEU C 38 -5.92 -22.09 -2.82
N GLY C 39 -5.20 -23.08 -2.23
CA GLY C 39 -4.92 -24.34 -2.90
C GLY C 39 -4.26 -24.17 -4.25
N GLY C 40 -4.89 -24.68 -5.28
CA GLY C 40 -4.42 -24.53 -6.64
C GLY C 40 -4.33 -23.13 -7.21
N GLY C 41 -4.96 -22.16 -6.55
CA GLY C 41 -4.82 -20.75 -6.92
C GLY C 41 -3.39 -20.25 -6.94
N TYR C 42 -2.50 -20.83 -6.13
CA TYR C 42 -1.09 -20.45 -6.13
C TYR C 42 -0.46 -20.72 -7.49
N TYR C 43 -1.03 -21.70 -8.20
CA TYR C 43 -0.54 -22.10 -9.51
C TYR C 43 -1.06 -21.18 -10.63
N VAL C 44 -1.88 -20.19 -10.24
CA VAL C 44 -2.34 -19.14 -11.17
C VAL C 44 -1.90 -17.74 -10.72
N PHE C 45 -1.97 -17.51 -9.40
CA PHE C 45 -1.53 -16.26 -8.83
C PHE C 45 -0.34 -16.56 -7.96
N PRO C 46 0.84 -16.23 -8.45
CA PRO C 46 2.05 -16.61 -7.72
C PRO C 46 2.27 -15.90 -6.38
N GLY C 47 1.58 -14.79 -6.16
CA GLY C 47 1.62 -14.13 -4.85
C GLY C 47 0.88 -14.87 -3.75
N ALA C 48 -0.04 -15.78 -4.14
CA ALA C 48 -0.90 -16.53 -3.22
C ALA C 48 -0.19 -17.76 -2.61
N SER C 49 0.93 -17.47 -1.96
CA SER C 49 1.74 -18.46 -1.25
C SER C 49 1.19 -18.67 0.18
N HIS C 50 0.28 -17.82 0.62
CA HIS C 50 -0.13 -17.83 2.00
C HIS C 50 -0.93 -19.12 2.40
N ASN C 51 -0.75 -19.46 3.68
CA ASN C 51 -1.35 -20.61 4.27
C ASN C 51 -2.40 -20.26 5.29
N ARG C 52 -3.13 -21.28 5.69
CA ARG C 52 -4.26 -21.11 6.58
C ARG C 52 -3.86 -20.61 7.91
N PHE C 53 -2.62 -20.89 8.30
CA PHE C 53 -2.06 -20.50 9.63
C PHE C 53 -2.20 -19.01 9.84
N GLU C 54 -1.65 -18.24 8.93
CA GLU C 54 -1.60 -16.81 9.12
C GLU C 54 -3.01 -16.22 8.98
N HIS C 55 -3.86 -16.83 8.18
CA HIS C 55 -5.24 -16.39 8.10
C HIS C 55 -5.93 -16.57 9.44
N SER C 56 -5.64 -17.70 10.09
CA SER C 56 -6.24 -18.02 11.36
C SER C 56 -5.85 -17.04 12.45
N LEU C 57 -4.59 -16.64 12.49
CA LEU C 57 -4.18 -15.55 13.36
C LEU C 57 -4.98 -14.29 13.11
N GLY C 58 -5.11 -13.91 11.86
CA GLY C 58 -5.90 -12.74 11.54
C GLY C 58 -7.37 -12.82 11.98
N VAL C 59 -7.99 -13.99 11.82
CA VAL C 59 -9.37 -14.14 12.17
C VAL C 59 -9.54 -14.00 13.67
N GLY C 60 -8.63 -14.64 14.40
CA GLY C 60 -8.61 -14.57 15.87
C GLY C 60 -8.43 -13.13 16.34
N TYR C 61 -7.58 -12.39 15.68
CA TYR C 61 -7.35 -11.01 16.07
C TYR C 61 -8.57 -10.14 15.85
N LEU C 62 -9.15 -10.23 14.67
CA LEU C 62 -10.29 -9.43 14.35
C LEU C 62 -11.47 -9.80 15.23
N ALA C 63 -11.60 -11.08 15.58
CA ALA C 63 -12.66 -11.49 16.47
C ALA C 63 -12.55 -10.78 17.79
N GLY C 64 -11.33 -10.75 18.31
CA GLY C 64 -11.00 -9.95 19.48
C GLY C 64 -11.33 -8.48 19.32
N CYS C 65 -10.97 -7.87 18.17
CA CYS C 65 -11.23 -6.44 17.97
C CYS C 65 -12.72 -6.13 18.05
N LEU C 66 -13.54 -6.95 17.43
CA LEU C 66 -14.94 -6.66 17.37
C LEU C 66 -15.58 -6.82 18.75
N VAL C 67 -15.27 -7.90 19.45
CA VAL C 67 -15.84 -8.10 20.76
C VAL C 67 -15.36 -7.05 21.73
N HIS C 68 -14.09 -6.68 21.69
CA HIS C 68 -13.57 -5.55 22.54
C HIS C 68 -14.34 -4.27 22.25
N ALA C 69 -14.51 -3.99 20.97
CA ALA C 69 -15.20 -2.73 20.60
C ALA C 69 -16.62 -2.68 21.16
N LEU C 70 -17.37 -3.79 21.02
CA LEU C 70 -18.69 -3.84 21.53
C LEU C 70 -18.72 -3.63 23.06
N GLY C 71 -17.80 -4.27 23.76
CA GLY C 71 -17.70 -4.13 25.19
C GLY C 71 -17.41 -2.71 25.65
N GLU C 72 -16.47 -2.02 24.99
CA GLU C 72 -16.14 -0.64 25.30
C GLU C 72 -17.32 0.28 25.14
N LYS C 73 -17.99 0.16 24.02
CA LYS C 73 -19.13 1.00 23.68
C LYS C 73 -20.36 0.71 24.52
N GLN C 74 -20.58 -0.54 24.88
CA GLN C 74 -21.79 -0.94 25.60
C GLN C 74 -21.47 -1.86 26.78
N PRO C 75 -20.95 -1.28 27.89
CA PRO C 75 -20.66 -2.01 29.11
C PRO C 75 -21.86 -2.84 29.60
N GLU C 76 -23.08 -2.34 29.33
CA GLU C 76 -24.31 -3.00 29.81
C GLU C 76 -24.49 -4.37 29.20
N LEU C 77 -23.76 -4.69 28.13
CA LEU C 77 -23.75 -6.04 27.58
C LEU C 77 -23.07 -7.06 28.47
N GLN C 78 -22.24 -6.60 29.40
CA GLN C 78 -21.61 -7.48 30.38
C GLN C 78 -20.66 -8.46 29.69
N ILE C 79 -20.00 -8.01 28.65
CA ILE C 79 -18.97 -8.83 28.03
C ILE C 79 -17.79 -8.97 28.99
N SER C 80 -17.38 -10.21 29.22
CA SER C 80 -16.30 -10.53 30.13
C SER C 80 -15.01 -10.89 29.41
N GLU C 81 -13.87 -10.85 30.11
CA GLU C 81 -12.63 -11.29 29.48
C GLU C 81 -12.74 -12.76 29.02
N ARG C 82 -13.44 -13.53 29.80
CA ARG C 82 -13.75 -14.88 29.43
C ARG C 82 -14.48 -14.99 28.07
N ASP C 83 -15.50 -14.15 27.87
CA ASP C 83 -16.16 -14.04 26.56
C ASP C 83 -15.16 -13.68 25.43
N VAL C 84 -14.33 -12.70 25.68
CA VAL C 84 -13.34 -12.25 24.71
C VAL C 84 -12.39 -13.37 24.30
N LEU C 85 -11.85 -14.08 25.28
CA LEU C 85 -10.96 -15.17 24.95
C LEU C 85 -11.65 -16.32 24.20
N CYS C 86 -12.88 -16.64 24.58
CA CYS C 86 -13.63 -17.70 23.87
C CYS C 86 -13.89 -17.35 22.44
N VAL C 87 -14.19 -16.09 22.20
CA VAL C 87 -14.42 -15.61 20.83
C VAL C 87 -13.13 -15.64 20.03
N GLN C 88 -12.02 -15.20 20.65
CA GLN C 88 -10.75 -15.24 19.98
C GLN C 88 -10.33 -16.64 19.64
N ILE C 89 -10.53 -17.56 20.59
CA ILE C 89 -10.16 -18.96 20.33
C ILE C 89 -10.95 -19.54 19.16
N ALA C 90 -12.26 -19.30 19.15
CA ALA C 90 -13.11 -19.76 18.02
C ALA C 90 -12.64 -19.15 16.70
N GLY C 91 -12.29 -17.85 16.73
CA GLY C 91 -11.68 -17.24 15.54
C GLY C 91 -10.41 -17.93 15.08
N LEU C 92 -9.48 -18.15 16.02
CA LEU C 92 -8.22 -18.88 15.71
C LEU C 92 -8.42 -20.24 15.16
N CYS C 93 -9.45 -20.95 15.67
CA CYS C 93 -9.57 -22.39 15.44
C CYS C 93 -10.61 -22.80 14.41
N ARG C 94 -11.27 -21.84 13.84
CA ARG C 94 -12.30 -22.08 12.86
C ARG C 94 -11.78 -22.77 11.56
N ASN C 95 -10.54 -22.57 11.27
CA ASN C 95 -9.95 -23.17 10.09
C ASN C 95 -9.18 -24.46 10.37
N LEU C 96 -9.22 -24.97 11.62
CA LEU C 96 -8.44 -26.14 11.98
C LEU C 96 -8.74 -27.40 11.17
N GLY C 97 -9.96 -27.47 10.66
CA GLY C 97 -10.44 -28.66 9.95
C GLY C 97 -10.12 -28.75 8.46
N HIS C 98 -9.58 -27.70 7.87
CA HIS C 98 -9.19 -27.78 6.47
C HIS C 98 -8.11 -28.84 6.20
N GLY C 99 -8.22 -29.42 5.02
CA GLY C 99 -7.33 -30.44 4.58
C GLY C 99 -6.49 -29.92 3.45
N PRO C 100 -5.71 -30.81 2.79
CA PRO C 100 -4.77 -30.40 1.75
C PRO C 100 -5.45 -29.52 0.70
N PHE C 101 -4.83 -28.40 0.39
CA PHE C 101 -5.34 -27.46 -0.62
C PHE C 101 -6.71 -26.85 -0.28
N SER C 102 -7.02 -26.82 1.02
CA SER C 102 -8.22 -26.22 1.55
C SER C 102 -9.49 -26.77 0.91
N HIS C 103 -10.20 -25.94 0.16
CA HIS C 103 -11.53 -26.30 -0.33
C HIS C 103 -11.51 -27.42 -1.35
N MET C 104 -10.36 -27.66 -1.94
CA MET C 104 -10.23 -28.81 -2.80
C MET C 104 -10.61 -30.10 -2.07
N PHE C 105 -10.13 -30.20 -0.84
CA PHE C 105 -10.19 -31.45 -0.11
C PHE C 105 -11.64 -31.81 0.25
N ASP C 106 -12.30 -30.85 0.86
CA ASP C 106 -13.69 -30.81 1.23
C ASP C 106 -14.63 -30.84 0.05
N GLY C 107 -14.28 -30.02 -0.93
CA GLY C 107 -15.18 -29.67 -2.00
C GLY C 107 -15.12 -30.63 -3.16
N ARG C 108 -13.96 -31.24 -3.37
CA ARG C 108 -13.77 -32.11 -4.52
C ARG C 108 -13.40 -33.52 -4.10
N PHE C 109 -12.35 -33.69 -3.31
CA PHE C 109 -11.79 -35.01 -3.09
C PHE C 109 -12.69 -35.93 -2.22
N ILE C 110 -13.10 -35.48 -1.05
CA ILE C 110 -13.85 -36.32 -0.19
C ILE C 110 -15.20 -36.76 -0.79
N PRO C 111 -15.94 -35.83 -1.41
CA PRO C 111 -17.18 -36.20 -2.09
C PRO C 111 -17.02 -37.35 -3.08
N LEU C 112 -15.90 -37.37 -3.80
CA LEU C 112 -15.59 -38.41 -4.78
C LEU C 112 -15.01 -39.67 -4.16
N ALA C 113 -14.12 -39.53 -3.20
CA ALA C 113 -13.50 -40.67 -2.54
C ALA C 113 -14.42 -41.38 -1.56
N ARG C 114 -15.24 -40.62 -0.83
CA ARG C 114 -16.18 -41.17 0.15
C ARG C 114 -17.55 -40.53 0.03
N PRO C 115 -18.30 -40.95 -0.99
CA PRO C 115 -19.64 -40.41 -1.26
C PRO C 115 -20.63 -40.74 -0.15
N GLU C 116 -20.44 -41.87 0.53
CA GLU C 116 -21.33 -42.24 1.69
C GLU C 116 -21.29 -41.20 2.77
N VAL C 117 -20.08 -40.71 3.04
CA VAL C 117 -19.90 -39.81 4.17
C VAL C 117 -20.33 -38.39 3.80
N LYS C 118 -20.76 -37.64 4.80
CA LYS C 118 -20.94 -36.21 4.68
C LYS C 118 -19.94 -35.50 5.60
N TRP C 119 -19.02 -34.72 5.02
CA TRP C 119 -17.88 -34.14 5.76
C TRP C 119 -17.67 -32.72 5.33
N THR C 120 -17.34 -31.87 6.28
CA THR C 120 -17.02 -30.46 6.00
C THR C 120 -15.84 -30.10 6.85
N HIS C 121 -15.09 -29.13 6.39
CA HIS C 121 -13.99 -28.59 7.19
C HIS C 121 -14.47 -28.09 8.54
N GLU C 122 -15.69 -27.55 8.61
CA GLU C 122 -16.24 -27.05 9.88
C GLU C 122 -16.30 -28.16 10.92
N GLN C 123 -16.84 -29.32 10.54
CA GLN C 123 -16.84 -30.48 11.40
C GLN C 123 -15.42 -30.91 11.76
N GLY C 124 -14.54 -30.90 10.78
CA GLY C 124 -13.12 -31.14 11.06
C GLY C 124 -12.53 -30.21 12.09
N SER C 125 -12.92 -28.94 12.04
CA SER C 125 -12.34 -27.94 12.95
C SER C 125 -12.71 -28.29 14.39
N VAL C 126 -13.95 -28.71 14.58
CA VAL C 126 -14.45 -29.09 15.89
C VAL C 126 -13.73 -30.34 16.42
N MET C 127 -13.58 -31.34 15.57
CA MET C 127 -12.88 -32.55 15.93
C MET C 127 -11.42 -32.29 16.21
N MET C 128 -10.78 -31.49 15.35
CA MET C 128 -9.39 -31.09 15.59
C MET C 128 -9.22 -30.29 16.86
N PHE C 129 -10.19 -29.41 17.11
CA PHE C 129 -10.14 -28.61 18.27
C PHE C 129 -10.15 -29.47 19.56
N GLU C 130 -11.00 -30.48 19.57
CA GLU C 130 -11.12 -31.41 20.69
C GLU C 130 -9.81 -32.15 20.86
N HIS C 131 -9.29 -32.64 19.76
CA HIS C 131 -8.06 -33.37 19.77
C HIS C 131 -6.91 -32.48 20.31
N LEU C 132 -6.88 -31.23 19.85
CA LEU C 132 -5.86 -30.28 20.26
C LEU C 132 -5.92 -30.07 21.76
N ILE C 133 -7.10 -29.77 22.27
CA ILE C 133 -7.29 -29.54 23.69
C ILE C 133 -6.85 -30.75 24.54
N ASN C 134 -7.28 -31.96 24.16
CA ASN C 134 -7.05 -33.16 24.97
C ASN C 134 -5.62 -33.63 24.86
N SER C 135 -5.06 -33.58 23.66
CA SER C 135 -3.66 -33.95 23.46
C SER C 135 -2.67 -33.05 24.17
N ASN C 136 -3.00 -31.80 24.45
CA ASN C 136 -2.01 -30.83 24.93
C ASN C 136 -2.32 -30.25 26.32
N GLY C 137 -3.27 -30.86 27.03
CA GLY C 137 -3.61 -30.46 28.37
C GLY C 137 -4.00 -29.02 28.46
N ILE C 138 -4.76 -28.54 27.49
CA ILE C 138 -5.21 -27.16 27.48
C ILE C 138 -6.29 -26.82 28.51
N LYS C 139 -7.17 -27.75 28.85
CA LYS C 139 -8.25 -27.46 29.83
C LYS C 139 -7.78 -26.83 31.15
N PRO C 140 -6.76 -27.41 31.77
CA PRO C 140 -6.20 -26.77 32.96
C PRO C 140 -5.76 -25.33 32.73
N VAL C 141 -5.16 -25.09 31.56
CA VAL C 141 -4.67 -23.73 31.21
C VAL C 141 -5.86 -22.77 31.02
N MET C 142 -6.95 -23.27 30.46
CA MET C 142 -8.16 -22.48 30.37
C MET C 142 -8.70 -22.07 31.72
N GLU C 143 -8.73 -23.00 32.67
CA GLU C 143 -9.23 -22.65 34.01
C GLU C 143 -8.32 -21.62 34.65
N GLN C 144 -7.01 -21.76 34.44
CA GLN C 144 -6.04 -20.83 34.99
C GLN C 144 -6.36 -19.39 34.62
N TYR C 145 -6.91 -19.19 33.43
CA TYR C 145 -7.24 -17.85 32.95
C TYR C 145 -8.71 -17.51 33.08
N GLY C 146 -9.44 -18.27 33.88
CA GLY C 146 -10.81 -17.90 34.22
C GLY C 146 -11.87 -18.49 33.34
N LEU C 147 -11.51 -19.40 32.43
CA LEU C 147 -12.52 -20.02 31.62
C LEU C 147 -13.08 -21.21 32.34
N ILE C 148 -14.30 -21.58 31.95
CA ILE C 148 -14.98 -22.79 32.45
C ILE C 148 -15.11 -23.79 31.29
N PRO C 149 -14.16 -24.76 31.18
CA PRO C 149 -14.05 -25.65 30.02
C PRO C 149 -15.33 -26.32 29.52
N GLU C 150 -16.17 -26.77 30.41
CA GLU C 150 -17.34 -27.50 29.96
C GLU C 150 -18.18 -26.57 29.09
N GLU C 151 -18.56 -25.40 29.63
CA GLU C 151 -19.39 -24.44 28.92
C GLU C 151 -18.65 -23.84 27.77
N ASP C 152 -17.37 -23.48 27.99
CA ASP C 152 -16.66 -22.66 27.06
C ASP C 152 -16.19 -23.44 25.86
N ILE C 153 -15.83 -24.69 26.06
CA ILE C 153 -15.51 -25.54 24.92
C ILE C 153 -16.76 -25.75 24.06
N CYS C 154 -17.88 -25.93 24.70
CA CYS C 154 -19.11 -26.05 23.95
C CYS C 154 -19.37 -24.76 23.15
N PHE C 155 -19.24 -23.62 23.83
CA PHE C 155 -19.43 -22.32 23.22
C PHE C 155 -18.51 -22.14 21.98
N ILE C 156 -17.25 -22.49 22.12
CA ILE C 156 -16.28 -22.38 21.04
C ILE C 156 -16.66 -23.25 19.85
N LYS C 157 -17.07 -24.48 20.12
CA LYS C 157 -17.47 -25.39 19.06
C LYS C 157 -18.71 -24.88 18.38
N GLU C 158 -19.63 -24.33 19.16
CA GLU C 158 -20.89 -23.82 18.61
C GLU C 158 -20.64 -22.65 17.71
N GLN C 159 -19.64 -21.82 18.07
CA GLN C 159 -19.27 -20.67 17.25
C GLN C 159 -18.78 -21.09 15.87
N ILE C 160 -18.12 -22.24 15.80
CA ILE C 160 -17.56 -22.71 14.55
C ILE C 160 -18.58 -23.43 13.69
N VAL C 161 -19.38 -24.27 14.31
CA VAL C 161 -20.20 -25.20 13.56
C VAL C 161 -21.72 -25.00 13.77
N GLY C 162 -22.13 -24.11 14.67
CA GLY C 162 -23.54 -23.92 14.98
C GLY C 162 -23.98 -24.83 16.10
N PRO C 163 -25.30 -24.89 16.38
CA PRO C 163 -25.81 -25.78 17.45
C PRO C 163 -25.45 -27.24 17.25
N LEU C 164 -25.10 -27.92 18.34
CA LEU C 164 -24.87 -29.36 18.34
C LEU C 164 -26.15 -30.08 18.85
N LEU C 172 -36.97 -22.66 20.16
CA LEU C 172 -36.19 -22.39 21.35
C LEU C 172 -34.81 -21.76 21.01
N TRP C 173 -34.15 -21.18 22.01
CA TRP C 173 -32.75 -20.79 21.89
C TRP C 173 -32.00 -22.11 21.82
N PRO C 174 -31.35 -22.40 20.68
CA PRO C 174 -30.73 -23.72 20.47
C PRO C 174 -29.29 -23.93 21.03
N TYR C 175 -28.65 -22.88 21.54
CA TYR C 175 -27.26 -22.94 21.98
C TYR C 175 -27.17 -23.20 23.48
N LYS C 176 -26.14 -23.90 23.88
CA LYS C 176 -25.87 -24.20 25.27
C LYS C 176 -24.66 -23.45 25.84
N GLY C 177 -23.72 -23.02 25.00
CA GLY C 177 -22.49 -22.39 25.51
C GLY C 177 -22.69 -21.00 26.10
N ARG C 178 -23.70 -20.28 25.64
CA ARG C 178 -24.05 -18.98 26.18
C ARG C 178 -25.56 -18.79 26.01
N PRO C 179 -26.16 -17.95 26.85
CA PRO C 179 -27.59 -17.64 26.77
C PRO C 179 -27.98 -16.55 25.79
N GLU C 180 -29.29 -16.34 25.62
CA GLU C 180 -29.84 -15.41 24.62
C GLU C 180 -29.33 -13.98 24.73
N ASN C 181 -29.09 -13.56 25.96
CA ASN C 181 -28.51 -12.21 26.21
C ASN C 181 -27.11 -12.03 25.63
N LYS C 182 -26.40 -13.12 25.39
CA LYS C 182 -25.11 -13.07 24.73
C LYS C 182 -25.15 -13.58 23.28
N SER C 183 -26.34 -13.58 22.68
CA SER C 183 -26.54 -14.09 21.32
C SER C 183 -25.63 -13.45 20.28
N PHE C 184 -25.37 -12.17 20.45
CA PHE C 184 -24.52 -11.41 19.52
C PHE C 184 -23.10 -11.99 19.40
N LEU C 185 -22.63 -12.67 20.42
CA LEU C 185 -21.29 -13.26 20.35
C LEU C 185 -21.16 -14.36 19.27
N TYR C 186 -22.25 -15.01 18.96
CA TYR C 186 -22.29 -16.06 17.92
C TYR C 186 -22.25 -15.51 16.53
N GLU C 187 -22.31 -14.19 16.40
CA GLU C 187 -22.34 -13.50 15.11
C GLU C 187 -20.95 -13.02 14.68
N ILE C 188 -19.93 -13.26 15.50
CA ILE C 188 -18.61 -12.68 15.27
C ILE C 188 -17.70 -13.57 14.40
N VAL C 189 -17.59 -14.85 14.75
CA VAL C 189 -16.65 -15.72 14.08
C VAL C 189 -17.25 -16.38 12.83
N SER C 190 -18.44 -16.92 12.94
CA SER C 190 -19.04 -17.57 11.82
C SER C 190 -20.52 -17.33 11.87
N ASN C 191 -20.95 -16.32 11.10
CA ASN C 191 -22.29 -15.78 11.23
C ASN C 191 -23.26 -16.53 10.36
N LYS C 192 -24.03 -17.42 10.97
CA LYS C 192 -24.93 -18.32 10.22
C LYS C 192 -26.16 -17.59 9.75
N ARG C 193 -26.51 -16.48 10.41
CA ARG C 193 -27.67 -15.64 10.03
C ARG C 193 -27.54 -14.92 8.67
N ASN C 194 -26.38 -14.32 8.41
CA ASN C 194 -26.18 -13.54 7.21
C ASN C 194 -24.75 -13.55 6.62
N GLY C 195 -23.82 -14.28 7.25
CA GLY C 195 -22.48 -14.44 6.75
C GLY C 195 -21.57 -13.23 6.97
N ILE C 196 -22.02 -12.22 7.71
CA ILE C 196 -21.15 -11.07 7.97
C ILE C 196 -20.33 -11.33 9.21
N ASP C 197 -19.09 -11.77 9.02
CA ASP C 197 -18.21 -12.13 10.14
C ASP C 197 -16.75 -11.78 9.82
N VAL C 198 -15.90 -11.90 10.83
CA VAL C 198 -14.51 -11.53 10.73
C VAL C 198 -13.68 -12.43 9.84
N ASP C 199 -14.19 -13.63 9.52
CA ASP C 199 -13.43 -14.55 8.66
C ASP C 199 -13.26 -13.93 7.29
N LYS C 200 -14.36 -13.46 6.71
CA LYS C 200 -14.36 -12.73 5.44
C LYS C 200 -13.51 -11.49 5.47
N TRP C 201 -13.62 -10.75 6.55
CA TRP C 201 -12.82 -9.53 6.64
C TRP C 201 -11.33 -9.82 6.57
N ASP C 202 -10.83 -10.84 7.26
CA ASP C 202 -9.43 -11.19 7.11
C ASP C 202 -9.11 -11.71 5.72
N TYR C 203 -9.88 -12.66 5.20
CA TYR C 203 -9.51 -13.20 3.88
C TYR C 203 -9.63 -12.20 2.74
N PHE C 204 -10.54 -11.23 2.83
CA PHE C 204 -10.59 -10.18 1.76
C PHE C 204 -9.29 -9.42 1.74
N ALA C 205 -8.87 -8.94 2.90
CA ALA C 205 -7.67 -8.15 2.96
C ALA C 205 -6.41 -8.98 2.70
N ARG C 206 -6.36 -10.19 3.22
CA ARG C 206 -5.15 -10.99 3.07
C ARG C 206 -5.04 -11.50 1.65
N ASP C 207 -6.11 -12.12 1.15
CA ASP C 207 -6.07 -12.62 -0.20
C ASP C 207 -5.76 -11.48 -1.22
N CYS C 208 -6.36 -10.32 -1.06
CA CYS C 208 -6.08 -9.19 -1.98
C CYS C 208 -4.65 -8.77 -1.96
N HIS C 209 -4.10 -8.67 -0.77
CA HIS C 209 -2.65 -8.35 -0.57
C HIS C 209 -1.71 -9.32 -1.31
N HIS C 210 -2.07 -10.60 -1.29
CA HIS C 210 -1.27 -11.62 -1.88
C HIS C 210 -1.55 -11.81 -3.34
N LEU C 211 -2.81 -11.74 -3.73
CA LEU C 211 -3.17 -11.99 -5.09
C LEU C 211 -2.66 -10.85 -5.99
N GLY C 212 -2.61 -9.65 -5.45
CA GLY C 212 -2.37 -8.46 -6.24
C GLY C 212 -3.64 -7.83 -6.76
N ILE C 213 -4.73 -7.87 -6.01
CA ILE C 213 -5.93 -7.24 -6.43
C ILE C 213 -6.35 -6.26 -5.37
N GLN C 214 -6.65 -5.03 -5.76
CA GLN C 214 -6.94 -3.96 -4.82
C GLN C 214 -8.42 -3.97 -4.52
N ASN C 215 -8.74 -4.38 -3.30
CA ASN C 215 -10.07 -4.33 -2.84
C ASN C 215 -10.03 -4.77 -1.39
N ASN C 216 -11.16 -5.15 -0.89
CA ASN C 216 -11.33 -5.60 0.44
C ASN C 216 -12.39 -4.71 0.99
N PHE C 217 -12.80 -5.08 2.17
CA PHE C 217 -13.87 -4.41 2.85
C PHE C 217 -13.27 -3.64 4.00
N ASP C 218 -13.74 -2.40 4.20
CA ASP C 218 -13.27 -1.65 5.34
C ASP C 218 -13.94 -2.14 6.60
N TYR C 219 -13.29 -3.11 7.24
CA TYR C 219 -13.83 -3.72 8.42
C TYR C 219 -13.59 -2.88 9.64
N LYS C 220 -12.50 -2.12 9.66
CA LYS C 220 -12.28 -1.20 10.77
C LYS C 220 -13.39 -0.16 10.89
N ARG C 221 -13.79 0.40 9.76
CA ARG C 221 -14.93 1.28 9.72
C ARG C 221 -16.16 0.58 10.27
N PHE C 222 -16.42 -0.61 9.76
CA PHE C 222 -17.61 -1.35 10.16
C PHE C 222 -17.67 -1.60 11.67
N ILE C 223 -16.54 -1.99 12.26
CA ILE C 223 -16.46 -2.23 13.68
C ILE C 223 -16.81 -0.98 14.43
N LYS C 224 -16.32 0.17 13.99
CA LYS C 224 -16.63 1.40 14.69
C LYS C 224 -18.07 1.73 14.67
N PHE C 225 -18.81 1.33 13.64
CA PHE C 225 -20.24 1.59 13.60
C PHE C 225 -21.11 0.41 14.00
N ALA C 226 -20.54 -0.63 14.59
CA ALA C 226 -21.34 -1.78 15.01
C ALA C 226 -21.83 -1.57 16.41
N ARG C 227 -23.05 -2.02 16.68
CA ARG C 227 -23.66 -1.91 17.98
C ARG C 227 -24.51 -3.13 18.22
N VAL C 228 -24.83 -3.41 19.47
CA VAL C 228 -25.79 -4.44 19.78
C VAL C 228 -27.15 -3.82 20.10
N CYS C 229 -28.20 -4.38 19.52
CA CYS C 229 -29.60 -3.97 19.78
C CYS C 229 -30.48 -5.18 19.92
N GLU C 230 -31.61 -5.00 20.59
CA GLU C 230 -32.58 -6.08 20.72
C GLU C 230 -33.27 -6.24 19.40
N VAL C 231 -33.33 -7.47 18.92
CA VAL C 231 -34.10 -7.79 17.73
C VAL C 231 -34.88 -9.08 18.03
N ASP C 232 -36.22 -9.00 17.94
CA ASP C 232 -37.15 -10.12 18.24
C ASP C 232 -36.72 -10.82 19.51
N ASN C 233 -36.50 -10.08 20.60
CA ASN C 233 -36.07 -10.69 21.88
C ASN C 233 -34.74 -11.45 21.89
N GLU C 234 -33.87 -11.05 20.96
CA GLU C 234 -32.47 -11.49 20.95
C GLU C 234 -31.58 -10.25 20.87
N LEU C 235 -30.44 -10.29 21.53
CA LEU C 235 -29.45 -9.22 21.36
C LEU C 235 -28.56 -9.54 20.15
N ARG C 236 -28.62 -8.69 19.13
CA ARG C 236 -27.86 -8.87 17.91
C ARG C 236 -26.97 -7.69 17.54
N ILE C 237 -25.93 -8.00 16.77
CA ILE C 237 -25.09 -6.97 16.21
C ILE C 237 -25.85 -6.26 15.10
N CYS C 238 -25.89 -4.92 15.20
CA CYS C 238 -26.55 -4.08 14.23
C CYS C 238 -25.55 -3.14 13.67
N ALA C 239 -25.74 -2.86 12.40
CA ALA C 239 -24.92 -1.89 11.73
C ALA C 239 -25.67 -0.56 11.62
N ARG C 240 -24.91 0.50 11.58
CA ARG C 240 -25.43 1.82 11.35
C ARG C 240 -26.09 1.87 9.99
N ASP C 241 -27.26 2.52 9.91
CA ASP C 241 -28.00 2.62 8.63
C ASP C 241 -27.11 2.99 7.43
N LYS C 242 -26.26 3.99 7.64
CA LYS C 242 -25.41 4.48 6.56
C LYS C 242 -24.44 3.42 6.04
N GLU C 243 -24.21 2.34 6.79
CA GLU C 243 -23.32 1.26 6.30
C GLU C 243 -23.95 0.26 5.32
N VAL C 244 -25.23 0.40 5.01
CA VAL C 244 -25.91 -0.61 4.23
C VAL C 244 -25.28 -0.78 2.85
N GLY C 245 -24.94 0.34 2.21
CA GLY C 245 -24.31 0.28 0.91
C GLY C 245 -22.95 -0.41 0.99
N ASN C 246 -22.21 -0.17 2.07
CA ASN C 246 -20.95 -0.87 2.24
C ASN C 246 -21.10 -2.37 2.41
N LEU C 247 -22.19 -2.78 3.01
CA LEU C 247 -22.50 -4.21 3.14
C LEU C 247 -22.84 -4.84 1.83
N TYR C 248 -23.66 -4.15 1.02
CA TYR C 248 -23.85 -4.65 -0.36
C TYR C 248 -22.49 -4.76 -1.08
N ASP C 249 -21.66 -3.76 -0.94
CA ASP C 249 -20.35 -3.76 -1.55
C ASP C 249 -19.46 -4.94 -1.05
N MET C 250 -19.57 -5.24 0.23
CA MET C 250 -18.85 -6.36 0.78
C MET C 250 -19.14 -7.63 -0.02
N PHE C 251 -20.42 -7.88 -0.30
CA PHE C 251 -20.80 -9.09 -1.00
C PHE C 251 -20.47 -9.01 -2.45
N HIS C 252 -20.56 -7.83 -3.02
CA HIS C 252 -20.12 -7.67 -4.37
C HIS C 252 -18.62 -8.04 -4.50
N THR C 253 -17.80 -7.54 -3.56
CA THR C 253 -16.38 -7.84 -3.53
C THR C 253 -16.17 -9.35 -3.43
N ARG C 254 -16.93 -9.99 -2.55
CA ARG C 254 -16.82 -11.42 -2.37
C ARG C 254 -17.07 -12.15 -3.67
N ASN C 255 -18.10 -11.75 -4.37
CA ASN C 255 -18.40 -12.37 -5.61
C ASN C 255 -17.36 -12.11 -6.70
N SER C 256 -16.82 -10.91 -6.72
CA SER C 256 -15.71 -10.54 -7.60
C SER C 256 -14.50 -11.40 -7.36
N LEU C 257 -14.17 -11.59 -6.08
CA LEU C 257 -13.01 -12.41 -5.73
C LEU C 257 -13.21 -13.86 -6.11
N HIS C 258 -14.43 -14.35 -5.98
CA HIS C 258 -14.72 -15.72 -6.43
C HIS C 258 -14.57 -15.82 -7.92
N ARG C 259 -15.12 -14.84 -8.65
CA ARG C 259 -15.07 -14.86 -10.11
C ARG C 259 -13.66 -14.79 -10.66
N ARG C 260 -12.87 -13.85 -10.15
CA ARG C 260 -11.53 -13.63 -10.66
C ARG C 260 -10.49 -14.59 -10.10
N ALA C 261 -10.65 -15.01 -8.84
CA ALA C 261 -9.60 -15.80 -8.21
C ALA C 261 -10.03 -17.17 -7.71
N TYR C 262 -10.99 -17.25 -6.78
CA TYR C 262 -11.19 -18.54 -6.09
C TYR C 262 -11.76 -19.57 -7.02
N GLN C 263 -12.50 -19.11 -8.04
CA GLN C 263 -13.02 -19.95 -9.08
C GLN C 263 -12.39 -19.66 -10.45
N HIS C 264 -11.21 -19.09 -10.48
CA HIS C 264 -10.44 -19.04 -11.72
C HIS C 264 -10.46 -20.42 -12.43
N LYS C 265 -10.78 -20.40 -13.71
CA LYS C 265 -10.99 -21.61 -14.49
C LYS C 265 -9.78 -22.54 -14.43
N VAL C 266 -8.58 -21.97 -14.45
CA VAL C 266 -7.35 -22.79 -14.40
C VAL C 266 -6.98 -23.25 -12.97
N GLY C 267 -7.20 -22.38 -11.99
CA GLY C 267 -6.99 -22.80 -10.61
C GLY C 267 -7.90 -23.95 -10.23
N ASN C 268 -9.14 -23.91 -10.71
CA ASN C 268 -10.07 -25.02 -10.51
C ASN C 268 -9.68 -26.33 -11.23
N ILE C 269 -9.16 -26.22 -12.45
CA ILE C 269 -8.75 -27.42 -13.13
C ILE C 269 -7.48 -28.06 -12.51
N ILE C 270 -6.61 -27.25 -11.97
CA ILE C 270 -5.47 -27.74 -11.23
C ILE C 270 -5.91 -28.43 -9.96
N ASP C 271 -6.86 -27.84 -9.26
CA ASP C 271 -7.44 -28.52 -8.10
C ASP C 271 -8.05 -29.87 -8.52
N THR C 272 -8.68 -29.89 -9.69
CA THR C 272 -9.30 -31.09 -10.17
C THR C 272 -8.24 -32.13 -10.50
N MET C 273 -7.12 -31.67 -11.05
CA MET C 273 -6.06 -32.60 -11.41
C MET C 273 -5.41 -33.19 -10.17
N ILE C 274 -5.23 -32.35 -9.15
CA ILE C 274 -4.63 -32.80 -7.89
C ILE C 274 -5.57 -33.78 -7.23
N THR C 275 -6.87 -33.50 -7.30
CA THR C 275 -7.88 -34.41 -6.75
C THR C 275 -7.83 -35.76 -7.43
N ASP C 276 -7.67 -35.75 -8.73
CA ASP C 276 -7.54 -36.95 -9.49
C ASP C 276 -6.31 -37.76 -9.08
N ALA C 277 -5.19 -37.08 -8.90
CA ALA C 277 -3.97 -37.71 -8.46
C ALA C 277 -4.15 -38.30 -7.05
N PHE C 278 -4.85 -37.59 -6.17
CA PHE C 278 -5.11 -38.11 -4.83
C PHE C 278 -5.97 -39.36 -4.89
N LEU C 279 -6.97 -39.37 -5.77
CA LEU C 279 -7.82 -40.56 -5.92
C LEU C 279 -6.97 -41.76 -6.36
N LYS C 280 -6.04 -41.52 -7.26
CA LYS C 280 -5.16 -42.56 -7.76
C LYS C 280 -4.11 -42.97 -6.77
N ALA C 281 -3.85 -42.14 -5.79
CA ALA C 281 -2.91 -42.49 -4.76
C ALA C 281 -3.57 -43.00 -3.48
N ASP C 282 -4.88 -42.82 -3.36
CA ASP C 282 -5.58 -43.09 -2.09
C ASP C 282 -5.45 -44.52 -1.57
N ASP C 283 -5.44 -45.49 -2.46
CA ASP C 283 -5.16 -46.87 -2.09
C ASP C 283 -3.77 -47.12 -1.56
N TYR C 284 -2.78 -46.33 -1.93
CA TYR C 284 -1.40 -46.69 -1.64
C TYR C 284 -0.71 -45.86 -0.57
N ILE C 285 -1.21 -44.67 -0.29
CA ILE C 285 -0.57 -43.85 0.72
C ILE C 285 -1.12 -44.20 2.10
N GLU C 286 -0.22 -44.33 3.08
CA GLU C 286 -0.58 -44.70 4.44
C GLU C 286 -0.22 -43.63 5.42
N ILE C 287 -1.14 -43.31 6.32
CA ILE C 287 -0.96 -42.30 7.31
C ILE C 287 -1.24 -42.93 8.66
N THR C 288 -0.26 -42.88 9.55
CA THR C 288 -0.39 -43.54 10.84
C THR C 288 -1.15 -42.65 11.80
N GLY C 289 -2.19 -43.20 12.39
CA GLY C 289 -3.01 -42.51 13.35
C GLY C 289 -2.86 -43.11 14.74
N ALA C 290 -3.89 -42.95 15.56
CA ALA C 290 -3.86 -43.36 16.94
C ALA C 290 -3.69 -44.88 17.04
N GLY C 291 -2.83 -45.30 17.97
CA GLY C 291 -2.56 -46.70 18.20
C GLY C 291 -1.78 -47.36 17.09
N GLY C 292 -1.09 -46.58 16.25
CA GLY C 292 -0.30 -47.15 15.15
C GLY C 292 -1.18 -47.64 14.00
N LYS C 293 -2.47 -47.37 14.09
CA LYS C 293 -3.40 -47.80 13.07
C LYS C 293 -3.18 -46.99 11.78
N LYS C 294 -3.39 -47.61 10.62
CA LYS C 294 -3.10 -46.94 9.36
C LYS C 294 -4.34 -46.47 8.64
N TYR C 295 -4.23 -45.29 8.04
CA TYR C 295 -5.35 -44.66 7.35
C TYR C 295 -4.93 -44.27 5.95
N ARG C 296 -5.92 -44.00 5.12
CA ARG C 296 -5.68 -43.49 3.78
C ARG C 296 -6.04 -42.02 3.81
N ILE C 297 -5.65 -41.33 2.76
CA ILE C 297 -5.94 -39.91 2.61
C ILE C 297 -7.42 -39.68 2.88
N SER C 298 -8.27 -40.54 2.32
CA SER C 298 -9.71 -40.44 2.43
C SER C 298 -10.27 -40.85 3.78
N THR C 299 -9.54 -41.63 4.58
CA THR C 299 -10.04 -42.02 5.91
C THR C 299 -9.34 -41.33 7.08
N ALA C 300 -8.28 -40.55 6.82
CA ALA C 300 -7.58 -39.83 7.86
C ALA C 300 -8.49 -38.86 8.58
N ILE C 301 -9.58 -38.43 7.90
CA ILE C 301 -10.62 -37.63 8.54
C ILE C 301 -11.30 -38.30 9.73
N ASP C 302 -11.19 -39.61 9.87
CA ASP C 302 -11.80 -40.34 10.99
C ASP C 302 -10.94 -40.34 12.21
N ASP C 303 -9.67 -40.04 12.07
CA ASP C 303 -8.78 -40.04 13.22
C ASP C 303 -7.93 -38.77 13.22
N MET C 304 -8.10 -37.94 14.24
CA MET C 304 -7.46 -36.64 14.25
C MET C 304 -5.96 -36.70 14.35
N GLU C 305 -5.44 -37.71 15.03
CA GLU C 305 -4.00 -37.93 15.06
C GLU C 305 -3.43 -38.16 13.65
N ALA C 306 -4.15 -38.89 12.84
CA ALA C 306 -3.76 -39.06 11.44
C ALA C 306 -3.95 -37.76 10.65
N TYR C 307 -5.10 -37.11 10.86
CA TYR C 307 -5.44 -35.93 10.09
C TYR C 307 -4.46 -34.78 10.36
N THR C 308 -3.93 -34.75 11.57
CA THR C 308 -2.90 -33.84 11.94
C THR C 308 -1.74 -33.87 10.96
N LYS C 309 -1.42 -35.04 10.42
CA LYS C 309 -0.27 -35.21 9.51
C LYS C 309 -0.65 -35.16 8.05
N LEU C 310 -1.87 -34.75 7.76
CA LEU C 310 -2.38 -34.72 6.38
C LEU C 310 -2.46 -33.28 5.89
N THR C 311 -1.50 -32.89 5.06
CA THR C 311 -1.32 -31.50 4.59
C THR C 311 -0.94 -31.50 3.12
N ASP C 312 -0.59 -30.34 2.58
CA ASP C 312 -0.17 -30.22 1.20
C ASP C 312 1.07 -31.11 0.87
N ASN C 313 1.81 -31.48 1.90
CA ASN C 313 2.89 -32.44 1.78
C ASN C 313 2.54 -33.68 0.95
N ILE C 314 1.29 -34.17 1.02
CA ILE C 314 0.98 -35.40 0.30
C ILE C 314 1.18 -35.18 -1.20
N PHE C 315 0.92 -33.98 -1.70
CA PHE C 315 1.23 -33.63 -3.08
C PHE C 315 2.68 -33.99 -3.43
N LEU C 316 3.61 -33.56 -2.61
CA LEU C 316 5.00 -33.83 -2.89
C LEU C 316 5.40 -35.30 -2.63
N GLU C 317 4.80 -35.92 -1.61
CA GLU C 317 5.02 -37.31 -1.35
C GLU C 317 4.67 -38.14 -2.61
N ILE C 318 3.54 -37.80 -3.25
CA ILE C 318 3.18 -38.42 -4.50
C ILE C 318 4.13 -38.06 -5.62
N LEU C 319 4.38 -36.78 -5.80
CA LEU C 319 5.28 -36.32 -6.87
C LEU C 319 6.69 -36.95 -6.79
N TYR C 320 7.24 -37.08 -5.58
CA TYR C 320 8.56 -37.63 -5.39
C TYR C 320 8.62 -39.15 -5.18
N SER C 321 7.46 -39.83 -5.24
CA SER C 321 7.43 -41.26 -5.02
C SER C 321 8.17 -42.01 -6.12
N THR C 322 8.65 -43.21 -5.78
CA THR C 322 9.22 -44.14 -6.78
C THR C 322 8.39 -45.40 -6.90
N ASP C 323 7.48 -45.61 -5.98
CA ASP C 323 6.65 -46.81 -6.03
C ASP C 323 5.83 -46.89 -7.32
N PRO C 324 5.88 -48.02 -8.01
CA PRO C 324 5.18 -48.17 -9.30
C PRO C 324 3.68 -48.09 -9.18
N LYS C 325 3.15 -48.42 -7.99
CA LYS C 325 1.73 -48.32 -7.75
C LYS C 325 1.26 -46.90 -7.91
N LEU C 326 2.14 -45.95 -7.58
CA LEU C 326 1.84 -44.52 -7.63
C LEU C 326 2.23 -43.87 -8.96
N LYS C 327 2.63 -44.66 -9.94
CA LYS C 327 3.00 -44.11 -11.24
C LYS C 327 1.89 -43.22 -11.83
N ASP C 328 0.65 -43.68 -11.80
CA ASP C 328 -0.44 -42.94 -12.43
C ASP C 328 -0.71 -41.61 -11.76
N ALA C 329 -0.65 -41.62 -10.43
CA ALA C 329 -0.89 -40.43 -9.62
C ALA C 329 0.23 -39.47 -9.87
N ARG C 330 1.43 -39.99 -9.81
CA ARG C 330 2.64 -39.23 -10.05
C ARG C 330 2.66 -38.63 -11.46
N GLU C 331 2.17 -39.35 -12.46
CA GLU C 331 2.10 -38.81 -13.83
C GLU C 331 1.19 -37.60 -14.00
N ILE C 332 0.09 -37.57 -13.27
CA ILE C 332 -0.79 -36.42 -13.31
C ILE C 332 -0.14 -35.17 -12.75
N LEU C 333 0.52 -35.31 -11.61
CA LEU C 333 1.24 -34.19 -11.00
C LEU C 333 2.36 -33.74 -11.91
N LYS C 334 3.01 -34.68 -12.59
CA LYS C 334 4.07 -34.31 -13.51
C LYS C 334 3.52 -33.44 -14.63
N GLN C 335 2.32 -33.76 -15.07
CA GLN C 335 1.70 -32.98 -16.13
C GLN C 335 1.41 -31.56 -15.66
N ILE C 336 1.04 -31.41 -14.40
CA ILE C 336 0.85 -30.09 -13.85
C ILE C 336 2.17 -29.28 -13.95
N GLU C 337 3.30 -29.85 -13.54
CA GLU C 337 4.58 -29.15 -13.59
C GLU C 337 4.98 -28.72 -15.00
N TYR C 338 4.66 -29.55 -16.01
CA TYR C 338 4.91 -29.21 -17.41
C TYR C 338 3.82 -28.32 -17.97
N ARG C 339 2.84 -28.02 -17.16
CA ARG C 339 1.71 -27.21 -17.60
C ARG C 339 0.94 -27.89 -18.76
N ASN C 340 0.89 -29.22 -18.78
CA ASN C 340 0.03 -29.96 -19.74
C ASN C 340 -1.27 -30.22 -19.05
N LEU C 341 -2.10 -29.19 -18.96
CA LEU C 341 -3.33 -29.27 -18.15
C LEU C 341 -4.50 -29.72 -19.02
N PHE C 342 -5.53 -30.25 -18.39
CA PHE C 342 -6.83 -30.45 -19.07
C PHE C 342 -7.22 -29.10 -19.64
N LYS C 343 -7.78 -29.09 -20.83
CA LYS C 343 -8.05 -27.82 -21.52
C LYS C 343 -9.45 -27.31 -21.25
N TYR C 344 -9.53 -26.03 -20.91
CA TYR C 344 -10.78 -25.32 -20.75
C TYR C 344 -11.46 -25.19 -22.08
N VAL C 345 -12.70 -25.66 -22.14
CA VAL C 345 -13.48 -25.60 -23.37
C VAL C 345 -14.38 -24.36 -23.37
N GLY C 346 -15.06 -24.11 -22.25
CA GLY C 346 -15.93 -22.97 -22.15
C GLY C 346 -16.77 -22.96 -20.90
N GLU C 347 -17.59 -21.92 -20.80
CA GLU C 347 -18.43 -21.63 -19.67
C GLU C 347 -19.84 -21.29 -20.13
N THR C 348 -20.85 -21.71 -19.38
CA THR C 348 -22.21 -21.37 -19.69
C THR C 348 -22.95 -21.28 -18.39
N GLN C 349 -24.20 -20.83 -18.47
CA GLN C 349 -25.09 -20.82 -17.32
C GLN C 349 -26.45 -21.37 -17.66
N PRO C 350 -27.10 -22.02 -16.68
CA PRO C 350 -28.53 -22.32 -16.81
C PRO C 350 -29.36 -21.07 -17.00
N THR C 351 -30.39 -21.17 -17.81
CA THR C 351 -31.14 -20.00 -18.17
C THR C 351 -32.26 -19.87 -17.17
N GLY C 352 -32.47 -18.65 -16.69
CA GLY C 352 -33.51 -18.37 -15.71
C GLY C 352 -33.43 -19.22 -14.44
N GLN C 353 -34.53 -19.84 -14.09
CA GLN C 353 -34.63 -20.53 -12.84
C GLN C 353 -34.10 -21.97 -12.80
N ILE C 354 -33.54 -22.48 -13.89
CA ILE C 354 -33.06 -23.88 -13.87
C ILE C 354 -31.89 -23.97 -12.89
N LYS C 355 -31.87 -25.01 -12.05
CA LYS C 355 -30.77 -25.26 -11.14
C LYS C 355 -30.35 -26.72 -11.24
N ILE C 356 -29.06 -26.99 -11.14
CA ILE C 356 -28.52 -28.33 -11.25
C ILE C 356 -28.11 -28.90 -9.91
N LYS C 357 -28.63 -30.09 -9.64
CA LYS C 357 -28.47 -30.75 -8.36
C LYS C 357 -27.12 -31.43 -8.32
N ARG C 358 -26.56 -31.53 -7.11
CA ARG C 358 -25.28 -32.22 -6.89
C ARG C 358 -25.28 -33.67 -7.39
N GLU C 359 -26.39 -34.39 -7.18
CA GLU C 359 -26.50 -35.78 -7.64
C GLU C 359 -26.43 -35.89 -9.16
N ASP C 360 -26.92 -34.87 -9.86
CA ASP C 360 -26.82 -34.86 -11.32
C ASP C 360 -25.43 -34.62 -11.90
N TYR C 361 -24.48 -34.18 -11.07
CA TYR C 361 -23.16 -33.78 -11.57
C TYR C 361 -22.46 -34.90 -12.37
N GLU C 362 -22.56 -36.13 -11.89
CA GLU C 362 -21.96 -37.31 -12.54
C GLU C 362 -22.42 -37.51 -13.97
N SER C 363 -23.70 -37.23 -14.21
CA SER C 363 -24.30 -37.52 -15.51
C SER C 363 -23.89 -36.50 -16.58
N LEU C 364 -23.40 -35.34 -16.18
CA LEU C 364 -23.19 -34.24 -17.12
C LEU C 364 -22.15 -34.50 -18.20
N PRO C 365 -21.04 -35.16 -17.86
CA PRO C 365 -20.07 -35.50 -18.89
C PRO C 365 -20.71 -36.41 -19.95
N LYS C 366 -21.52 -37.39 -19.52
CA LYS C 366 -22.36 -38.23 -20.42
C LYS C 366 -23.22 -37.37 -21.34
N GLU C 367 -23.94 -36.41 -20.78
CA GLU C 367 -24.76 -35.52 -21.60
C GLU C 367 -23.98 -34.77 -22.69
N VAL C 368 -22.80 -34.24 -22.35
CA VAL C 368 -22.01 -33.46 -23.28
C VAL C 368 -21.54 -34.35 -24.40
N ALA C 369 -21.05 -35.53 -24.04
CA ALA C 369 -20.61 -36.52 -25.04
C ALA C 369 -21.77 -37.04 -25.94
N SER C 370 -23.01 -36.98 -25.44
CA SER C 370 -24.20 -37.38 -26.21
C SER C 370 -24.74 -36.33 -27.16
N ALA C 371 -24.23 -35.10 -27.04
CA ALA C 371 -24.67 -34.05 -27.94
C ALA C 371 -24.20 -34.45 -29.35
N LYS C 372 -25.02 -34.16 -30.34
CA LYS C 372 -24.70 -34.48 -31.72
C LYS C 372 -24.63 -33.22 -32.54
N PRO C 373 -23.48 -32.52 -32.49
CA PRO C 373 -23.34 -31.34 -33.33
C PRO C 373 -23.36 -31.67 -34.83
N LYS C 374 -24.02 -30.84 -35.63
CA LYS C 374 -24.08 -31.04 -37.07
C LYS C 374 -22.83 -30.36 -37.64
N VAL C 375 -21.68 -31.00 -37.47
CA VAL C 375 -20.38 -30.49 -37.95
C VAL C 375 -19.45 -31.65 -38.23
N LEU C 376 -18.56 -31.47 -39.19
CA LEU C 376 -17.61 -32.52 -39.51
C LEU C 376 -16.55 -32.61 -38.43
N LEU C 377 -16.40 -33.80 -37.84
CA LEU C 377 -15.41 -34.05 -36.82
C LEU C 377 -14.50 -35.20 -37.19
N ASP C 378 -13.21 -34.99 -37.10
CA ASP C 378 -12.26 -36.07 -37.23
C ASP C 378 -12.35 -37.08 -36.09
N VAL C 379 -12.48 -36.59 -34.86
CA VAL C 379 -12.41 -37.43 -33.66
C VAL C 379 -13.72 -37.41 -32.86
N LYS C 380 -13.99 -38.51 -32.19
CA LYS C 380 -15.22 -38.68 -31.44
C LYS C 380 -14.82 -38.83 -29.97
N LEU C 381 -15.44 -38.03 -29.10
CA LEU C 381 -15.07 -37.98 -27.69
C LEU C 381 -16.07 -38.76 -26.81
N LYS C 382 -15.59 -39.20 -25.65
CA LYS C 382 -16.37 -40.01 -24.71
C LYS C 382 -16.60 -39.25 -23.41
N ALA C 383 -17.58 -39.69 -22.64
CA ALA C 383 -17.87 -39.10 -21.36
C ALA C 383 -16.62 -38.89 -20.50
N GLU C 384 -15.78 -39.91 -20.40
CA GLU C 384 -14.57 -39.85 -19.58
C GLU C 384 -13.54 -38.77 -20.04
N ASP C 385 -13.70 -38.29 -21.28
CA ASP C 385 -12.84 -37.22 -21.80
C ASP C 385 -13.24 -35.82 -21.33
N PHE C 386 -14.45 -35.69 -20.77
CA PHE C 386 -14.97 -34.41 -20.34
C PHE C 386 -15.01 -34.26 -18.83
N ILE C 387 -14.64 -33.06 -18.37
CA ILE C 387 -14.90 -32.64 -17.02
C ILE C 387 -15.93 -31.50 -17.05
N VAL C 388 -16.98 -31.62 -16.24
CA VAL C 388 -17.96 -30.58 -16.11
C VAL C 388 -17.99 -30.10 -14.67
N ASP C 389 -17.63 -28.86 -14.44
CA ASP C 389 -17.51 -28.31 -13.10
C ASP C 389 -18.68 -27.34 -12.91
N VAL C 390 -19.50 -27.58 -11.90
CA VAL C 390 -20.67 -26.74 -11.62
C VAL C 390 -20.38 -25.95 -10.38
N ILE C 391 -20.50 -24.64 -10.47
CA ILE C 391 -20.08 -23.76 -9.40
C ILE C 391 -21.25 -22.86 -9.04
N ASN C 392 -21.60 -22.92 -7.77
CA ASN C 392 -22.65 -22.11 -7.22
C ASN C 392 -22.06 -20.79 -6.76
N MET C 393 -22.53 -19.71 -7.36
CA MET C 393 -22.12 -18.39 -7.01
C MET C 393 -23.31 -17.69 -6.38
N ASP C 394 -23.14 -17.24 -5.15
CA ASP C 394 -24.22 -16.51 -4.50
C ASP C 394 -23.69 -15.47 -3.53
N TYR C 395 -24.61 -14.82 -2.83
CA TYR C 395 -24.28 -13.88 -1.75
C TYR C 395 -24.23 -14.58 -0.36
N GLY C 396 -23.87 -15.87 -0.34
CA GLY C 396 -23.72 -16.63 0.90
C GLY C 396 -24.97 -17.31 1.43
N MET C 397 -26.14 -17.07 0.84
CA MET C 397 -27.41 -17.57 1.38
C MET C 397 -28.30 -18.10 0.29
N GLN C 398 -27.72 -18.86 -0.62
CA GLN C 398 -28.40 -19.34 -1.81
C GLN C 398 -29.16 -18.18 -2.44
N GLU C 399 -30.46 -18.31 -2.64
CA GLU C 399 -31.22 -17.34 -3.40
C GLU C 399 -31.58 -16.08 -2.60
N LYS C 400 -31.35 -16.14 -1.30
CA LYS C 400 -31.73 -15.03 -0.42
C LYS C 400 -30.71 -13.87 -0.40
N ASN C 401 -31.22 -12.67 -0.15
CA ASN C 401 -30.45 -11.48 0.04
C ASN C 401 -30.02 -11.41 1.51
N PRO C 402 -28.70 -11.53 1.77
CA PRO C 402 -28.26 -11.45 3.17
C PRO C 402 -28.56 -10.15 3.87
N ILE C 403 -28.67 -9.05 3.11
CA ILE C 403 -28.94 -7.75 3.73
C ILE C 403 -30.35 -7.69 4.31
N ASP C 404 -31.25 -8.54 3.81
CA ASP C 404 -32.58 -8.65 4.43
C ASP C 404 -32.50 -9.27 5.80
N HIS C 405 -31.37 -9.89 6.14
CA HIS C 405 -31.16 -10.54 7.43
C HIS C 405 -30.16 -9.79 8.27
N VAL C 406 -30.00 -8.50 7.96
CA VAL C 406 -29.22 -7.57 8.70
C VAL C 406 -30.11 -6.52 9.40
N SER C 407 -29.74 -6.22 10.63
CA SER C 407 -30.39 -5.23 11.41
C SER C 407 -29.55 -3.97 11.49
N PHE C 408 -30.22 -2.83 11.44
CA PHE C 408 -29.56 -1.53 11.48
C PHE C 408 -30.09 -0.63 12.58
N TYR C 409 -29.33 0.42 12.84
CA TYR C 409 -29.76 1.43 13.78
C TYR C 409 -29.43 2.78 13.23
N CYS C 410 -30.14 3.80 13.72
N CYS C 410 -30.13 3.79 13.74
CA CYS C 410 -29.93 5.15 13.25
CA CYS C 410 -29.94 5.16 13.28
C CYS C 410 -29.35 6.01 14.35
C CYS C 410 -29.35 6.01 14.37
N LYS C 411 -28.70 7.08 13.94
CA LYS C 411 -28.04 8.00 14.85
C LYS C 411 -28.98 8.57 15.91
N THR C 412 -30.21 8.86 15.53
CA THR C 412 -31.19 9.47 16.43
C THR C 412 -31.77 8.49 17.47
N ALA C 413 -31.65 7.17 17.26
CA ALA C 413 -32.12 6.18 18.24
C ALA C 413 -31.25 4.92 18.19
N PRO C 414 -30.05 5.01 18.76
CA PRO C 414 -29.04 3.98 18.62
C PRO C 414 -29.39 2.62 19.18
N ASN C 415 -30.39 2.53 20.05
CA ASN C 415 -30.78 1.22 20.59
C ASN C 415 -31.88 0.56 19.82
N ARG C 416 -32.42 1.27 18.84
CA ARG C 416 -33.60 0.80 18.16
C ARG C 416 -33.19 0.20 16.84
N ALA C 417 -33.37 -1.10 16.72
CA ALA C 417 -33.07 -1.83 15.50
C ALA C 417 -34.11 -1.58 14.45
N ILE C 418 -33.67 -1.49 13.19
CA ILE C 418 -34.55 -1.37 12.05
C ILE C 418 -34.10 -2.27 10.89
N ARG C 419 -35.00 -2.43 9.93
CA ARG C 419 -34.72 -3.14 8.71
C ARG C 419 -34.58 -2.14 7.59
N ILE C 420 -33.73 -2.47 6.62
CA ILE C 420 -33.64 -1.69 5.40
C ILE C 420 -33.79 -2.64 4.21
N THR C 421 -34.78 -2.37 3.35
CA THR C 421 -35.06 -3.19 2.19
C THR C 421 -34.20 -2.71 1.03
N LYS C 422 -34.05 -3.56 0.04
CA LYS C 422 -33.22 -3.26 -1.15
C LYS C 422 -33.73 -2.01 -1.88
N ASN C 423 -35.05 -1.87 -2.00
CA ASN C 423 -35.66 -0.71 -2.68
C ASN C 423 -35.34 0.62 -1.94
N GLN C 424 -35.13 0.57 -0.64
CA GLN C 424 -34.69 1.75 0.11
C GLN C 424 -33.23 2.13 -0.13
N VAL C 425 -32.47 1.26 -0.79
CA VAL C 425 -31.04 1.52 -0.97
C VAL C 425 -30.73 1.97 -2.39
N SER C 426 -31.05 1.13 -3.39
CA SER C 426 -30.72 1.44 -4.75
C SER C 426 -31.46 0.54 -5.74
N GLN C 427 -31.80 1.07 -6.90
CA GLN C 427 -32.26 0.28 -8.04
C GLN C 427 -31.11 -0.33 -8.86
N LEU C 428 -29.87 0.03 -8.53
CA LEU C 428 -28.72 -0.48 -9.27
C LEU C 428 -28.16 -1.77 -8.64
N LEU C 429 -28.88 -2.34 -7.69
CA LEU C 429 -28.42 -3.56 -7.06
C LEU C 429 -28.87 -4.77 -7.86
N PRO C 430 -28.32 -5.96 -7.53
CA PRO C 430 -28.73 -7.20 -8.16
C PRO C 430 -30.21 -7.50 -7.91
N GLU C 431 -30.92 -8.07 -8.89
CA GLU C 431 -32.28 -8.57 -8.63
C GLU C 431 -32.26 -10.04 -8.17
N LYS C 432 -31.19 -10.74 -8.46
CA LYS C 432 -31.01 -12.13 -8.04
C LYS C 432 -29.73 -12.22 -7.24
N PHE C 433 -29.68 -13.19 -6.36
CA PHE C 433 -28.54 -13.39 -5.47
C PHE C 433 -27.86 -14.76 -5.54
N ALA C 434 -28.30 -15.62 -6.47
CA ALA C 434 -27.62 -16.88 -6.74
C ALA C 434 -27.66 -17.20 -8.21
N GLU C 435 -26.65 -17.93 -8.66
CA GLU C 435 -26.54 -18.35 -10.03
C GLU C 435 -25.57 -19.51 -10.09
N GLN C 436 -25.57 -20.19 -11.21
CA GLN C 436 -24.61 -21.28 -11.42
C GLN C 436 -23.79 -21.03 -12.65
N LEU C 437 -22.51 -21.36 -12.52
CA LEU C 437 -21.59 -21.38 -13.64
C LEU C 437 -21.23 -22.82 -13.94
N ILE C 438 -21.12 -23.13 -15.22
CA ILE C 438 -20.77 -24.44 -15.67
C ILE C 438 -19.56 -24.31 -16.53
N ARG C 439 -18.46 -24.94 -16.13
CA ARG C 439 -17.26 -24.96 -16.92
C ARG C 439 -17.08 -26.35 -17.45
N VAL C 440 -16.69 -26.44 -18.71
CA VAL C 440 -16.35 -27.71 -19.32
C VAL C 440 -14.89 -27.70 -19.75
N TYR C 441 -14.24 -28.82 -19.49
CA TYR C 441 -12.87 -29.04 -19.88
C TYR C 441 -12.76 -30.37 -20.60
N CYS C 442 -11.67 -30.54 -21.36
CA CYS C 442 -11.40 -31.79 -22.03
C CYS C 442 -10.01 -32.33 -21.64
N LYS C 443 -9.94 -33.64 -21.34
CA LYS C 443 -8.69 -34.30 -20.99
C LYS C 443 -7.82 -34.62 -22.18
N LYS C 444 -8.38 -34.61 -23.38
CA LYS C 444 -7.58 -34.76 -24.62
C LYS C 444 -7.20 -33.36 -25.04
N VAL C 445 -5.91 -33.09 -25.10
CA VAL C 445 -5.40 -31.74 -25.32
C VAL C 445 -4.98 -31.43 -26.74
N ASP C 446 -4.96 -32.40 -27.63
CA ASP C 446 -4.56 -32.11 -29.02
C ASP C 446 -5.55 -31.16 -29.70
N ARG C 447 -5.08 -30.50 -30.76
CA ARG C 447 -5.86 -29.52 -31.54
C ARG C 447 -7.23 -30.04 -31.99
N LYS C 448 -7.23 -31.22 -32.60
CA LYS C 448 -8.43 -31.81 -33.15
C LYS C 448 -9.40 -32.19 -32.05
N SER C 449 -8.89 -32.76 -30.96
CA SER C 449 -9.74 -33.14 -29.84
C SER C 449 -10.40 -31.92 -29.20
N LEU C 450 -9.63 -30.87 -29.02
CA LEU C 450 -10.12 -29.62 -28.52
C LEU C 450 -11.23 -28.96 -29.40
N TYR C 451 -10.99 -28.92 -30.71
CA TYR C 451 -11.97 -28.41 -31.64
C TYR C 451 -13.30 -29.19 -31.52
N ALA C 452 -13.18 -30.52 -31.43
CA ALA C 452 -14.34 -31.36 -31.28
C ALA C 452 -15.09 -31.04 -29.98
N ALA C 453 -14.33 -30.93 -28.90
CA ALA C 453 -14.90 -30.64 -27.60
C ALA C 453 -15.71 -29.34 -27.60
N ARG C 454 -15.24 -28.34 -28.33
CA ARG C 454 -15.98 -27.09 -28.47
C ARG C 454 -17.34 -27.27 -29.13
N GLN C 455 -17.40 -28.14 -30.13
CA GLN C 455 -18.61 -28.37 -30.85
C GLN C 455 -19.63 -29.12 -29.97
N TYR C 456 -19.17 -30.15 -29.27
CA TYR C 456 -20.02 -30.85 -28.35
C TYR C 456 -20.59 -29.87 -27.31
N PHE C 457 -19.70 -29.07 -26.76
CA PHE C 457 -20.05 -28.16 -25.67
C PHE C 457 -21.13 -27.17 -26.08
N VAL C 458 -20.93 -26.52 -27.20
CA VAL C 458 -21.86 -25.50 -27.62
C VAL C 458 -23.20 -26.14 -28.01
N GLN C 459 -23.13 -27.30 -28.62
CA GLN C 459 -24.30 -28.03 -28.97
C GLN C 459 -25.07 -28.40 -27.71
N TRP C 460 -24.33 -28.85 -26.72
CA TRP C 460 -24.92 -29.18 -25.45
C TRP C 460 -25.62 -27.98 -24.81
N CYS C 461 -24.96 -26.82 -24.84
CA CYS C 461 -25.58 -25.59 -24.33
C CYS C 461 -26.90 -25.33 -25.03
N ALA C 462 -26.87 -25.41 -26.35
CA ALA C 462 -28.06 -25.20 -27.16
C ALA C 462 -29.17 -26.20 -26.82
N ASP C 463 -28.82 -27.49 -26.81
CA ASP C 463 -29.78 -28.54 -26.47
C ASP C 463 -30.44 -28.26 -25.15
N ARG C 464 -29.69 -27.71 -24.21
CA ARG C 464 -30.21 -27.52 -22.87
C ARG C 464 -30.70 -26.16 -22.58
N ASN C 465 -30.64 -25.29 -23.58
CA ASN C 465 -31.14 -23.94 -23.48
C ASN C 465 -30.38 -23.19 -22.40
N PHE C 466 -29.08 -23.45 -22.32
CA PHE C 466 -28.17 -22.69 -21.51
C PHE C 466 -27.78 -21.40 -22.24
N THR C 467 -27.04 -20.55 -21.58
CA THR C 467 -26.61 -19.29 -22.18
C THR C 467 -25.57 -19.53 -23.24
N LYS C 468 -25.55 -18.66 -24.23
CA LYS C 468 -24.57 -18.75 -25.28
C LYS C 468 -23.19 -18.40 -24.74
N PRO C 469 -22.24 -19.34 -24.85
CA PRO C 469 -20.90 -19.03 -24.39
C PRO C 469 -20.41 -17.76 -25.05
N GLN C 470 -19.62 -16.99 -24.33
CA GLN C 470 -19.20 -15.67 -24.79
C GLN C 470 -18.47 -15.72 -26.12
N ASP C 471 -17.67 -16.76 -26.33
CA ASP C 471 -16.92 -16.93 -27.57
C ASP C 471 -17.59 -17.90 -28.53
N GLY C 472 -18.87 -18.21 -28.27
CA GLY C 472 -19.59 -19.25 -29.01
C GLY C 472 -19.52 -19.12 -30.52
N ASP C 473 -19.67 -17.90 -31.02
CA ASP C 473 -19.66 -17.66 -32.48
C ASP C 473 -18.28 -17.86 -33.07
N VAL C 474 -17.25 -17.74 -32.26
CA VAL C 474 -15.89 -17.94 -32.72
C VAL C 474 -15.50 -19.41 -32.62
N ILE C 475 -15.79 -20.07 -31.51
CA ILE C 475 -15.39 -21.47 -31.35
C ILE C 475 -16.31 -22.48 -32.08
N ALA C 476 -17.56 -22.09 -32.35
CA ALA C 476 -18.55 -22.97 -32.96
C ALA C 476 -19.50 -22.19 -33.85
N PRO C 477 -18.95 -21.59 -34.91
CA PRO C 477 -19.74 -20.79 -35.85
C PRO C 477 -20.83 -21.56 -36.57
N LEU C 478 -20.67 -22.88 -36.70
CA LEU C 478 -21.69 -23.70 -37.31
C LEU C 478 -22.87 -23.99 -36.40
N ILE C 479 -22.65 -23.95 -35.10
CA ILE C 479 -23.65 -24.39 -34.13
C ILE C 479 -24.55 -23.24 -33.67
N THR C 480 -23.96 -22.10 -33.37
CA THR C 480 -24.69 -20.96 -32.83
C THR C 480 -25.88 -20.44 -33.70
N PRO C 481 -25.79 -20.55 -35.04
CA PRO C 481 -26.91 -20.14 -35.90
C PRO C 481 -28.20 -20.90 -35.67
N GLN C 482 -28.12 -22.18 -35.31
CA GLN C 482 -29.33 -22.99 -35.13
C GLN C 482 -30.26 -22.43 -34.05
N LYS C 483 -29.67 -21.86 -33.00
CA LYS C 483 -30.44 -21.38 -31.87
C LYS C 483 -30.90 -19.97 -32.16
N LYS C 484 -32.21 -19.78 -32.28
CA LYS C 484 -32.81 -18.50 -32.69
C LYS C 484 -32.58 -17.44 -31.60
N GLU C 485 -32.73 -17.85 -30.35
CA GLU C 485 -32.54 -16.99 -29.17
C GLU C 485 -31.18 -16.30 -29.18
N TRP C 486 -30.15 -17.06 -29.52
CA TRP C 486 -28.78 -16.56 -29.54
C TRP C 486 -28.58 -15.55 -30.68
N ASN C 487 -29.36 -15.68 -31.77
CA ASN C 487 -29.36 -14.65 -32.81
C ASN C 487 -30.22 -15.07 -33.98
N THR D 2 15.35 17.55 -23.53
CA THR D 2 15.38 16.34 -22.65
C THR D 2 14.11 16.03 -21.83
N MET D 3 13.93 14.74 -21.53
CA MET D 3 12.83 14.25 -20.68
C MET D 3 12.91 14.86 -19.27
N LYS D 4 11.76 15.13 -18.66
CA LYS D 4 11.71 15.39 -17.21
C LYS D 4 11.13 14.17 -16.56
N VAL D 5 11.66 13.84 -15.41
CA VAL D 5 11.11 12.77 -14.58
C VAL D 5 10.44 13.38 -13.35
N ILE D 6 9.25 12.92 -13.05
CA ILE D 6 8.46 13.38 -11.89
C ILE D 6 7.98 12.20 -11.05
N ASN D 7 8.10 12.31 -9.74
CA ASN D 7 7.58 11.28 -8.87
C ASN D 7 6.14 11.51 -8.48
N ASP D 8 5.26 10.66 -8.98
CA ASP D 8 3.85 10.68 -8.65
C ASP D 8 3.57 9.50 -7.73
N PRO D 9 2.88 9.74 -6.61
CA PRO D 9 2.66 8.68 -5.66
C PRO D 9 1.71 7.61 -6.19
N ILE D 10 0.94 7.88 -7.24
CA ILE D 10 0.08 6.88 -7.82
C ILE D 10 0.83 6.08 -8.85
N HIS D 11 1.56 6.72 -9.74
CA HIS D 11 2.15 6.04 -10.90
C HIS D 11 3.64 5.84 -10.79
N GLY D 12 4.26 6.40 -9.77
CA GLY D 12 5.71 6.31 -9.63
C GLY D 12 6.37 7.38 -10.47
N HIS D 13 7.57 7.08 -10.90
CA HIS D 13 8.37 8.01 -11.69
C HIS D 13 7.94 7.97 -13.15
N ILE D 14 7.46 9.10 -13.64
CA ILE D 14 6.86 9.25 -14.90
C ILE D 14 7.81 10.13 -15.69
N GLU D 15 8.00 9.83 -16.97
CA GLU D 15 8.78 10.65 -17.88
C GLU D 15 7.88 11.57 -18.63
N LEU D 16 8.30 12.82 -18.76
CA LEU D 16 7.58 13.79 -19.55
C LEU D 16 8.45 14.35 -20.68
N HIS D 17 7.91 14.23 -21.89
CA HIS D 17 8.54 14.76 -23.06
C HIS D 17 8.62 16.28 -22.94
N PRO D 18 9.72 16.89 -23.44
CA PRO D 18 9.95 18.33 -23.25
C PRO D 18 8.79 19.23 -23.72
N LEU D 19 8.13 18.85 -24.79
CA LEU D 19 6.96 19.60 -25.23
C LEU D 19 5.88 19.62 -24.15
N LEU D 20 5.68 18.48 -23.50
CA LEU D 20 4.66 18.42 -22.44
C LEU D 20 5.08 19.32 -21.27
N VAL D 21 6.37 19.32 -20.96
CA VAL D 21 6.89 20.20 -19.91
C VAL D 21 6.63 21.68 -20.22
N ARG D 22 6.82 22.06 -21.47
CA ARG D 22 6.54 23.43 -21.87
C ARG D 22 5.08 23.81 -21.66
N ILE D 23 4.19 22.89 -21.95
CA ILE D 23 2.77 23.13 -21.71
C ILE D 23 2.44 23.24 -20.23
N ILE D 24 3.07 22.38 -19.44
CA ILE D 24 2.84 22.33 -18.01
C ILE D 24 3.33 23.59 -17.31
N ASP D 25 4.46 24.12 -17.75
CA ASP D 25 5.06 25.29 -17.11
C ASP D 25 4.50 26.60 -17.66
N THR D 26 3.19 26.74 -17.51
CA THR D 26 2.46 27.92 -17.90
C THR D 26 1.47 28.27 -16.83
N PRO D 27 1.12 29.57 -16.71
CA PRO D 27 0.12 29.94 -15.72
C PRO D 27 -1.23 29.22 -15.93
N GLN D 28 -1.54 28.86 -17.17
CA GLN D 28 -2.83 28.24 -17.47
C GLN D 28 -2.95 26.84 -16.92
N PHE D 29 -1.81 26.15 -16.91
CA PHE D 29 -1.74 24.81 -16.39
C PHE D 29 -1.52 24.81 -14.90
N GLN D 30 -0.58 25.64 -14.44
CA GLN D 30 -0.18 25.65 -13.02
C GLN D 30 -1.31 26.09 -12.13
N ARG D 31 -2.25 26.81 -12.71
CA ARG D 31 -3.53 27.14 -12.11
C ARG D 31 -4.24 25.97 -11.45
N LEU D 32 -4.10 24.78 -12.05
CA LEU D 32 -4.73 23.58 -11.54
C LEU D 32 -4.20 23.15 -10.19
N ARG D 33 -3.08 23.73 -9.76
CA ARG D 33 -2.57 23.45 -8.41
C ARG D 33 -3.46 24.04 -7.34
N TYR D 34 -4.32 24.99 -7.71
CA TYR D 34 -5.09 25.76 -6.74
C TYR D 34 -6.57 25.39 -6.84
N ILE D 35 -6.86 24.20 -7.38
CA ILE D 35 -8.23 23.71 -7.47
C ILE D 35 -8.32 22.26 -6.95
N LYS D 36 -9.02 22.08 -5.84
CA LYS D 36 -9.21 20.76 -5.27
C LYS D 36 -10.03 19.86 -6.20
N GLN D 37 -9.51 18.66 -6.38
CA GLN D 37 -10.12 17.66 -7.20
C GLN D 37 -11.52 17.40 -6.74
N LEU D 38 -11.71 17.25 -5.43
CA LEU D 38 -13.02 16.90 -4.86
C LEU D 38 -13.78 18.04 -4.22
N GLY D 39 -13.26 19.26 -4.34
CA GLY D 39 -13.92 20.44 -3.81
C GLY D 39 -14.23 20.32 -2.33
N GLY D 40 -15.51 20.44 -1.98
CA GLY D 40 -15.98 20.34 -0.59
C GLY D 40 -15.79 18.99 0.08
N GLY D 41 -15.45 17.96 -0.70
CA GLY D 41 -15.07 16.68 -0.13
C GLY D 41 -13.91 16.73 0.85
N TYR D 42 -13.00 17.68 0.68
CA TYR D 42 -11.84 17.82 1.58
C TYR D 42 -12.29 18.12 2.98
N TYR D 43 -13.46 18.76 3.04
CA TYR D 43 -14.06 19.13 4.31
C TYR D 43 -14.76 17.96 5.00
N VAL D 44 -14.79 16.81 4.32
CA VAL D 44 -15.30 15.58 4.90
C VAL D 44 -14.21 14.46 4.99
N PHE D 45 -13.40 14.37 3.95
CA PHE D 45 -12.29 13.44 3.91
C PHE D 45 -11.02 14.25 3.93
N PRO D 46 -10.37 14.32 5.08
CA PRO D 46 -9.20 15.19 5.21
C PRO D 46 -8.00 14.75 4.41
N GLY D 47 -7.98 13.51 3.92
CA GLY D 47 -6.93 13.08 2.99
C GLY D 47 -7.03 13.65 1.59
N ALA D 48 -8.22 14.14 1.23
CA ALA D 48 -8.52 14.61 -0.12
C ALA D 48 -8.09 16.05 -0.34
N SER D 49 -6.81 16.26 -0.14
CA SER D 49 -6.16 17.58 -0.30
C SER D 49 -5.74 17.77 -1.76
N HIS D 50 -5.80 16.70 -2.54
CA HIS D 50 -5.25 16.73 -3.90
C HIS D 50 -6.02 17.64 -4.88
N ASN D 51 -5.23 18.20 -5.79
CA ASN D 51 -5.68 19.15 -6.76
C ASN D 51 -5.66 18.59 -8.16
N ARG D 52 -6.33 19.32 -9.05
CA ARG D 52 -6.51 18.91 -10.42
C ARG D 52 -5.24 18.77 -11.18
N PHE D 53 -4.21 19.51 -10.74
CA PHE D 53 -2.90 19.53 -11.35
C PHE D 53 -2.33 18.12 -11.42
N GLU D 54 -2.23 17.48 -10.27
CA GLU D 54 -1.56 16.20 -10.21
C GLU D 54 -2.42 15.12 -10.91
N HIS D 55 -3.73 15.27 -10.85
CA HIS D 55 -4.60 14.35 -11.60
C HIS D 55 -4.37 14.48 -13.11
N SER D 56 -4.17 15.70 -13.59
CA SER D 56 -3.91 15.93 -15.00
C SER D 56 -2.61 15.31 -15.47
N LEU D 57 -1.56 15.42 -14.68
CA LEU D 57 -0.32 14.65 -14.97
C LEU D 57 -0.64 13.17 -15.12
N GLY D 58 -1.40 12.63 -14.21
CA GLY D 58 -1.73 11.21 -14.25
C GLY D 58 -2.49 10.80 -15.50
N VAL D 59 -3.43 11.63 -15.91
CA VAL D 59 -4.23 11.32 -17.06
C VAL D 59 -3.36 11.34 -18.30
N GLY D 60 -2.48 12.33 -18.39
CA GLY D 60 -1.53 12.47 -19.49
C GLY D 60 -0.63 11.26 -19.57
N TYR D 61 -0.18 10.79 -18.43
CA TYR D 61 0.71 9.65 -18.39
C TYR D 61 0.03 8.37 -18.84
N LEU D 62 -1.16 8.13 -18.31
CA LEU D 62 -1.91 6.93 -18.69
C LEU D 62 -2.32 6.95 -20.13
N ALA D 63 -2.63 8.12 -20.65
CA ALA D 63 -2.96 8.22 -22.07
C ALA D 63 -1.80 7.75 -22.89
N GLY D 64 -0.61 8.23 -22.52
CA GLY D 64 0.64 7.78 -23.16
C GLY D 64 0.86 6.28 -23.05
N CYS D 65 0.62 5.70 -21.87
CA CYS D 65 0.74 4.27 -21.70
C CYS D 65 -0.12 3.49 -22.66
N LEU D 66 -1.38 3.87 -22.79
CA LEU D 66 -2.29 3.11 -23.60
C LEU D 66 -1.93 3.21 -25.08
N VAL D 67 -1.69 4.41 -25.55
CA VAL D 67 -1.34 4.54 -26.95
C VAL D 67 -0.02 3.83 -27.26
N HIS D 68 0.99 3.95 -26.40
CA HIS D 68 2.27 3.18 -26.57
C HIS D 68 2.03 1.69 -26.62
N ALA D 69 1.22 1.18 -25.70
CA ALA D 69 0.90 -0.26 -25.69
C ALA D 69 0.25 -0.74 -27.01
N LEU D 70 -0.72 0.00 -27.52
CA LEU D 70 -1.36 -0.36 -28.76
C LEU D 70 -0.36 -0.35 -29.92
N GLY D 71 0.53 0.64 -29.94
CA GLY D 71 1.57 0.75 -30.97
C GLY D 71 2.58 -0.37 -30.96
N GLU D 72 3.03 -0.77 -29.77
CA GLU D 72 3.97 -1.88 -29.61
C GLU D 72 3.35 -3.15 -30.12
N LYS D 73 2.13 -3.41 -29.71
CA LYS D 73 1.43 -4.66 -30.03
C LYS D 73 1.03 -4.74 -31.48
N GLN D 74 0.64 -3.61 -32.06
CA GLN D 74 0.08 -3.60 -33.41
C GLN D 74 0.72 -2.50 -34.25
N PRO D 75 1.95 -2.73 -34.72
CA PRO D 75 2.66 -1.80 -35.58
C PRO D 75 1.84 -1.42 -36.81
N GLU D 76 1.01 -2.33 -37.29
CA GLU D 76 0.21 -2.10 -38.49
C GLU D 76 -0.78 -0.96 -38.32
N LEU D 77 -1.02 -0.54 -37.08
CA LEU D 77 -1.83 0.66 -36.83
C LEU D 77 -1.15 1.95 -37.27
N GLN D 78 0.16 1.94 -37.43
CA GLN D 78 0.93 3.12 -37.88
C GLN D 78 0.85 4.27 -36.89
N ILE D 79 0.86 3.95 -35.61
CA ILE D 79 0.82 4.99 -34.60
C ILE D 79 2.19 5.71 -34.60
N SER D 80 2.16 7.03 -34.70
CA SER D 80 3.38 7.84 -34.78
C SER D 80 3.67 8.56 -33.47
N GLU D 81 4.90 9.02 -33.32
CA GLU D 81 5.23 9.78 -32.12
C GLU D 81 4.34 11.01 -32.07
N ARG D 82 4.06 11.55 -33.21
CA ARG D 82 3.14 12.68 -33.30
C ARG D 82 1.76 12.34 -32.70
N ASP D 83 1.22 11.18 -33.05
CA ASP D 83 -0.01 10.67 -32.42
C ASP D 83 0.10 10.53 -30.91
N VAL D 84 1.22 9.96 -30.46
CA VAL D 84 1.45 9.76 -29.02
C VAL D 84 1.45 11.09 -28.24
N LEU D 85 2.16 12.08 -28.78
CA LEU D 85 2.22 13.36 -28.09
C LEU D 85 0.87 14.02 -28.07
N CYS D 86 0.12 13.95 -29.17
CA CYS D 86 -1.18 14.59 -29.23
C CYS D 86 -2.14 14.00 -28.22
N VAL D 87 -2.06 12.69 -28.07
CA VAL D 87 -2.91 11.98 -27.10
C VAL D 87 -2.51 12.37 -25.66
N GLN D 88 -1.20 12.44 -25.41
CA GLN D 88 -0.73 12.85 -24.10
C GLN D 88 -1.14 14.26 -23.74
N ILE D 89 -1.01 15.16 -24.72
CA ILE D 89 -1.41 16.55 -24.48
C ILE D 89 -2.91 16.67 -24.16
N ALA D 90 -3.74 15.99 -24.91
CA ALA D 90 -5.16 15.95 -24.61
C ALA D 90 -5.42 15.37 -23.20
N GLY D 91 -4.74 14.30 -22.85
CA GLY D 91 -4.83 13.79 -21.49
C GLY D 91 -4.44 14.82 -20.43
N LEU D 92 -3.31 15.47 -20.63
CA LEU D 92 -2.88 16.55 -19.71
C LEU D 92 -3.86 17.66 -19.56
N CYS D 93 -4.51 18.02 -20.67
CA CYS D 93 -5.24 19.26 -20.74
C CYS D 93 -6.73 19.13 -20.60
N ARG D 94 -7.22 17.92 -20.43
CA ARG D 94 -8.68 17.73 -20.37
C ARG D 94 -9.32 18.32 -19.14
N ASN D 95 -8.55 18.57 -18.11
CA ASN D 95 -9.08 19.17 -16.89
C ASN D 95 -8.84 20.68 -16.80
N LEU D 96 -8.29 21.30 -17.86
CA LEU D 96 -7.91 22.74 -17.82
C LEU D 96 -9.10 23.65 -17.54
N GLY D 97 -10.30 23.23 -17.93
CA GLY D 97 -11.48 24.03 -17.83
C GLY D 97 -12.18 24.07 -16.49
N HIS D 98 -11.74 23.27 -15.52
CA HIS D 98 -12.38 23.26 -14.20
C HIS D 98 -12.18 24.59 -13.47
N GLY D 99 -13.17 24.92 -12.66
CA GLY D 99 -13.22 26.16 -11.93
C GLY D 99 -13.11 25.82 -10.46
N PRO D 100 -13.22 26.83 -9.60
CA PRO D 100 -13.11 26.65 -8.17
C PRO D 100 -13.93 25.47 -7.67
N PHE D 101 -13.27 24.63 -6.88
CA PHE D 101 -13.91 23.46 -6.27
C PHE D 101 -14.47 22.47 -7.28
N SER D 102 -13.91 22.50 -8.48
CA SER D 102 -14.21 21.57 -9.52
C SER D 102 -15.67 21.51 -9.81
N HIS D 103 -16.34 20.39 -9.54
CA HIS D 103 -17.69 20.14 -10.06
C HIS D 103 -18.69 21.05 -9.45
N MET D 104 -18.35 21.63 -8.30
CA MET D 104 -19.21 22.63 -7.70
C MET D 104 -19.48 23.77 -8.67
N PHE D 105 -18.42 24.18 -9.38
CA PHE D 105 -18.46 25.38 -10.16
C PHE D 105 -19.38 25.21 -11.37
N ASP D 106 -19.14 24.16 -12.13
CA ASP D 106 -19.98 23.87 -13.29
C ASP D 106 -21.28 23.11 -12.93
N GLY D 107 -21.27 22.35 -11.84
CA GLY D 107 -22.45 21.58 -11.43
C GLY D 107 -23.47 22.36 -10.62
N ARG D 108 -23.00 23.37 -9.87
CA ARG D 108 -23.90 24.13 -8.99
C ARG D 108 -23.92 25.61 -9.29
N PHE D 109 -22.76 26.26 -9.28
CA PHE D 109 -22.71 27.73 -9.34
C PHE D 109 -23.14 28.32 -10.69
N ILE D 110 -22.51 27.87 -11.78
CA ILE D 110 -22.80 28.45 -13.07
C ILE D 110 -24.26 28.27 -13.49
N PRO D 111 -24.81 27.05 -13.32
CA PRO D 111 -26.25 26.84 -13.59
C PRO D 111 -27.18 27.81 -12.89
N LEU D 112 -26.84 28.17 -11.65
CA LEU D 112 -27.59 29.14 -10.87
C LEU D 112 -27.28 30.60 -11.23
N ALA D 113 -26.01 30.92 -11.39
CA ALA D 113 -25.62 32.29 -11.71
C ALA D 113 -25.96 32.65 -13.14
N ARG D 114 -25.75 31.73 -14.08
CA ARG D 114 -25.97 31.93 -15.53
C ARG D 114 -26.77 30.76 -16.11
N PRO D 115 -28.06 30.71 -15.80
CA PRO D 115 -28.96 29.66 -16.29
C PRO D 115 -29.10 29.64 -17.83
N GLU D 116 -29.00 30.79 -18.50
CA GLU D 116 -29.14 30.85 -19.97
C GLU D 116 -28.05 30.05 -20.62
N VAL D 117 -26.86 30.15 -20.05
CA VAL D 117 -25.68 29.62 -20.67
C VAL D 117 -25.68 28.12 -20.46
N LYS D 118 -25.18 27.40 -21.44
CA LYS D 118 -24.92 26.00 -21.29
C LYS D 118 -23.40 25.84 -21.29
N TRP D 119 -22.85 25.41 -20.16
CA TRP D 119 -21.41 25.53 -19.96
C TRP D 119 -20.89 24.32 -19.21
N THR D 120 -19.73 23.86 -19.63
CA THR D 120 -19.14 22.66 -19.06
C THR D 120 -17.63 22.90 -18.95
N HIS D 121 -17.03 22.24 -18.00
CA HIS D 121 -15.58 22.27 -17.86
C HIS D 121 -14.88 21.80 -19.14
N GLU D 122 -15.51 20.88 -19.88
CA GLU D 122 -14.96 20.41 -21.15
C GLU D 122 -14.76 21.56 -22.14
N GLN D 123 -15.80 22.38 -22.31
CA GLN D 123 -15.68 23.60 -23.12
C GLN D 123 -14.63 24.55 -22.59
N GLY D 124 -14.60 24.73 -21.27
CA GLY D 124 -13.55 25.51 -20.64
C GLY D 124 -12.16 25.01 -20.95
N SER D 125 -12.00 23.69 -20.99
CA SER D 125 -10.68 23.10 -21.24
C SER D 125 -10.18 23.48 -22.62
N VAL D 126 -11.08 23.44 -23.60
CA VAL D 126 -10.77 23.78 -24.99
C VAL D 126 -10.39 25.25 -25.12
N MET D 127 -11.16 26.11 -24.47
CA MET D 127 -10.87 27.53 -24.49
C MET D 127 -9.57 27.82 -23.79
N MET D 128 -9.36 27.20 -22.62
CA MET D 128 -8.12 27.42 -21.89
C MET D 128 -6.97 26.92 -22.69
N PHE D 129 -7.18 25.81 -23.37
CA PHE D 129 -6.09 25.21 -24.14
C PHE D 129 -5.63 26.16 -25.23
N GLU D 130 -6.59 26.78 -25.91
CA GLU D 130 -6.31 27.75 -26.97
C GLU D 130 -5.54 28.94 -26.40
N HIS D 131 -6.03 29.44 -25.27
CA HIS D 131 -5.40 30.56 -24.61
C HIS D 131 -3.96 30.21 -24.19
N LEU D 132 -3.77 28.98 -23.69
CA LEU D 132 -2.47 28.53 -23.24
C LEU D 132 -1.50 28.51 -24.41
N ILE D 133 -1.93 27.91 -25.50
CA ILE D 133 -1.09 27.81 -26.70
C ILE D 133 -0.68 29.19 -27.22
N ASN D 134 -1.65 30.08 -27.35
CA ASN D 134 -1.39 31.37 -27.97
C ASN D 134 -0.59 32.28 -27.07
N SER D 135 -0.92 32.28 -25.78
CA SER D 135 -0.23 33.11 -24.80
C SER D 135 1.21 32.74 -24.61
N ASN D 136 1.59 31.50 -24.88
CA ASN D 136 2.93 31.03 -24.51
C ASN D 136 3.80 30.57 -25.69
N GLY D 137 3.37 30.90 -26.91
CA GLY D 137 4.11 30.57 -28.10
C GLY D 137 4.39 29.09 -28.24
N ILE D 138 3.42 28.27 -27.94
CA ILE D 138 3.61 26.82 -28.02
C ILE D 138 3.64 26.28 -29.44
N LYS D 139 2.89 26.87 -30.39
CA LYS D 139 2.82 26.33 -31.75
C LYS D 139 4.19 26.10 -32.37
N PRO D 140 5.10 27.08 -32.25
CA PRO D 140 6.45 26.87 -32.78
C PRO D 140 7.15 25.67 -32.15
N VAL D 141 6.93 25.48 -30.86
CA VAL D 141 7.54 24.35 -30.14
C VAL D 141 6.92 23.03 -30.65
N MET D 142 5.63 23.04 -30.94
CA MET D 142 4.98 21.86 -31.50
C MET D 142 5.60 21.48 -32.82
N GLU D 143 5.86 22.47 -33.66
CA GLU D 143 6.42 22.24 -34.99
C GLU D 143 7.82 21.68 -34.86
N GLN D 144 8.57 22.20 -33.89
CA GLN D 144 9.91 21.73 -33.58
C GLN D 144 9.95 20.22 -33.29
N TYR D 145 8.90 19.70 -32.68
CA TYR D 145 8.85 18.27 -32.39
C TYR D 145 8.02 17.47 -33.39
N GLY D 146 7.75 18.05 -34.55
CA GLY D 146 7.12 17.31 -35.63
C GLY D 146 5.61 17.35 -35.66
N LEU D 147 4.98 18.17 -34.82
CA LEU D 147 3.54 18.25 -34.85
C LEU D 147 3.16 19.25 -35.91
N ILE D 148 1.93 19.09 -36.41
CA ILE D 148 1.33 20.02 -37.37
C ILE D 148 0.17 20.74 -36.68
N PRO D 149 0.41 21.93 -36.13
CA PRO D 149 -0.55 22.62 -35.27
C PRO D 149 -1.99 22.69 -35.76
N GLU D 150 -2.21 22.91 -37.04
CA GLU D 150 -3.56 23.14 -37.50
C GLU D 150 -4.37 21.89 -37.25
N GLU D 151 -3.87 20.76 -37.76
CA GLU D 151 -4.52 19.45 -37.59
C GLU D 151 -4.49 18.98 -36.15
N ASP D 152 -3.34 19.13 -35.51
CA ASP D 152 -3.11 18.51 -34.21
C ASP D 152 -3.80 19.24 -33.06
N ILE D 153 -3.86 20.56 -33.14
CA ILE D 153 -4.64 21.32 -32.17
C ILE D 153 -6.12 20.94 -32.32
N CYS D 154 -6.59 20.80 -33.55
CA CYS D 154 -7.95 20.37 -33.77
C CYS D 154 -8.16 18.97 -33.15
N PHE D 155 -7.24 18.07 -33.43
CA PHE D 155 -7.28 16.70 -32.90
C PHE D 155 -7.33 16.67 -31.36
N ILE D 156 -6.50 17.47 -30.73
CA ILE D 156 -6.47 17.59 -29.29
C ILE D 156 -7.79 18.12 -28.72
N LYS D 157 -8.34 19.14 -29.33
CA LYS D 157 -9.60 19.70 -28.87
C LYS D 157 -10.72 18.69 -29.04
N GLU D 158 -10.67 17.95 -30.15
CA GLU D 158 -11.69 16.97 -30.44
C GLU D 158 -11.66 15.85 -29.41
N GLN D 159 -10.46 15.46 -28.99
CA GLN D 159 -10.30 14.41 -27.98
C GLN D 159 -10.93 14.81 -26.64
N ILE D 160 -10.92 16.09 -26.32
CA ILE D 160 -11.47 16.59 -25.09
C ILE D 160 -12.99 16.74 -25.17
N VAL D 161 -13.47 17.29 -26.25
CA VAL D 161 -14.83 17.78 -26.29
C VAL D 161 -15.69 17.10 -27.35
N GLY D 162 -15.10 16.25 -28.18
CA GLY D 162 -15.84 15.63 -29.27
C GLY D 162 -15.78 16.48 -30.52
N PRO D 163 -16.57 16.11 -31.56
CA PRO D 163 -16.55 16.86 -32.83
C PRO D 163 -16.91 18.31 -32.61
N LEU D 164 -16.21 19.21 -33.28
CA LEU D 164 -16.51 20.63 -33.16
C LEU D 164 -17.73 20.95 -34.07
N GLU D 165 -17.91 20.21 -35.17
CA GLU D 165 -19.27 19.90 -35.69
C GLU D 165 -20.24 19.74 -34.50
N LEU D 172 -21.58 10.57 -41.51
CA LEU D 172 -20.19 10.74 -41.92
C LEU D 172 -19.22 10.58 -40.74
N TRP D 173 -17.94 10.38 -41.03
CA TRP D 173 -16.88 10.44 -39.99
C TRP D 173 -16.85 11.91 -39.62
N PRO D 174 -17.23 12.25 -38.37
CA PRO D 174 -17.39 13.65 -37.98
C PRO D 174 -16.11 14.39 -37.54
N TYR D 175 -14.99 13.70 -37.42
CA TYR D 175 -13.77 14.29 -36.89
C TYR D 175 -12.87 14.76 -38.01
N LYS D 176 -12.16 15.85 -37.75
CA LYS D 176 -11.22 16.42 -38.73
C LYS D 176 -9.75 16.27 -38.34
N GLY D 177 -9.45 16.08 -37.06
CA GLY D 177 -8.06 16.00 -36.62
C GLY D 177 -7.35 14.73 -37.06
N ARG D 178 -8.09 13.65 -37.25
CA ARG D 178 -7.54 12.37 -37.68
C ARG D 178 -8.62 11.64 -38.45
N PRO D 179 -8.22 10.75 -39.37
CA PRO D 179 -9.16 9.94 -40.14
C PRO D 179 -9.68 8.66 -39.45
N GLU D 180 -10.63 7.98 -40.11
CA GLU D 180 -11.27 6.77 -39.56
C GLU D 180 -10.34 5.66 -39.14
N ASN D 181 -9.24 5.50 -39.88
CA ASN D 181 -8.24 4.48 -39.56
C ASN D 181 -7.55 4.74 -38.21
N LYS D 182 -7.58 5.98 -37.73
CA LYS D 182 -7.04 6.31 -36.41
C LYS D 182 -8.15 6.58 -35.40
N SER D 183 -9.35 6.07 -35.66
CA SER D 183 -10.50 6.35 -34.80
C SER D 183 -10.32 5.91 -33.35
N PHE D 184 -9.60 4.81 -33.15
CA PHE D 184 -9.29 4.31 -31.82
C PHE D 184 -8.58 5.31 -30.89
N LEU D 185 -7.85 6.27 -31.48
CA LEU D 185 -7.18 7.30 -30.68
C LEU D 185 -8.15 8.20 -29.91
N TYR D 186 -9.36 8.37 -30.45
CA TYR D 186 -10.38 9.19 -29.79
C TYR D 186 -11.08 8.50 -28.62
N GLU D 187 -10.72 7.24 -28.37
CA GLU D 187 -11.28 6.45 -27.27
C GLU D 187 -10.41 6.46 -26.02
N ILE D 188 -9.28 7.16 -26.08
CA ILE D 188 -8.30 7.09 -25.00
C ILE D 188 -8.55 8.10 -23.91
N VAL D 189 -8.73 9.35 -24.27
CA VAL D 189 -8.77 10.40 -23.26
C VAL D 189 -10.16 10.63 -22.72
N SER D 190 -11.10 10.72 -23.62
CA SER D 190 -12.46 10.97 -23.23
C SER D 190 -13.37 10.23 -24.15
N ASN D 191 -13.80 9.06 -23.68
CA ASN D 191 -14.47 8.10 -24.51
C ASN D 191 -15.96 8.37 -24.54
N LYS D 192 -16.43 8.98 -25.61
CA LYS D 192 -17.83 9.37 -25.73
C LYS D 192 -18.77 8.19 -25.98
N ARG D 193 -18.26 7.12 -26.53
CA ARG D 193 -19.05 5.93 -26.80
C ARG D 193 -19.51 5.16 -25.55
N ASN D 194 -18.61 4.97 -24.58
CA ASN D 194 -18.94 4.19 -23.37
C ASN D 194 -18.29 4.65 -22.07
N GLY D 195 -17.51 5.75 -22.10
CA GLY D 195 -16.90 6.30 -20.90
C GLY D 195 -15.70 5.54 -20.35
N ILE D 196 -15.21 4.51 -21.05
CA ILE D 196 -14.06 3.81 -20.56
C ILE D 196 -12.76 4.48 -21.07
N ASP D 197 -12.15 5.29 -20.21
CA ASP D 197 -11.00 6.08 -20.60
C ASP D 197 -10.06 6.27 -19.45
N VAL D 198 -8.88 6.82 -19.74
CA VAL D 198 -7.80 6.96 -18.76
C VAL D 198 -8.07 8.01 -17.68
N ASP D 199 -9.06 8.89 -17.89
CA ASP D 199 -9.41 9.88 -16.86
C ASP D 199 -9.93 9.18 -15.59
N LYS D 200 -10.89 8.28 -15.76
CA LYS D 200 -11.39 7.46 -14.67
C LYS D 200 -10.30 6.64 -14.01
N TRP D 201 -9.47 6.04 -14.82
CA TRP D 201 -8.46 5.15 -14.27
C TRP D 201 -7.51 5.92 -13.34
N ASP D 202 -7.12 7.15 -13.69
CA ASP D 202 -6.36 7.92 -12.74
C ASP D 202 -7.18 8.30 -11.51
N TYR D 203 -8.36 8.87 -11.70
CA TYR D 203 -9.08 9.36 -10.50
C TYR D 203 -9.51 8.25 -9.54
N PHE D 204 -9.80 7.05 -10.06
CA PHE D 204 -10.08 5.93 -9.15
C PHE D 204 -8.91 5.71 -8.21
N ALA D 205 -7.74 5.55 -8.79
CA ALA D 205 -6.58 5.23 -8.01
C ALA D 205 -6.17 6.46 -7.16
N ARG D 206 -6.23 7.65 -7.70
CA ARG D 206 -5.73 8.80 -6.95
C ARG D 206 -6.70 9.13 -5.82
N ASP D 207 -7.98 9.18 -6.14
CA ASP D 207 -8.97 9.52 -5.10
C ASP D 207 -8.99 8.46 -3.98
N CYS D 208 -8.92 7.19 -4.33
CA CYS D 208 -8.86 6.14 -3.30
C CYS D 208 -7.66 6.23 -2.38
N HIS D 209 -6.49 6.49 -2.96
CA HIS D 209 -5.24 6.75 -2.22
C HIS D 209 -5.39 7.89 -1.20
N HIS D 210 -6.09 8.94 -1.61
CA HIS D 210 -6.22 10.12 -0.78
C HIS D 210 -7.42 10.02 0.18
N LEU D 211 -8.51 9.44 -0.28
CA LEU D 211 -9.70 9.34 0.55
C LEU D 211 -9.50 8.34 1.70
N GLY D 212 -8.67 7.32 1.46
CA GLY D 212 -8.55 6.21 2.37
C GLY D 212 -9.58 5.14 2.07
N ILE D 213 -9.90 4.92 0.80
CA ILE D 213 -10.76 3.81 0.41
C ILE D 213 -9.94 2.88 -0.43
N GLN D 214 -9.90 1.61 -0.09
CA GLN D 214 -9.04 0.62 -0.76
C GLN D 214 -9.96 -0.03 -1.78
N ASN D 215 -10.13 0.69 -2.88
CA ASN D 215 -10.82 0.21 -4.05
C ASN D 215 -10.05 0.74 -5.24
N ASN D 216 -10.17 0.08 -6.38
CA ASN D 216 -9.48 0.53 -7.58
C ASN D 216 -9.96 -0.24 -8.79
N PHE D 217 -9.68 0.31 -9.98
CA PHE D 217 -9.74 -0.48 -11.21
C PHE D 217 -8.32 -0.84 -11.65
N ASP D 218 -8.08 -2.12 -11.97
CA ASP D 218 -6.77 -2.51 -12.49
C ASP D 218 -6.62 -2.12 -13.97
N TYR D 219 -6.15 -0.89 -14.19
CA TYR D 219 -6.04 -0.35 -15.52
C TYR D 219 -4.82 -0.93 -16.22
N LYS D 220 -3.79 -1.26 -15.47
CA LYS D 220 -2.60 -1.86 -16.09
C LYS D 220 -2.96 -3.19 -16.76
N ARG D 221 -3.77 -3.97 -16.06
CA ARG D 221 -4.27 -5.21 -16.63
C ARG D 221 -5.09 -4.97 -17.88
N PHE D 222 -5.98 -4.00 -17.80
CA PHE D 222 -6.80 -3.67 -18.94
C PHE D 222 -6.01 -3.24 -20.17
N ILE D 223 -5.01 -2.38 -19.97
CA ILE D 223 -4.13 -1.98 -21.05
C ILE D 223 -3.44 -3.16 -21.70
N LYS D 224 -2.94 -4.10 -20.90
CA LYS D 224 -2.32 -5.28 -21.49
C LYS D 224 -3.24 -6.07 -22.35
N PHE D 225 -4.54 -6.10 -22.05
CA PHE D 225 -5.46 -6.88 -22.87
C PHE D 225 -6.23 -6.06 -23.88
N ALA D 226 -5.87 -4.80 -24.08
CA ALA D 226 -6.58 -3.97 -25.05
C ALA D 226 -5.99 -4.17 -26.46
N ARG D 227 -6.84 -4.20 -27.48
CA ARG D 227 -6.43 -4.40 -28.85
C ARG D 227 -7.32 -3.56 -29.74
N VAL D 228 -6.84 -3.27 -30.93
CA VAL D 228 -7.66 -2.60 -31.90
C VAL D 228 -8.19 -3.62 -32.90
N CYS D 229 -9.48 -3.57 -33.16
CA CYS D 229 -10.13 -4.41 -34.15
C CYS D 229 -11.07 -3.56 -34.99
N GLU D 230 -11.42 -4.06 -36.17
CA GLU D 230 -12.41 -3.41 -37.01
C GLU D 230 -13.80 -3.65 -36.46
N VAL D 231 -14.55 -2.58 -36.25
CA VAL D 231 -15.93 -2.67 -35.83
C VAL D 231 -16.72 -1.74 -36.72
N ASP D 232 -17.68 -2.29 -37.47
CA ASP D 232 -18.51 -1.54 -38.42
C ASP D 232 -17.65 -0.58 -39.23
N ASN D 233 -16.58 -1.06 -39.84
CA ASN D 233 -15.70 -0.21 -40.67
C ASN D 233 -15.02 0.96 -39.96
N GLU D 234 -14.84 0.79 -38.65
CA GLU D 234 -14.04 1.70 -37.86
C GLU D 234 -13.05 0.84 -37.10
N LEU D 235 -11.84 1.37 -36.90
CA LEU D 235 -10.90 0.73 -35.98
C LEU D 235 -11.17 1.20 -34.57
N ARG D 236 -11.54 0.25 -33.70
CA ARG D 236 -11.80 0.56 -32.31
C ARG D 236 -10.99 -0.24 -31.32
N ILE D 237 -10.88 0.30 -30.13
CA ILE D 237 -10.27 -0.43 -29.02
C ILE D 237 -11.26 -1.48 -28.56
N CYS D 238 -10.79 -2.71 -28.48
CA CYS D 238 -11.54 -3.84 -27.96
C CYS D 238 -10.83 -4.41 -26.78
N ALA D 239 -11.66 -4.90 -25.85
CA ALA D 239 -11.15 -5.58 -24.69
C ALA D 239 -11.28 -7.08 -24.89
N ARG D 240 -10.38 -7.80 -24.26
CA ARG D 240 -10.44 -9.24 -24.23
C ARG D 240 -11.72 -9.71 -23.53
N ASP D 241 -12.38 -10.74 -24.06
CA ASP D 241 -13.65 -11.26 -23.49
C ASP D 241 -13.63 -11.46 -21.97
N LYS D 242 -12.57 -12.04 -21.47
CA LYS D 242 -12.42 -12.26 -20.05
C LYS D 242 -12.43 -10.97 -19.20
N GLU D 243 -12.23 -9.81 -19.81
CA GLU D 243 -12.27 -8.56 -19.04
C GLU D 243 -13.65 -7.98 -18.78
N VAL D 244 -14.71 -8.64 -19.27
CA VAL D 244 -16.06 -8.06 -19.22
C VAL D 244 -16.54 -7.86 -17.80
N GLY D 245 -16.26 -8.83 -16.94
CA GLY D 245 -16.59 -8.72 -15.50
C GLY D 245 -15.84 -7.60 -14.84
N ASN D 246 -14.57 -7.40 -15.21
CA ASN D 246 -13.80 -6.28 -14.66
C ASN D 246 -14.34 -4.95 -15.07
N LEU D 247 -14.91 -4.90 -16.27
CA LEU D 247 -15.55 -3.66 -16.73
C LEU D 247 -16.84 -3.34 -15.97
N TYR D 248 -17.65 -4.35 -15.72
CA TYR D 248 -18.78 -4.15 -14.86
C TYR D 248 -18.32 -3.66 -13.50
N ASP D 249 -17.27 -4.27 -12.96
CA ASP D 249 -16.71 -3.88 -11.66
C ASP D 249 -16.22 -2.43 -11.68
N MET D 250 -15.63 -2.04 -12.79
CA MET D 250 -15.18 -0.67 -12.93
C MET D 250 -16.31 0.34 -12.68
N PHE D 251 -17.47 0.10 -13.30
CA PHE D 251 -18.61 1.00 -13.11
C PHE D 251 -19.26 0.85 -11.74
N HIS D 252 -19.21 -0.35 -11.18
CA HIS D 252 -19.67 -0.52 -9.81
C HIS D 252 -18.81 0.32 -8.86
N THR D 253 -17.51 0.29 -9.05
CA THR D 253 -16.60 1.10 -8.25
C THR D 253 -16.91 2.55 -8.38
N ARG D 254 -17.14 3.01 -9.61
CA ARG D 254 -17.42 4.40 -9.86
C ARG D 254 -18.66 4.81 -9.07
N ASN D 255 -19.68 3.96 -9.10
CA ASN D 255 -20.86 4.28 -8.39
C ASN D 255 -20.70 4.28 -6.87
N SER D 256 -19.89 3.34 -6.38
CA SER D 256 -19.53 3.27 -4.97
C SER D 256 -18.82 4.54 -4.53
N LEU D 257 -17.88 5.01 -5.35
CA LEU D 257 -17.17 6.22 -5.03
C LEU D 257 -18.07 7.46 -5.03
N HIS D 258 -19.00 7.53 -5.95
CA HIS D 258 -19.97 8.63 -5.92
C HIS D 258 -20.86 8.55 -4.68
N ARG D 259 -21.35 7.35 -4.35
CA ARG D 259 -22.18 7.20 -3.15
C ARG D 259 -21.47 7.57 -1.88
N ARG D 260 -20.28 7.04 -1.66
CA ARG D 260 -19.57 7.23 -0.40
C ARG D 260 -18.87 8.57 -0.33
N ALA D 261 -18.36 9.06 -1.47
CA ALA D 261 -17.47 10.22 -1.42
C ALA D 261 -17.96 11.42 -2.25
N TYR D 262 -18.10 11.28 -3.55
CA TYR D 262 -18.29 12.48 -4.38
C TYR D 262 -19.66 13.13 -4.08
N GLN D 263 -20.63 12.30 -3.67
CA GLN D 263 -21.95 12.75 -3.28
C GLN D 263 -22.22 12.57 -1.79
N HIS D 264 -21.17 12.49 -0.98
CA HIS D 264 -21.38 12.51 0.43
C HIS D 264 -22.31 13.66 0.79
N LYS D 265 -23.30 13.36 1.64
CA LYS D 265 -24.35 14.33 1.99
C LYS D 265 -23.78 15.65 2.56
N VAL D 266 -22.71 15.56 3.36
CA VAL D 266 -22.10 16.76 3.95
C VAL D 266 -21.19 17.47 2.97
N GLY D 267 -20.45 16.70 2.17
CA GLY D 267 -19.59 17.32 1.17
C GLY D 267 -20.41 18.13 0.20
N ASN D 268 -21.58 17.60 -0.15
CA ASN D 268 -22.51 18.31 -1.04
C ASN D 268 -23.10 19.56 -0.40
N ILE D 269 -23.40 19.49 0.89
CA ILE D 269 -24.00 20.68 1.52
C ILE D 269 -22.97 21.78 1.66
N ILE D 270 -21.73 21.41 1.87
CA ILE D 270 -20.65 22.38 1.92
C ILE D 270 -20.45 23.02 0.56
N ASP D 271 -20.54 22.23 -0.50
CA ASP D 271 -20.46 22.77 -1.85
C ASP D 271 -21.60 23.73 -2.08
N THR D 272 -22.76 23.39 -1.54
CA THR D 272 -23.94 24.22 -1.70
C THR D 272 -23.74 25.53 -0.95
N MET D 273 -23.13 25.45 0.24
CA MET D 273 -22.93 26.64 1.05
C MET D 273 -21.93 27.56 0.37
N ILE D 274 -20.90 26.98 -0.20
CA ILE D 274 -19.88 27.76 -0.90
C ILE D 274 -20.47 28.41 -2.15
N THR D 275 -21.30 27.66 -2.85
CA THR D 275 -21.99 28.19 -4.02
C THR D 275 -22.88 29.38 -3.64
N ASP D 276 -23.59 29.28 -2.51
CA ASP D 276 -24.43 30.37 -2.04
C ASP D 276 -23.60 31.58 -1.74
N ALA D 277 -22.45 31.36 -1.09
CA ALA D 277 -21.55 32.46 -0.77
C ALA D 277 -21.04 33.12 -2.05
N PHE D 278 -20.71 32.31 -3.05
CA PHE D 278 -20.26 32.86 -4.34
C PHE D 278 -21.36 33.69 -4.99
N LEU D 279 -22.61 33.23 -4.94
CA LEU D 279 -23.74 34.00 -5.50
C LEU D 279 -23.86 35.36 -4.82
N LYS D 280 -23.70 35.37 -3.51
CA LYS D 280 -23.77 36.61 -2.72
C LYS D 280 -22.58 37.51 -2.92
N ALA D 281 -21.47 36.96 -3.36
CA ALA D 281 -20.29 37.75 -3.62
C ALA D 281 -20.19 38.17 -5.09
N ASP D 282 -20.99 37.58 -5.96
CA ASP D 282 -20.76 37.67 -7.41
C ASP D 282 -20.81 39.10 -7.92
N ASP D 283 -21.70 39.90 -7.36
CA ASP D 283 -21.74 41.34 -7.68
C ASP D 283 -20.53 42.17 -7.28
N TYR D 284 -19.82 41.75 -6.25
CA TYR D 284 -18.79 42.58 -5.66
C TYR D 284 -17.36 42.17 -5.93
N ILE D 285 -17.13 40.91 -6.28
CA ILE D 285 -15.77 40.47 -6.56
C ILE D 285 -15.42 40.78 -8.00
N GLU D 286 -14.22 41.33 -8.18
CA GLU D 286 -13.75 41.67 -9.49
C GLU D 286 -12.46 40.91 -9.84
N ILE D 287 -12.42 40.36 -11.04
CA ILE D 287 -11.29 39.60 -11.53
C ILE D 287 -10.83 40.27 -12.80
N THR D 288 -9.55 40.63 -12.85
CA THR D 288 -9.04 41.39 -13.96
C THR D 288 -8.67 40.44 -15.08
N GLY D 289 -9.23 40.69 -16.25
CA GLY D 289 -8.95 39.90 -17.45
C GLY D 289 -8.14 40.67 -18.46
N ALA D 290 -8.33 40.32 -19.73
CA ALA D 290 -7.62 40.95 -20.81
C ALA D 290 -7.90 42.45 -20.86
N GLY D 291 -6.84 43.22 -21.05
CA GLY D 291 -6.93 44.66 -21.19
C GLY D 291 -7.25 45.39 -19.90
N GLY D 292 -7.06 44.74 -18.75
CA GLY D 292 -7.26 45.39 -17.42
C GLY D 292 -8.67 45.53 -16.92
N LYS D 293 -9.49 44.76 -17.58
CA LYS D 293 -10.88 44.95 -17.66
C LYS D 293 -11.44 43.91 -16.74
N LYS D 294 -12.60 44.20 -16.19
CA LYS D 294 -13.00 43.48 -15.00
C LYS D 294 -14.18 42.54 -15.19
N TYR D 295 -14.08 41.38 -14.56
CA TYR D 295 -15.09 40.32 -14.69
C TYR D 295 -15.56 39.92 -13.33
N ARG D 296 -16.69 39.22 -13.30
CA ARG D 296 -17.21 38.64 -12.09
C ARG D 296 -16.94 37.17 -12.11
N ILE D 297 -17.08 36.57 -10.95
CA ILE D 297 -16.90 35.14 -10.82
C ILE D 297 -17.69 34.42 -11.94
N SER D 298 -18.92 34.88 -12.15
CA SER D 298 -19.80 34.25 -13.13
C SER D 298 -19.53 34.63 -14.57
N THR D 299 -18.78 35.70 -14.82
CA THR D 299 -18.43 36.06 -16.18
C THR D 299 -16.97 35.79 -16.57
N ALA D 300 -16.13 35.38 -15.60
CA ALA D 300 -14.72 35.10 -15.88
C ALA D 300 -14.58 34.00 -16.90
N ILE D 301 -15.60 33.14 -16.99
CA ILE D 301 -15.63 32.11 -18.02
C ILE D 301 -15.58 32.67 -19.43
N ASP D 302 -15.92 33.93 -19.60
CA ASP D 302 -15.90 34.53 -20.93
C ASP D 302 -14.52 35.02 -21.35
N ASP D 303 -13.61 35.16 -20.40
CA ASP D 303 -12.28 35.67 -20.71
C ASP D 303 -11.25 34.78 -20.05
N MET D 304 -10.46 34.10 -20.86
CA MET D 304 -9.55 33.10 -20.36
C MET D 304 -8.44 33.68 -19.50
N GLU D 305 -8.04 34.90 -19.79
CA GLU D 305 -7.08 35.58 -18.94
C GLU D 305 -7.60 35.79 -17.51
N ALA D 306 -8.87 36.10 -17.39
CA ALA D 306 -9.51 36.20 -16.08
C ALA D 306 -9.70 34.85 -15.46
N TYR D 307 -10.16 33.91 -16.28
CA TYR D 307 -10.47 32.58 -15.76
C TYR D 307 -9.21 31.92 -15.24
N THR D 308 -8.08 32.26 -15.84
CA THR D 308 -6.80 31.78 -15.37
C THR D 308 -6.61 32.07 -13.88
N LYS D 309 -7.13 33.20 -13.39
CA LYS D 309 -6.93 33.63 -12.00
C LYS D 309 -8.11 33.27 -11.11
N LEU D 310 -8.99 32.41 -11.58
CA LEU D 310 -10.20 32.04 -10.84
C LEU D 310 -10.05 30.63 -10.35
N THR D 311 -9.74 30.52 -9.07
CA THR D 311 -9.40 29.27 -8.42
C THR D 311 -10.02 29.24 -7.04
N ASP D 312 -9.67 28.22 -6.26
CA ASP D 312 -10.17 28.11 -4.88
C ASP D 312 -9.82 29.34 -4.01
N ASN D 313 -8.81 30.10 -4.41
CA ASN D 313 -8.47 31.38 -3.79
C ASN D 313 -9.68 32.31 -3.54
N ILE D 314 -10.68 32.28 -4.41
CA ILE D 314 -11.84 33.11 -4.22
C ILE D 314 -12.53 32.88 -2.89
N PHE D 315 -12.57 31.63 -2.50
CA PHE D 315 -13.06 31.25 -1.18
C PHE D 315 -12.40 32.04 -0.08
N LEU D 316 -11.09 32.11 -0.10
CA LEU D 316 -10.35 32.85 0.93
C LEU D 316 -10.43 34.34 0.78
N GLU D 317 -10.49 34.80 -0.45
CA GLU D 317 -10.69 36.24 -0.68
C GLU D 317 -12.00 36.72 -0.04
N ILE D 318 -13.06 35.94 -0.20
CA ILE D 318 -14.33 36.22 0.44
C ILE D 318 -14.19 36.10 1.96
N LEU D 319 -13.64 35.01 2.42
CA LEU D 319 -13.54 34.78 3.86
C LEU D 319 -12.76 35.88 4.56
N TYR D 320 -11.68 36.35 3.94
CA TYR D 320 -10.82 37.34 4.56
C TYR D 320 -11.23 38.79 4.25
N SER D 321 -12.30 38.97 3.48
CA SER D 321 -12.73 40.31 3.09
C SER D 321 -13.16 41.14 4.29
N THR D 322 -13.03 42.46 4.17
CA THR D 322 -13.58 43.39 5.18
C THR D 322 -14.71 44.26 4.61
N ASP D 323 -14.86 44.26 3.29
CA ASP D 323 -15.90 45.03 2.66
C ASP D 323 -17.29 44.63 3.17
N PRO D 324 -18.07 45.62 3.65
CA PRO D 324 -19.41 45.33 4.16
C PRO D 324 -20.38 44.75 3.11
N LYS D 325 -20.14 45.01 1.83
CA LYS D 325 -20.98 44.44 0.77
C LYS D 325 -20.91 42.93 0.77
N LEU D 326 -19.74 42.41 1.18
CA LEU D 326 -19.49 40.98 1.25
C LEU D 326 -19.78 40.34 2.59
N LYS D 327 -20.41 41.09 3.49
CA LYS D 327 -20.73 40.56 4.80
C LYS D 327 -21.53 39.26 4.73
N ASP D 328 -22.54 39.21 3.87
CA ASP D 328 -23.44 38.06 3.80
C ASP D 328 -22.76 36.82 3.27
N ALA D 329 -21.94 37.02 2.25
CA ALA D 329 -21.14 35.95 1.67
C ALA D 329 -20.13 35.43 2.70
N ARG D 330 -19.40 36.36 3.30
CA ARG D 330 -18.41 36.06 4.31
C ARG D 330 -19.05 35.32 5.49
N GLU D 331 -20.26 35.70 5.89
CA GLU D 331 -20.93 35.03 7.02
C GLU D 331 -21.19 33.56 6.77
N ILE D 332 -21.56 33.23 5.54
CA ILE D 332 -21.79 31.86 5.19
C ILE D 332 -20.50 31.03 5.32
N LEU D 333 -19.40 31.55 4.79
CA LEU D 333 -18.12 30.83 4.91
C LEU D 333 -17.68 30.72 6.35
N LYS D 334 -17.97 31.73 7.17
CA LYS D 334 -17.63 31.66 8.58
C LYS D 334 -18.40 30.53 9.26
N GLN D 335 -19.64 30.31 8.83
CA GLN D 335 -20.43 29.26 9.40
C GLN D 335 -19.85 27.91 9.05
N ILE D 336 -19.30 27.78 7.84
CA ILE D 336 -18.56 26.58 7.49
C ILE D 336 -17.39 26.29 8.45
N GLU D 337 -16.56 27.27 8.75
CA GLU D 337 -15.44 27.10 9.67
C GLU D 337 -15.85 26.68 11.08
N TYR D 338 -16.97 27.21 11.57
CA TYR D 338 -17.53 26.80 12.87
C TYR D 338 -18.32 25.51 12.76
N ARG D 339 -18.41 24.95 11.54
CA ARG D 339 -19.17 23.76 11.31
C ARG D 339 -20.64 23.97 11.67
N ASN D 340 -21.13 25.16 11.48
CA ASN D 340 -22.55 25.41 11.65
C ASN D 340 -23.18 25.30 10.25
N LEU D 341 -23.36 24.06 9.82
CA LEU D 341 -23.80 23.79 8.47
C LEU D 341 -25.30 23.67 8.46
N PHE D 342 -25.88 23.83 7.28
CA PHE D 342 -27.27 23.44 7.08
C PHE D 342 -27.37 21.97 7.46
N LYS D 343 -28.46 21.58 8.11
CA LYS D 343 -28.59 20.24 8.67
C LYS D 343 -29.26 19.32 7.69
N TYR D 344 -28.65 18.14 7.51
CA TYR D 344 -29.21 17.06 6.74
C TYR D 344 -30.44 16.53 7.46
N VAL D 345 -31.55 16.48 6.73
CA VAL D 345 -32.80 15.98 7.26
C VAL D 345 -32.99 14.51 6.86
N GLY D 346 -32.71 14.19 5.59
CA GLY D 346 -32.85 12.83 5.09
C GLY D 346 -32.69 12.67 3.60
N GLU D 347 -32.85 11.43 3.17
CA GLU D 347 -32.72 11.03 1.77
C GLU D 347 -33.92 10.17 1.36
N THR D 348 -34.36 10.31 0.12
CA THR D 348 -35.43 9.47 -0.43
C THR D 348 -35.17 9.29 -1.92
N GLN D 349 -35.96 8.43 -2.55
CA GLN D 349 -35.88 8.24 -4.01
C GLN D 349 -37.27 8.22 -4.61
N PRO D 350 -37.37 8.65 -5.86
CA PRO D 350 -38.62 8.49 -6.62
C PRO D 350 -38.95 7.02 -6.86
N THR D 351 -40.24 6.69 -6.89
CA THR D 351 -40.69 5.32 -7.02
C THR D 351 -41.11 5.06 -8.45
N GLY D 352 -40.74 3.87 -8.93
CA GLY D 352 -41.11 3.37 -10.25
C GLY D 352 -40.30 4.19 -11.23
N GLN D 353 -40.94 4.69 -12.29
CA GLN D 353 -40.20 5.40 -13.32
C GLN D 353 -40.25 6.90 -13.23
N ILE D 354 -40.53 7.43 -12.04
CA ILE D 354 -40.75 8.84 -11.85
C ILE D 354 -39.32 9.40 -11.90
N LYS D 355 -39.16 10.48 -12.64
CA LYS D 355 -37.90 11.17 -12.72
C LYS D 355 -38.18 12.65 -12.53
N ILE D 356 -37.27 13.36 -11.89
CA ILE D 356 -37.43 14.77 -11.63
C ILE D 356 -36.56 15.63 -12.52
N LYS D 357 -37.23 16.61 -13.16
CA LYS D 357 -36.62 17.43 -14.19
C LYS D 357 -35.83 18.55 -13.53
N ARG D 358 -34.76 18.99 -14.18
CA ARG D 358 -33.93 20.09 -13.68
C ARG D 358 -34.72 21.38 -13.42
N GLU D 359 -35.66 21.67 -14.31
CA GLU D 359 -36.50 22.87 -14.17
C GLU D 359 -37.36 22.82 -12.91
N ASP D 360 -37.77 21.62 -12.52
CA ASP D 360 -38.57 21.45 -11.30
C ASP D 360 -37.82 21.63 -9.99
N TYR D 361 -36.49 21.64 -10.04
CA TYR D 361 -35.67 21.66 -8.82
C TYR D 361 -36.03 22.83 -7.90
N GLU D 362 -36.27 23.99 -8.50
CA GLU D 362 -36.61 25.20 -7.75
C GLU D 362 -37.89 25.09 -6.92
N SER D 363 -38.87 24.38 -7.46
CA SER D 363 -40.18 24.27 -6.81
C SER D 363 -40.15 23.32 -5.61
N LEU D 364 -39.15 22.45 -5.54
CA LEU D 364 -39.17 21.38 -4.52
C LEU D 364 -39.15 21.84 -3.05
N PRO D 365 -38.33 22.85 -2.72
CA PRO D 365 -38.41 23.40 -1.36
C PRO D 365 -39.83 23.89 -1.00
N LYS D 366 -40.50 24.57 -1.93
CA LYS D 366 -41.91 24.93 -1.79
C LYS D 366 -42.79 23.70 -1.49
N GLU D 367 -42.64 22.61 -2.25
CA GLU D 367 -43.44 21.40 -2.01
C GLU D 367 -43.24 20.81 -0.61
N VAL D 368 -41.99 20.77 -0.14
CA VAL D 368 -41.71 20.24 1.19
C VAL D 368 -42.35 21.11 2.28
N ALA D 369 -42.22 22.43 2.14
CA ALA D 369 -42.86 23.37 3.08
C ALA D 369 -44.39 23.31 3.05
N SER D 370 -44.96 22.89 1.91
CA SER D 370 -46.41 22.73 1.77
C SER D 370 -47.00 21.45 2.38
N ALA D 371 -46.17 20.51 2.78
CA ALA D 371 -46.65 19.17 3.21
C ALA D 371 -47.78 18.90 4.24
N LYS D 372 -47.81 19.56 5.38
CA LYS D 372 -48.94 19.40 6.36
C LYS D 372 -48.95 18.02 7.09
N PRO D 373 -47.89 17.77 7.84
CA PRO D 373 -47.86 16.60 8.70
C PRO D 373 -48.88 16.70 9.84
N LYS D 374 -49.54 15.60 10.18
CA LYS D 374 -50.53 15.59 11.25
C LYS D 374 -49.76 15.34 12.56
N VAL D 375 -49.06 16.37 13.01
CA VAL D 375 -48.22 16.30 14.22
C VAL D 375 -48.18 17.68 14.86
N LEU D 376 -48.06 17.73 16.18
CA LEU D 376 -47.92 19.01 16.86
C LEU D 376 -46.51 19.59 16.66
N LEU D 377 -46.45 20.81 16.16
CA LEU D 377 -45.17 21.48 15.90
C LEU D 377 -45.09 22.81 16.60
N ASP D 378 -43.99 23.05 17.31
CA ASP D 378 -43.70 24.37 17.88
C ASP D 378 -43.47 25.44 16.80
N VAL D 379 -42.71 25.10 15.78
CA VAL D 379 -42.30 26.04 14.74
C VAL D 379 -42.82 25.64 13.35
N LYS D 380 -43.04 26.64 12.50
CA LYS D 380 -43.56 26.44 11.16
C LYS D 380 -42.48 26.89 10.20
N LEU D 381 -42.12 26.05 9.24
CA LEU D 381 -40.98 26.34 8.33
C LEU D 381 -41.45 26.80 6.96
N LYS D 382 -40.57 27.52 6.26
CA LYS D 382 -40.85 28.13 4.95
C LYS D 382 -40.00 27.52 3.88
N ALA D 383 -40.40 27.71 2.63
CA ALA D 383 -39.63 27.23 1.49
C ALA D 383 -38.15 27.58 1.56
N GLU D 384 -37.86 28.82 1.89
CA GLU D 384 -36.49 29.31 1.96
C GLU D 384 -35.64 28.62 3.06
N ASP D 385 -36.31 27.95 4.01
CA ASP D 385 -35.62 27.17 5.05
C ASP D 385 -35.13 25.80 4.59
N PHE D 386 -35.60 25.35 3.42
CA PHE D 386 -35.26 24.02 2.93
C PHE D 386 -34.37 24.05 1.72
N ILE D 387 -33.44 23.10 1.70
CA ILE D 387 -32.67 22.80 0.51
C ILE D 387 -32.99 21.38 0.06
N VAL D 388 -33.25 21.23 -1.24
CA VAL D 388 -33.49 19.94 -1.82
C VAL D 388 -32.49 19.69 -2.92
N ASP D 389 -31.63 18.70 -2.74
CA ASP D 389 -30.55 18.39 -3.67
C ASP D 389 -30.92 17.08 -4.41
N VAL D 390 -31.06 17.15 -5.72
CA VAL D 390 -31.39 15.98 -6.52
C VAL D 390 -30.14 15.51 -7.22
N ILE D 391 -29.81 14.24 -7.07
CA ILE D 391 -28.59 13.68 -7.62
C ILE D 391 -28.90 12.50 -8.50
N ASN D 392 -28.42 12.60 -9.73
CA ASN D 392 -28.55 11.58 -10.72
C ASN D 392 -27.39 10.65 -10.63
N MET D 393 -27.67 9.40 -10.31
CA MET D 393 -26.66 8.36 -10.21
C MET D 393 -26.85 7.41 -11.37
N ASP D 394 -25.81 7.19 -12.17
CA ASP D 394 -25.86 6.21 -13.27
C ASP D 394 -24.50 5.56 -13.57
N TYR D 395 -24.47 4.73 -14.61
CA TYR D 395 -23.25 4.13 -15.15
C TYR D 395 -22.65 4.97 -16.30
N GLY D 396 -22.86 6.28 -16.26
CA GLY D 396 -22.24 7.19 -17.21
C GLY D 396 -23.05 7.45 -18.47
N MET D 397 -24.17 6.72 -18.67
CA MET D 397 -24.89 6.79 -19.95
C MET D 397 -26.38 6.78 -19.73
N GLN D 398 -26.81 7.58 -18.75
CA GLN D 398 -28.20 7.62 -18.30
C GLN D 398 -28.71 6.19 -18.11
N GLU D 399 -29.79 5.81 -18.79
CA GLU D 399 -30.45 4.54 -18.55
C GLU D 399 -29.68 3.38 -19.17
N LYS D 400 -28.79 3.68 -20.10
CA LYS D 400 -28.12 2.64 -20.87
C LYS D 400 -26.97 1.95 -20.11
N ASN D 401 -26.72 0.69 -20.48
CA ASN D 401 -25.62 -0.11 -19.99
C ASN D 401 -24.39 0.10 -20.88
N PRO D 402 -23.31 0.69 -20.30
CA PRO D 402 -22.15 1.00 -21.13
C PRO D 402 -21.46 -0.21 -21.72
N ILE D 403 -21.62 -1.35 -21.06
CA ILE D 403 -21.00 -2.58 -21.56
C ILE D 403 -21.66 -3.07 -22.86
N ASP D 404 -22.90 -2.70 -23.10
CA ASP D 404 -23.51 -2.95 -24.41
C ASP D 404 -22.82 -2.16 -25.53
N HIS D 405 -22.03 -1.15 -25.17
CA HIS D 405 -21.31 -0.33 -26.14
C HIS D 405 -19.82 -0.56 -26.14
N VAL D 406 -19.44 -1.75 -25.66
CA VAL D 406 -18.06 -2.22 -25.64
C VAL D 406 -17.89 -3.43 -26.57
N SER D 407 -16.78 -3.43 -27.28
CA SER D 407 -16.43 -4.47 -28.20
C SER D 407 -15.34 -5.33 -27.62
N PHE D 408 -15.48 -6.64 -27.82
CA PHE D 408 -14.54 -7.59 -27.24
C PHE D 408 -13.91 -8.45 -28.29
N TYR D 409 -12.84 -9.14 -27.91
CA TYR D 409 -12.25 -10.15 -28.75
C TYR D 409 -11.89 -11.37 -27.93
N CYS D 410 -11.75 -12.51 -28.59
CA CYS D 410 -11.42 -13.77 -27.97
C CYS D 410 -10.05 -14.24 -28.39
N LYS D 411 -9.46 -15.05 -27.52
CA LYS D 411 -8.09 -15.52 -27.71
C LYS D 411 -7.92 -16.30 -29.01
N THR D 412 -8.96 -17.05 -29.38
CA THR D 412 -8.95 -17.86 -30.60
C THR D 412 -9.14 -17.06 -31.90
N ALA D 413 -9.63 -15.82 -31.85
CA ALA D 413 -9.72 -14.97 -33.06
C ALA D 413 -9.54 -13.50 -32.72
N PRO D 414 -8.28 -13.08 -32.46
CA PRO D 414 -8.01 -11.76 -31.86
C PRO D 414 -8.43 -10.58 -32.70
N ASN D 415 -8.68 -10.78 -33.98
CA ASN D 415 -9.07 -9.69 -34.86
C ASN D 415 -10.53 -9.57 -35.03
N ARG D 416 -11.28 -10.51 -34.46
CA ARG D 416 -12.71 -10.57 -34.68
C ARG D 416 -13.41 -9.99 -33.44
N ALA D 417 -14.00 -8.82 -33.63
CA ALA D 417 -14.69 -8.11 -32.58
C ALA D 417 -16.05 -8.77 -32.33
N ILE D 418 -16.45 -8.86 -31.05
CA ILE D 418 -17.75 -9.43 -30.67
C ILE D 418 -18.43 -8.60 -29.62
N ARG D 419 -19.71 -8.88 -29.42
CA ARG D 419 -20.50 -8.26 -28.37
C ARG D 419 -20.75 -9.29 -27.27
N ILE D 420 -20.84 -8.82 -26.04
CA ILE D 420 -21.20 -9.67 -24.93
C ILE D 420 -22.36 -9.01 -24.18
N THR D 421 -23.48 -9.74 -24.08
CA THR D 421 -24.67 -9.23 -23.44
C THR D 421 -24.58 -9.50 -21.96
N LYS D 422 -25.38 -8.76 -21.21
CA LYS D 422 -25.42 -8.89 -19.75
C LYS D 422 -25.73 -10.32 -19.33
N ASN D 423 -26.65 -10.95 -20.04
CA ASN D 423 -27.07 -12.31 -19.72
C ASN D 423 -25.98 -13.36 -19.91
N GLN D 424 -25.04 -13.08 -20.80
CA GLN D 424 -23.89 -13.93 -20.98
C GLN D 424 -22.88 -13.78 -19.84
N VAL D 425 -23.03 -12.78 -19.01
CA VAL D 425 -22.05 -12.54 -17.95
C VAL D 425 -22.54 -13.02 -16.60
N SER D 426 -23.68 -12.50 -16.15
CA SER D 426 -24.18 -12.82 -14.81
C SER D 426 -25.61 -12.37 -14.60
N GLN D 427 -26.36 -13.11 -13.78
CA GLN D 427 -27.66 -12.69 -13.28
C GLN D 427 -27.57 -11.81 -12.02
N LEU D 428 -26.38 -11.65 -11.47
CA LEU D 428 -26.20 -10.84 -10.27
C LEU D 428 -25.86 -9.38 -10.59
N LEU D 429 -25.96 -9.00 -11.85
CA LEU D 429 -25.70 -7.64 -12.23
C LEU D 429 -26.95 -6.78 -12.03
N PRO D 430 -26.78 -5.44 -12.07
CA PRO D 430 -27.90 -4.51 -11.97
C PRO D 430 -28.91 -4.71 -13.09
N GLU D 431 -30.21 -4.54 -12.80
CA GLU D 431 -31.21 -4.55 -13.89
C GLU D 431 -31.46 -3.13 -14.39
N LYS D 432 -31.12 -2.14 -13.58
CA LYS D 432 -31.23 -0.73 -13.96
C LYS D 432 -29.86 -0.06 -13.82
N PHE D 433 -29.63 0.93 -14.66
CA PHE D 433 -28.35 1.64 -14.73
C PHE D 433 -28.41 3.14 -14.45
N ALA D 434 -29.61 3.65 -14.08
CA ALA D 434 -29.77 5.04 -13.61
C ALA D 434 -30.84 5.15 -12.52
N GLU D 435 -30.66 6.14 -11.64
CA GLU D 435 -31.58 6.39 -10.52
C GLU D 435 -31.39 7.81 -9.98
N GLN D 436 -32.35 8.29 -9.18
CA GLN D 436 -32.18 9.58 -8.52
C GLN D 436 -32.21 9.46 -7.01
N LEU D 437 -31.32 10.23 -6.38
CA LEU D 437 -31.33 10.42 -4.93
C LEU D 437 -31.78 11.86 -4.64
N ILE D 438 -32.62 12.01 -3.62
CA ILE D 438 -33.07 13.30 -3.16
C ILE D 438 -32.62 13.48 -1.72
N ARG D 439 -31.78 14.49 -1.48
CA ARG D 439 -31.44 14.86 -0.13
C ARG D 439 -32.15 16.17 0.26
N VAL D 440 -32.65 16.22 1.49
CA VAL D 440 -33.23 17.42 2.03
C VAL D 440 -32.43 17.88 3.25
N TYR D 441 -32.20 19.20 3.29
CA TYR D 441 -31.53 19.85 4.40
C TYR D 441 -32.36 21.03 4.89
N CYS D 442 -32.08 21.48 6.11
CA CYS D 442 -32.77 22.65 6.69
C CYS D 442 -31.76 23.69 7.13
N LYS D 443 -32.01 24.93 6.78
CA LYS D 443 -31.13 26.03 7.14
C LYS D 443 -31.28 26.45 8.59
N LYS D 444 -32.40 26.11 9.24
CA LYS D 444 -32.60 26.39 10.66
C LYS D 444 -32.13 25.18 11.43
N VAL D 445 -31.11 25.39 12.26
CA VAL D 445 -30.37 24.27 12.86
C VAL D 445 -30.78 23.93 14.29
N ASP D 446 -31.65 24.74 14.91
CA ASP D 446 -32.06 24.47 16.29
C ASP D 446 -32.86 23.18 16.38
N ARG D 447 -32.92 22.61 17.60
CA ARG D 447 -33.57 21.34 17.88
C ARG D 447 -35.01 21.27 17.38
N LYS D 448 -35.79 22.28 17.72
CA LYS D 448 -37.19 22.33 17.37
C LYS D 448 -37.36 22.47 15.86
N SER D 449 -36.56 23.30 15.23
CA SER D 449 -36.65 23.48 13.77
C SER D 449 -36.32 22.19 13.03
N LEU D 450 -35.28 21.51 13.50
CA LEU D 450 -34.86 20.24 12.94
C LEU D 450 -35.95 19.13 13.04
N TYR D 451 -36.56 19.02 14.22
CA TYR D 451 -37.66 18.09 14.45
C TYR D 451 -38.82 18.36 13.48
N ALA D 452 -39.13 19.63 13.30
CA ALA D 452 -40.19 20.03 12.38
C ALA D 452 -39.85 19.63 10.95
N ALA D 453 -38.62 19.95 10.55
CA ALA D 453 -38.14 19.63 9.21
C ALA D 453 -38.27 18.13 8.89
N ARG D 454 -38.01 17.29 9.89
CA ARG D 454 -38.15 15.87 9.70
C ARG D 454 -39.58 15.46 9.40
N GLN D 455 -40.51 16.12 10.06
CA GLN D 455 -41.92 15.83 9.87
C GLN D 455 -42.37 16.23 8.46
N TYR D 456 -41.98 17.44 8.05
CA TYR D 456 -42.31 17.92 6.70
C TYR D 456 -41.75 16.96 5.66
N PHE D 457 -40.50 16.60 5.85
CA PHE D 457 -39.80 15.76 4.90
C PHE D 457 -40.44 14.40 4.70
N VAL D 458 -40.68 13.70 5.80
CA VAL D 458 -41.29 12.38 5.71
C VAL D 458 -42.73 12.47 5.17
N GLN D 459 -43.47 13.51 5.57
CA GLN D 459 -44.81 13.72 5.03
C GLN D 459 -44.74 13.94 3.53
N TRP D 460 -43.78 14.75 3.11
CA TRP D 460 -43.56 15.04 1.70
C TRP D 460 -43.18 13.84 0.91
N CYS D 461 -42.37 12.92 1.47
CA CYS D 461 -42.08 11.61 0.84
C CYS D 461 -43.35 10.77 0.65
N ALA D 462 -44.17 10.69 1.71
CA ALA D 462 -45.43 9.97 1.68
C ALA D 462 -46.37 10.53 0.65
N ASP D 463 -46.58 11.85 0.70
CA ASP D 463 -47.45 12.54 -0.26
C ASP D 463 -47.04 12.21 -1.70
N ARG D 464 -45.74 12.11 -1.93
CA ARG D 464 -45.28 11.92 -3.29
C ARG D 464 -44.98 10.49 -3.67
N ASN D 465 -45.21 9.59 -2.72
CA ASN D 465 -45.02 8.19 -2.94
C ASN D 465 -43.56 7.91 -3.27
N PHE D 466 -42.67 8.63 -2.58
CA PHE D 466 -41.27 8.35 -2.65
C PHE D 466 -40.94 7.22 -1.69
N THR D 467 -39.70 6.76 -1.72
CA THR D 467 -39.30 5.67 -0.82
C THR D 467 -39.25 6.14 0.62
N LYS D 468 -39.50 5.22 1.53
CA LYS D 468 -39.46 5.52 2.96
C LYS D 468 -38.02 5.76 3.39
N PRO D 469 -37.76 6.94 3.96
CA PRO D 469 -36.40 7.18 4.46
C PRO D 469 -36.00 6.09 5.45
N GLN D 470 -34.73 5.74 5.42
CA GLN D 470 -34.23 4.60 6.18
C GLN D 470 -34.52 4.74 7.66
N ASP D 471 -34.44 5.95 8.19
CA ASP D 471 -34.70 6.22 9.60
C ASP D 471 -36.10 6.79 9.85
N GLY D 472 -36.99 6.65 8.86
CA GLY D 472 -38.32 7.25 8.88
C GLY D 472 -39.14 6.97 10.14
N ASP D 473 -39.11 5.71 10.60
CA ASP D 473 -39.86 5.33 11.82
C ASP D 473 -39.28 5.92 13.08
N VAL D 474 -38.00 6.29 13.05
CA VAL D 474 -37.36 6.90 14.21
C VAL D 474 -37.56 8.41 14.20
N ILE D 475 -37.35 9.07 13.06
CA ILE D 475 -37.45 10.54 13.00
C ILE D 475 -38.90 11.05 12.91
N ALA D 476 -39.81 10.21 12.43
CA ALA D 476 -41.21 10.61 12.23
C ALA D 476 -42.14 9.43 12.49
N PRO D 477 -42.13 8.93 13.74
CA PRO D 477 -42.97 7.77 14.11
C PRO D 477 -44.47 8.01 13.93
N LEU D 478 -44.91 9.26 14.00
CA LEU D 478 -46.32 9.59 13.79
C LEU D 478 -46.73 9.59 12.31
N ILE D 479 -45.78 9.81 11.40
CA ILE D 479 -46.10 9.95 9.99
C ILE D 479 -46.08 8.62 9.25
N THR D 480 -45.08 7.79 9.52
CA THR D 480 -44.86 6.55 8.75
C THR D 480 -46.03 5.56 8.79
N PRO D 481 -46.80 5.51 9.90
CA PRO D 481 -47.97 4.61 9.96
C PRO D 481 -49.05 4.88 8.91
N GLN D 482 -49.23 6.14 8.52
CA GLN D 482 -50.27 6.49 7.53
C GLN D 482 -50.08 5.78 6.18
N LYS D 483 -48.83 5.61 5.77
CA LYS D 483 -48.54 5.02 4.48
C LYS D 483 -48.52 3.50 4.62
N LYS D 484 -49.46 2.83 3.96
CA LYS D 484 -49.62 1.38 4.11
C LYS D 484 -48.45 0.61 3.54
N GLU D 485 -47.98 1.07 2.39
CA GLU D 485 -46.85 0.48 1.67
C GLU D 485 -45.62 0.34 2.58
N TRP D 486 -45.35 1.40 3.34
CA TRP D 486 -44.23 1.42 4.25
C TRP D 486 -44.40 0.47 5.47
N ASN D 487 -45.64 0.28 5.92
CA ASN D 487 -46.04 -0.55 7.09
C ASN D 487 -46.79 0.29 8.10
#